data_7KCZ
#
_entry.id   7KCZ
#
_cell.length_a   215.690
_cell.length_b   70.110
_cell.length_c   135.410
_cell.angle_alpha   90.00
_cell.angle_beta   119.77
_cell.angle_gamma   90.00
#
_symmetry.space_group_name_H-M   'C 1 2 1'
#
loop_
_entity.id
_entity.type
_entity.pdbx_description
1 polymer 'IgG1 Fc'
2 polymer 'Low affinity immunoglobulin gamma Fc region receptor III'
3 branched 2-acetamido-2-deoxy-beta-D-glucopyranose-(1-2)-alpha-D-mannopyranose-(1-3)-[2-acetamido-2-deoxy-beta-D-glucopyranose-(1-2)-alpha-D-mannopyranose-(1-6)]beta-D-mannopyranose-(1-4)-2-acetamido-2-deoxy-beta-D-glucopyranose-(1-4)-[alpha-L-fucopyranose-(1-6)]2-acetamido-2-deoxy-beta-D-glucopyranose
4 branched alpha-D-mannopyranose-(1-3)-beta-D-mannopyranose-(1-4)-2-acetamido-2-deoxy-beta-D-glucopyranose-(1-4)-2-acetamido-2-deoxy-beta-D-glucopyranose
5 branched beta-D-mannopyranose-(1-4)-2-acetamido-2-deoxy-beta-D-glucopyranose-(1-4)-[alpha-L-fucopyranose-(1-6)]2-acetamido-2-deoxy-beta-D-glucopyranose
6 non-polymer 2-acetamido-2-deoxy-beta-D-glucopyranose
7 water water
#
loop_
_entity_poly.entity_id
_entity_poly.type
_entity_poly.pdbx_seq_one_letter_code
_entity_poly.pdbx_strand_id
1 'polypeptide(L)'
;PTCPPCPAPELLGGPSVFLFPPKPKDTLMISRTPEVTCVVVDVSQEDPDVKFNWYVNGAEVHHAQTKPRETQYNSTYRVV
SVLTVTHQDWLNGKEYTCKVSNKALPAPIQKTISKDKGQPREPQVYTLPPSREELTKNQVSLTCLVKGFYPSDIVVEWES
SGQPENTYKTTPPVLDSDGSYFLYSKLTVDKSRWQQGNVFSCSVMHEALHNHYTQKSLSVSPGK
;
A,B,D,E
2 'polypeptide(L)'
;MRAEDLPKAVVFLEPQWYRVLEKDSVTLKCQGAYSPEDQSTRWFHNESLISSQTSSYFIAAARVNNSGEYRCQTSLSTLS
DPVQLEVHIGWLLLQAPRWVFKEEESIHLRCHSWKNTLLHKVTYLQNGKGRKYFHQNSDFYIPKATLKDSGSYFCRGLVG
SKNVSSETVQITITQDLAVSSISSFFPPGYQV
;
C,F
#
loop_
_chem_comp.id
_chem_comp.type
_chem_comp.name
_chem_comp.formula
BMA D-saccharide, beta linking beta-D-mannopyranose 'C6 H12 O6'
FUC L-saccharide, alpha linking alpha-L-fucopyranose 'C6 H12 O5'
MAN D-saccharide, alpha linking alpha-D-mannopyranose 'C6 H12 O6'
NAG D-saccharide, beta linking 2-acetamido-2-deoxy-beta-D-glucopyranose 'C8 H15 N O6'
#
# COMPACT_ATOMS: atom_id res chain seq x y z
N LEU A 12 5.24 -30.17 4.36
CA LEU A 12 5.41 -29.10 3.39
C LEU A 12 4.98 -27.76 4.02
N GLY A 13 4.69 -26.75 3.19
CA GLY A 13 4.36 -25.44 3.70
C GLY A 13 3.31 -24.73 2.88
N GLY A 14 2.86 -23.60 3.42
CA GLY A 14 1.81 -22.80 2.84
C GLY A 14 1.51 -21.58 3.68
N PRO A 15 0.27 -21.07 3.60
CA PRO A 15 -0.14 -19.98 4.49
C PRO A 15 -0.36 -20.49 5.91
N SER A 16 -0.17 -19.59 6.87
CA SER A 16 -0.25 -19.94 8.29
C SER A 16 -1.16 -18.99 9.05
N VAL A 17 -1.88 -19.54 10.02
CA VAL A 17 -2.94 -18.81 10.73
C VAL A 17 -2.52 -18.61 12.17
N PHE A 18 -2.82 -17.44 12.71
CA PHE A 18 -2.55 -17.14 14.11
C PHE A 18 -3.80 -16.53 14.74
N LEU A 19 -4.34 -17.23 15.74
CA LEU A 19 -5.56 -16.85 16.44
C LEU A 19 -5.19 -16.15 17.75
N PHE A 20 -5.65 -14.91 17.92
CA PHE A 20 -5.27 -14.13 19.10
C PHE A 20 -6.48 -13.72 19.94
N PRO A 21 -6.41 -13.84 21.26
CA PRO A 21 -7.56 -13.50 22.10
C PRO A 21 -7.66 -12.00 22.31
N PRO A 22 -8.80 -11.51 22.84
CA PRO A 22 -8.90 -10.08 23.13
C PRO A 22 -7.90 -9.65 24.18
N LYS A 23 -7.48 -8.40 24.10
CA LYS A 23 -6.62 -7.91 25.16
C LYS A 23 -7.47 -7.58 26.38
N PRO A 24 -7.09 -8.06 27.59
CA PRO A 24 -7.98 -8.02 28.76
C PRO A 24 -8.70 -6.71 29.04
N LYS A 25 -7.99 -5.57 28.98
CA LYS A 25 -8.65 -4.29 29.21
C LYS A 25 -9.87 -4.09 28.31
N ASP A 26 -9.93 -4.78 27.17
CA ASP A 26 -11.10 -4.74 26.30
C ASP A 26 -12.24 -5.57 26.88
N THR A 27 -11.98 -6.86 27.13
CA THR A 27 -13.04 -7.74 27.62
C THR A 27 -13.54 -7.33 29.00
N LEU A 28 -12.62 -7.14 29.95
CA LEU A 28 -12.98 -6.48 31.18
C LEU A 28 -13.32 -5.03 30.88
N MET A 29 -14.05 -4.41 31.82
CA MET A 29 -14.56 -3.05 31.66
C MET A 29 -15.46 -2.91 30.44
N ILE A 30 -16.77 -2.86 30.69
CA ILE A 30 -17.75 -2.73 29.61
C ILE A 30 -17.72 -1.28 29.13
N SER A 31 -17.03 -1.08 28.01
CA SER A 31 -16.85 0.23 27.38
C SER A 31 -15.99 0.05 26.12
N ARG A 32 -15.17 -0.99 26.10
CA ARG A 32 -14.33 -1.31 24.94
C ARG A 32 -14.83 -2.65 24.42
N THR A 33 -15.41 -2.65 23.23
CA THR A 33 -15.77 -3.89 22.57
C THR A 33 -14.56 -4.84 22.55
N PRO A 34 -14.75 -6.14 22.82
CA PRO A 34 -13.66 -7.12 22.80
C PRO A 34 -13.65 -7.87 21.46
N GLU A 35 -12.50 -7.90 20.77
CA GLU A 35 -12.44 -8.59 19.49
C GLU A 35 -11.40 -9.70 19.55
N VAL A 36 -11.61 -10.74 18.75
CA VAL A 36 -10.63 -11.82 18.59
C VAL A 36 -10.12 -11.82 17.15
N THR A 37 -8.84 -11.52 16.97
CA THR A 37 -8.30 -11.29 15.64
C THR A 37 -7.72 -12.58 15.06
N CYS A 38 -8.07 -12.88 13.82
CA CYS A 38 -7.51 -14.05 13.13
C CYS A 38 -6.59 -13.56 12.00
N VAL A 39 -5.35 -14.01 12.00
CA VAL A 39 -4.34 -13.46 11.10
C VAL A 39 -3.80 -14.58 10.18
N VAL A 40 -4.12 -14.49 8.88
CA VAL A 40 -3.50 -15.34 7.87
C VAL A 40 -2.27 -14.63 7.34
N VAL A 41 -1.17 -15.38 7.22
CA VAL A 41 0.16 -14.88 6.93
C VAL A 41 0.80 -15.84 5.93
N ASP A 42 1.83 -15.34 5.25
CA ASP A 42 2.43 -16.07 4.13
C ASP A 42 1.41 -16.41 3.05
N VAL A 43 0.49 -15.49 2.79
CA VAL A 43 -0.53 -15.72 1.76
C VAL A 43 -0.01 -15.13 0.45
N SER A 44 0.13 -15.99 -0.57
CA SER A 44 0.82 -15.61 -1.80
C SER A 44 0.05 -14.49 -2.50
N GLN A 45 0.71 -13.90 -3.50
CA GLN A 45 0.04 -12.90 -4.32
C GLN A 45 -0.73 -13.54 -5.47
N GLU A 46 -0.09 -14.47 -6.17
CA GLU A 46 -0.83 -15.42 -6.99
C GLU A 46 -1.32 -16.53 -6.08
N ASP A 47 -2.55 -16.96 -6.29
CA ASP A 47 -3.24 -17.92 -5.45
C ASP A 47 -3.58 -17.29 -4.10
N PRO A 48 -4.37 -16.20 -4.07
CA PRO A 48 -4.78 -15.65 -2.77
C PRO A 48 -6.20 -16.08 -2.43
N ASP A 49 -7.05 -15.13 -2.11
CA ASP A 49 -8.46 -15.39 -1.84
C ASP A 49 -8.63 -16.36 -0.67
N VAL A 50 -8.63 -15.82 0.54
CA VAL A 50 -8.75 -16.61 1.77
C VAL A 50 -10.18 -16.48 2.29
N LYS A 51 -10.76 -17.60 2.71
CA LYS A 51 -12.17 -17.68 3.13
C LYS A 51 -12.21 -18.05 4.61
N PHE A 52 -12.70 -17.13 5.44
CA PHE A 52 -12.78 -17.34 6.90
C PHE A 52 -14.12 -17.96 7.25
N ASN A 53 -14.11 -19.10 7.93
CA ASN A 53 -15.33 -19.74 8.41
C ASN A 53 -15.38 -19.69 9.94
N TRP A 54 -15.88 -18.58 10.47
CA TRP A 54 -15.88 -18.32 11.91
C TRP A 54 -16.90 -19.21 12.62
N TYR A 55 -16.56 -19.64 13.84
CA TYR A 55 -17.41 -20.53 14.65
C TYR A 55 -17.41 -20.00 16.08
N VAL A 56 -18.57 -19.89 16.72
CA VAL A 56 -18.66 -19.47 18.12
C VAL A 56 -19.60 -20.41 18.83
N ASN A 57 -19.04 -21.44 19.49
CA ASN A 57 -19.83 -22.46 20.19
C ASN A 57 -20.91 -23.05 19.27
N GLY A 58 -20.49 -23.42 18.06
CA GLY A 58 -21.41 -23.99 17.10
C GLY A 58 -22.41 -22.98 16.55
N ALA A 59 -21.91 -22.06 15.74
CA ALA A 59 -22.69 -21.03 15.09
C ALA A 59 -21.74 -20.32 14.14
N GLU A 60 -21.98 -20.43 12.84
CA GLU A 60 -21.07 -19.85 11.88
C GLU A 60 -20.89 -18.34 12.06
N VAL A 61 -21.82 -17.68 12.78
CA VAL A 61 -21.76 -16.24 13.09
C VAL A 61 -21.18 -15.35 11.99
N HIS A 62 -22.08 -14.78 11.19
CA HIS A 62 -21.65 -14.06 10.00
C HIS A 62 -21.47 -12.57 10.24
N HIS A 63 -20.99 -12.19 11.43
CA HIS A 63 -20.55 -10.82 11.67
C HIS A 63 -19.03 -10.69 11.55
N ALA A 64 -18.38 -11.75 11.07
CA ALA A 64 -16.96 -11.77 10.75
C ALA A 64 -16.53 -10.67 9.78
N GLN A 65 -15.98 -9.59 10.30
CA GLN A 65 -15.54 -8.44 9.51
C GLN A 65 -14.08 -8.65 9.14
N THR A 66 -13.78 -8.92 7.87
CA THR A 66 -12.39 -9.09 7.48
C THR A 66 -11.83 -7.78 6.92
N LYS A 67 -10.55 -7.84 6.48
CA LYS A 67 -9.80 -6.64 6.07
C LYS A 67 -9.08 -6.86 4.72
N PRO A 68 -8.31 -5.85 4.17
CA PRO A 68 -7.67 -6.09 2.86
C PRO A 68 -6.49 -7.03 2.93
N ARG A 69 -5.75 -7.05 1.82
CA ARG A 69 -4.54 -7.84 1.67
C ARG A 69 -3.35 -6.94 2.06
N GLU A 70 -2.76 -7.17 3.22
CA GLU A 70 -1.73 -6.23 3.65
C GLU A 70 -0.45 -6.42 2.85
N THR A 71 0.27 -5.32 2.66
CA THR A 71 1.48 -5.30 1.83
C THR A 71 2.71 -5.49 2.72
N GLN A 72 3.51 -6.51 2.43
CA GLN A 72 4.61 -6.92 3.30
C GLN A 72 5.91 -6.96 2.52
N TYR A 73 6.98 -6.41 3.14
CA TYR A 73 8.31 -6.33 2.52
C TYR A 73 8.61 -7.56 1.69
N ASN A 74 8.55 -8.73 2.32
CA ASN A 74 8.76 -10.00 1.65
C ASN A 74 7.66 -10.32 0.63
N SER A 75 7.10 -9.29 -0.02
CA SER A 75 6.13 -9.41 -1.11
C SER A 75 4.87 -10.15 -0.71
N THR A 76 5.03 -11.18 0.11
CA THR A 76 3.93 -11.97 0.65
C THR A 76 2.83 -11.06 1.18
N TYR A 77 1.62 -11.58 1.24
CA TYR A 77 0.45 -10.81 1.64
C TYR A 77 0.08 -11.21 3.07
N ARG A 78 -0.72 -10.39 3.74
CA ARG A 78 -1.08 -10.67 5.14
C ARG A 78 -2.49 -10.16 5.45
N VAL A 79 -3.44 -11.07 5.70
CA VAL A 79 -4.83 -10.66 5.91
C VAL A 79 -5.23 -10.82 7.37
N VAL A 80 -5.96 -9.82 7.88
CA VAL A 80 -6.39 -9.81 9.27
C VAL A 80 -7.91 -9.69 9.28
N SER A 81 -8.57 -10.49 10.12
CA SER A 81 -10.01 -10.28 10.28
C SER A 81 -10.40 -10.33 11.74
N VAL A 82 -11.05 -9.25 12.17
CA VAL A 82 -11.47 -9.07 13.59
C VAL A 82 -12.95 -9.42 13.72
N LEU A 83 -13.27 -10.31 14.66
CA LEU A 83 -14.65 -10.66 14.99
C LEU A 83 -15.05 -9.97 16.31
N THR A 84 -16.01 -9.05 16.25
CA THR A 84 -16.43 -8.37 17.47
C THR A 84 -17.11 -9.36 18.41
N VAL A 85 -16.63 -9.40 19.65
CA VAL A 85 -17.08 -10.42 20.59
C VAL A 85 -17.94 -9.76 21.67
N THR A 86 -18.53 -10.56 22.56
CA THR A 86 -19.25 -10.05 23.71
C THR A 86 -18.41 -10.18 24.97
N HIS A 87 -18.61 -9.22 25.88
CA HIS A 87 -17.87 -9.23 27.15
C HIS A 87 -18.22 -10.44 27.99
N GLN A 88 -19.46 -10.90 27.92
CA GLN A 88 -19.87 -12.06 28.70
C GLN A 88 -19.51 -13.38 28.04
N ASP A 89 -19.70 -13.47 26.73
CA ASP A 89 -19.51 -14.74 26.02
C ASP A 89 -18.06 -15.20 26.09
N TRP A 90 -17.13 -14.26 26.18
CA TRP A 90 -15.73 -14.64 26.35
C TRP A 90 -15.51 -15.21 27.73
N LEU A 91 -16.05 -14.55 28.76
CA LEU A 91 -15.76 -14.91 30.14
C LEU A 91 -16.51 -16.16 30.56
N ASN A 92 -17.71 -16.38 30.04
CA ASN A 92 -18.44 -17.61 30.37
C ASN A 92 -17.63 -18.84 29.98
N GLY A 93 -16.99 -18.81 28.82
CA GLY A 93 -16.13 -19.90 28.42
C GLY A 93 -16.44 -20.45 27.04
N LYS A 94 -17.22 -19.70 26.27
CA LYS A 94 -17.48 -20.09 24.89
C LYS A 94 -16.18 -20.25 24.12
N GLU A 95 -16.13 -21.26 23.25
CA GLU A 95 -14.91 -21.58 22.52
C GLU A 95 -15.03 -20.95 21.14
N TYR A 96 -14.10 -20.07 20.81
CA TYR A 96 -14.10 -19.42 19.51
C TYR A 96 -13.12 -20.14 18.60
N THR A 97 -13.29 -19.96 17.28
CA THR A 97 -12.59 -20.87 16.36
C THR A 97 -12.45 -20.28 14.96
N CYS A 98 -11.23 -20.25 14.43
CA CYS A 98 -10.97 -19.81 13.06
C CYS A 98 -10.69 -20.99 12.15
N LYS A 99 -11.27 -20.96 10.94
CA LYS A 99 -11.02 -21.96 9.90
C LYS A 99 -10.80 -21.26 8.58
N VAL A 100 -9.59 -21.41 7.99
CA VAL A 100 -9.24 -20.71 6.77
C VAL A 100 -8.89 -21.74 5.70
N SER A 101 -9.22 -21.39 4.45
CA SER A 101 -8.78 -22.16 3.29
C SER A 101 -8.34 -21.24 2.17
N ASN A 102 -7.34 -21.72 1.42
CA ASN A 102 -6.77 -21.03 0.29
C ASN A 102 -6.19 -22.05 -0.68
N LYS A 103 -6.36 -21.82 -1.99
CA LYS A 103 -5.99 -22.82 -2.99
C LYS A 103 -4.58 -23.34 -2.68
N ALA A 104 -3.76 -22.59 -1.95
CA ALA A 104 -2.45 -23.09 -1.55
C ALA A 104 -2.55 -24.17 -0.46
N LEU A 105 -3.64 -24.19 0.30
CA LEU A 105 -3.79 -25.14 1.40
C LEU A 105 -4.58 -26.35 0.92
N PRO A 106 -4.03 -27.56 1.00
CA PRO A 106 -4.76 -28.74 0.52
C PRO A 106 -5.79 -29.29 1.48
N ALA A 107 -6.06 -28.57 2.58
CA ALA A 107 -6.93 -28.95 3.66
C ALA A 107 -7.00 -27.76 4.60
N PRO A 108 -8.20 -27.22 4.86
CA PRO A 108 -8.29 -25.97 5.61
C PRO A 108 -7.59 -26.06 6.96
N ILE A 109 -6.97 -24.96 7.35
CA ILE A 109 -6.25 -24.88 8.60
C ILE A 109 -7.19 -24.25 9.62
N GLN A 110 -7.43 -24.96 10.72
CA GLN A 110 -8.34 -24.47 11.77
C GLN A 110 -7.63 -24.53 13.10
N LYS A 111 -7.86 -23.49 13.89
CA LYS A 111 -7.29 -23.40 15.23
C LYS A 111 -8.32 -22.73 16.12
N THR A 112 -8.39 -23.16 17.38
CA THR A 112 -9.45 -22.78 18.31
C THR A 112 -8.88 -22.29 19.64
N ILE A 113 -9.52 -21.27 20.21
CA ILE A 113 -9.11 -20.70 21.51
C ILE A 113 -10.35 -20.27 22.29
N SER A 114 -10.17 -19.98 23.58
CA SER A 114 -11.32 -19.87 24.49
C SER A 114 -11.07 -19.40 25.92
N LYS A 115 -9.97 -18.68 26.17
CA LYS A 115 -9.65 -18.10 27.47
C LYS A 115 -9.18 -19.20 28.40
N ASP A 116 -8.31 -18.85 29.34
CA ASP A 116 -7.69 -19.85 30.20
C ASP A 116 -8.76 -20.57 31.00
N LYS A 117 -9.12 -21.75 30.50
CA LYS A 117 -10.15 -22.60 31.11
C LYS A 117 -9.52 -23.30 32.30
N GLY A 118 -9.75 -22.76 33.48
CA GLY A 118 -9.25 -23.36 34.70
C GLY A 118 -9.89 -22.66 35.87
N GLN A 119 -9.79 -23.28 37.03
CA GLN A 119 -10.47 -22.75 38.21
C GLN A 119 -9.88 -21.41 38.61
N PRO A 120 -10.66 -20.32 38.63
CA PRO A 120 -10.10 -19.01 38.96
C PRO A 120 -9.53 -18.88 40.38
N ARG A 121 -9.48 -17.62 40.81
CA ARG A 121 -9.02 -17.21 42.14
C ARG A 121 -9.08 -15.70 42.14
N GLU A 122 -9.07 -15.11 43.33
CA GLU A 122 -9.06 -13.66 43.47
C GLU A 122 -7.63 -13.14 43.71
N PRO A 123 -7.25 -12.00 43.10
CA PRO A 123 -5.98 -11.37 43.46
C PRO A 123 -6.08 -10.39 44.61
N GLN A 124 -5.53 -10.70 45.76
CA GLN A 124 -5.55 -9.66 46.78
C GLN A 124 -4.44 -8.67 46.46
N VAL A 125 -4.74 -7.39 46.67
CA VAL A 125 -3.90 -6.31 46.15
C VAL A 125 -3.32 -5.57 47.35
N TYR A 126 -2.11 -5.98 47.74
CA TYR A 126 -1.43 -5.29 48.81
C TYR A 126 -0.46 -4.29 48.19
N THR A 127 -0.18 -3.25 48.95
CA THR A 127 0.55 -2.08 48.45
C THR A 127 1.68 -1.69 49.40
N LEU A 128 2.91 -1.97 48.98
CA LEU A 128 4.08 -1.66 49.79
C LEU A 128 4.57 -0.23 49.55
N PRO A 129 5.36 0.33 50.47
CA PRO A 129 5.80 1.72 50.32
C PRO A 129 7.30 1.82 50.07
N PRO A 130 7.83 3.01 49.84
CA PRO A 130 9.29 3.11 49.61
C PRO A 130 10.08 2.72 50.85
N SER A 131 11.24 2.12 50.61
CA SER A 131 12.17 1.90 51.71
C SER A 131 12.73 3.23 52.18
N ARG A 132 13.06 3.32 53.47
CA ARG A 132 13.48 4.61 54.01
C ARG A 132 14.81 5.06 53.43
N GLU A 133 15.68 4.14 53.04
CA GLU A 133 16.92 4.56 52.40
C GLU A 133 16.64 5.06 50.99
N GLU A 134 15.62 4.55 50.33
CA GLU A 134 15.47 4.99 48.96
C GLU A 134 15.17 6.47 48.92
N LEU A 135 14.47 6.96 49.93
CA LEU A 135 14.19 8.38 50.09
C LEU A 135 15.49 9.21 50.08
N THR A 136 16.65 8.53 50.14
CA THR A 136 17.96 9.13 49.90
C THR A 136 18.22 9.44 48.43
N LYS A 137 17.61 8.69 47.53
CA LYS A 137 17.87 8.84 46.10
C LYS A 137 17.12 10.04 45.56
N ASN A 138 17.20 10.24 44.25
CA ASN A 138 16.56 11.36 43.61
C ASN A 138 15.12 11.05 43.23
N GLN A 139 14.74 9.78 43.18
CA GLN A 139 13.34 9.43 42.98
C GLN A 139 12.98 8.13 43.68
N VAL A 140 11.80 8.08 44.27
CA VAL A 140 11.41 6.92 45.04
C VAL A 140 10.56 5.98 44.19
N SER A 141 10.49 4.71 44.64
CA SER A 141 9.87 3.60 43.92
C SER A 141 8.73 3.06 44.77
N LEU A 142 7.51 3.22 44.28
CA LEU A 142 6.31 2.71 44.94
C LEU A 142 5.94 1.35 44.38
N THR A 143 5.65 0.41 45.28
CA THR A 143 5.39 -0.97 44.90
C THR A 143 3.92 -1.32 45.09
N CYS A 144 3.35 -2.03 44.10
CA CYS A 144 1.99 -2.56 44.18
C CYS A 144 2.09 -4.08 44.08
N LEU A 145 1.80 -4.77 45.18
CA LEU A 145 1.90 -6.24 45.21
C LEU A 145 0.57 -6.88 44.86
N VAL A 146 0.61 -7.92 44.04
CA VAL A 146 -0.66 -8.55 43.68
C VAL A 146 -0.45 -10.05 43.83
N LYS A 147 -0.96 -10.62 44.92
CA LYS A 147 -0.70 -11.98 45.33
C LYS A 147 -1.69 -12.97 44.72
N GLY A 148 -1.27 -14.23 44.70
CA GLY A 148 -2.06 -15.35 44.22
C GLY A 148 -3.40 -15.17 43.53
N PHE A 149 -3.42 -15.23 42.19
CA PHE A 149 -4.67 -15.08 41.45
C PHE A 149 -4.71 -16.06 40.28
N TYR A 150 -5.73 -15.90 39.45
CA TYR A 150 -5.98 -16.78 38.31
C TYR A 150 -7.06 -16.22 37.40
N PRO A 151 -6.88 -16.27 36.06
CA PRO A 151 -5.64 -16.72 35.43
C PRO A 151 -4.70 -15.56 35.11
N SER A 152 -3.69 -15.83 34.29
CA SER A 152 -2.61 -14.88 34.03
C SER A 152 -3.10 -13.49 33.67
N ASP A 153 -4.06 -13.41 32.76
CA ASP A 153 -4.64 -12.13 32.34
C ASP A 153 -4.95 -11.26 33.54
N ILE A 154 -4.68 -9.96 33.40
CA ILE A 154 -4.78 -9.03 34.52
C ILE A 154 -4.45 -7.64 33.98
N VAL A 155 -4.90 -6.59 34.65
CA VAL A 155 -4.55 -5.25 34.17
C VAL A 155 -4.15 -4.40 35.38
N VAL A 156 -2.84 -4.31 35.63
CA VAL A 156 -2.29 -3.46 36.69
C VAL A 156 -1.94 -2.10 36.11
N GLU A 157 -2.38 -1.03 36.78
CA GLU A 157 -2.17 0.32 36.28
C GLU A 157 -2.09 1.29 37.45
N TRP A 158 -1.33 2.34 37.26
CA TRP A 158 -1.18 3.35 38.30
C TRP A 158 -1.92 4.62 37.92
N GLU A 159 -2.36 5.36 38.94
CA GLU A 159 -3.03 6.63 38.75
C GLU A 159 -2.64 7.57 39.88
N SER A 160 -2.79 8.86 39.62
CA SER A 160 -2.40 9.92 40.55
C SER A 160 -3.50 10.96 40.66
N SER A 161 -3.91 11.24 41.91
CA SER A 161 -4.91 12.26 42.18
C SER A 161 -6.13 12.07 41.28
N GLY A 162 -6.03 12.52 40.03
CA GLY A 162 -7.12 12.41 39.10
C GLY A 162 -6.89 11.36 38.03
N GLN A 163 -5.82 11.50 37.26
CA GLN A 163 -5.66 10.68 36.05
C GLN A 163 -4.30 9.97 35.94
N PRO A 164 -4.03 9.21 34.87
CA PRO A 164 -2.92 8.25 34.92
C PRO A 164 -1.52 8.77 35.21
N GLU A 165 -0.70 7.80 35.59
CA GLU A 165 0.74 7.86 35.81
C GLU A 165 1.34 6.81 34.90
N ASN A 166 2.24 7.20 34.01
CA ASN A 166 2.77 6.19 33.11
C ASN A 166 4.29 5.99 33.25
N THR A 167 4.84 6.38 34.40
CA THR A 167 6.24 6.17 34.76
C THR A 167 6.50 4.85 35.49
N TYR A 168 5.85 3.75 35.09
CA TYR A 168 5.91 2.51 35.85
C TYR A 168 6.20 1.33 34.94
N LYS A 169 6.87 0.34 35.50
CA LYS A 169 7.15 -0.90 34.80
C LYS A 169 6.67 -2.05 35.68
N THR A 170 5.97 -3.01 35.06
CA THR A 170 5.32 -4.07 35.82
C THR A 170 5.93 -5.43 35.52
N THR A 171 6.33 -6.12 36.58
CA THR A 171 6.84 -7.48 36.47
C THR A 171 5.87 -8.39 35.71
N PRO A 172 6.37 -9.26 34.84
CA PRO A 172 5.51 -10.28 34.24
C PRO A 172 5.01 -11.28 35.27
N PRO A 173 3.70 -11.63 35.22
CA PRO A 173 3.15 -12.70 36.08
C PRO A 173 4.09 -13.86 36.43
N VAL A 174 4.23 -14.11 37.73
CA VAL A 174 5.02 -15.25 38.20
C VAL A 174 4.05 -16.32 38.73
N LEU A 175 4.52 -17.56 38.74
CA LEU A 175 3.76 -18.70 39.26
C LEU A 175 4.19 -19.00 40.70
N ASP A 176 3.23 -18.98 41.63
CA ASP A 176 3.56 -19.15 43.04
C ASP A 176 3.60 -20.63 43.43
N SER A 177 3.77 -20.89 44.73
CA SER A 177 3.96 -22.25 45.21
C SER A 177 2.67 -23.06 45.16
N ASP A 178 1.53 -22.39 45.29
CA ASP A 178 0.24 -23.08 45.28
C ASP A 178 -0.31 -23.27 43.87
N GLY A 179 0.19 -22.54 42.87
CA GLY A 179 -0.40 -22.52 41.55
C GLY A 179 -1.07 -21.20 41.18
N SER A 180 -1.01 -20.19 42.04
CA SER A 180 -1.57 -18.87 41.77
C SER A 180 -0.48 -17.97 41.22
N TYR A 181 -0.90 -16.86 40.61
CA TYR A 181 -0.02 -15.95 39.90
C TYR A 181 0.13 -14.67 40.70
N PHE A 182 1.34 -14.35 41.14
CA PHE A 182 1.56 -13.03 41.70
C PHE A 182 2.35 -12.17 40.72
N LEU A 183 2.27 -10.88 40.96
CA LEU A 183 3.00 -9.91 40.15
C LEU A 183 3.19 -8.64 40.97
N TYR A 184 4.34 -8.01 40.79
CA TYR A 184 4.68 -6.77 41.48
C TYR A 184 4.77 -5.68 40.42
N SER A 185 3.89 -4.71 40.48
CA SER A 185 4.20 -3.53 39.70
C SER A 185 5.02 -2.55 40.53
N LYS A 186 5.74 -1.68 39.84
CA LYS A 186 6.61 -0.69 40.46
C LYS A 186 6.50 0.60 39.67
N LEU A 187 6.55 1.72 40.37
CA LEU A 187 6.48 3.01 39.70
C LEU A 187 7.39 4.02 40.38
N THR A 188 8.11 4.78 39.57
CA THR A 188 9.09 5.77 40.01
C THR A 188 8.43 7.15 40.14
N VAL A 189 8.85 7.92 41.13
CA VAL A 189 8.29 9.26 41.38
C VAL A 189 9.35 10.17 41.97
N ASP A 190 9.22 11.46 41.69
CA ASP A 190 10.04 12.48 42.34
C ASP A 190 9.88 12.42 43.85
N LYS A 191 11.01 12.33 44.56
CA LYS A 191 10.97 12.42 46.02
C LYS A 191 10.25 13.69 46.45
N SER A 192 10.43 14.77 45.69
CA SER A 192 9.63 15.98 45.89
C SER A 192 8.15 15.67 45.79
N ARG A 193 7.74 14.88 44.79
CA ARG A 193 6.34 14.60 44.57
C ARG A 193 5.77 13.62 45.59
N TRP A 194 6.58 12.67 46.07
CA TRP A 194 6.08 11.72 47.05
C TRP A 194 5.99 12.34 48.44
N GLN A 195 6.95 13.18 48.80
CA GLN A 195 6.94 13.78 50.13
C GLN A 195 5.92 14.87 50.30
N GLN A 196 5.44 15.48 49.20
CA GLN A 196 4.39 16.48 49.33
C GLN A 196 3.06 15.85 49.71
N GLY A 197 2.88 14.56 49.46
CA GLY A 197 1.72 13.85 49.95
C GLY A 197 0.67 13.49 48.92
N ASN A 198 0.94 13.73 47.63
CA ASN A 198 0.05 13.22 46.60
C ASN A 198 -0.22 11.74 46.83
N VAL A 199 -1.48 11.35 46.66
CA VAL A 199 -1.89 9.96 46.88
C VAL A 199 -1.85 9.27 45.53
N PHE A 200 -1.25 8.08 45.49
CA PHE A 200 -1.08 7.35 44.24
C PHE A 200 -1.79 6.02 44.37
N SER A 201 -2.71 5.76 43.44
CA SER A 201 -3.61 4.61 43.55
C SER A 201 -3.22 3.53 42.55
N CYS A 202 -3.24 2.28 43.00
CA CYS A 202 -2.95 1.15 42.13
C CYS A 202 -4.25 0.43 41.82
N SER A 203 -4.57 0.32 40.54
CA SER A 203 -5.84 -0.22 40.08
C SER A 203 -5.57 -1.46 39.24
N VAL A 204 -6.12 -2.59 39.66
CA VAL A 204 -5.98 -3.81 38.88
C VAL A 204 -7.35 -4.28 38.44
N MET A 205 -7.35 -4.99 37.32
CA MET A 205 -8.56 -5.47 36.66
C MET A 205 -8.38 -6.96 36.36
N HIS A 206 -9.12 -7.81 37.08
CA HIS A 206 -9.06 -9.25 36.89
C HIS A 206 -10.46 -9.84 36.81
N GLU A 207 -10.58 -11.01 36.19
CA GLU A 207 -11.89 -11.68 36.06
C GLU A 207 -12.17 -12.56 37.28
N ALA A 208 -12.20 -11.90 38.42
CA ALA A 208 -12.38 -12.63 39.65
C ALA A 208 -12.47 -11.58 40.73
N LEU A 209 -12.89 -10.38 40.32
CA LEU A 209 -13.06 -9.22 41.22
C LEU A 209 -14.40 -8.58 40.87
N HIS A 210 -15.34 -8.51 41.83
CA HIS A 210 -16.64 -8.00 41.45
C HIS A 210 -16.46 -6.61 40.88
N ASN A 211 -17.07 -6.41 39.71
CA ASN A 211 -17.02 -5.23 38.86
C ASN A 211 -15.68 -5.17 38.14
N HIS A 212 -14.89 -6.24 38.20
CA HIS A 212 -13.60 -6.37 37.52
C HIS A 212 -12.72 -5.14 37.76
N TYR A 213 -12.56 -4.76 39.03
CA TYR A 213 -11.79 -3.54 39.26
C TYR A 213 -11.54 -3.23 40.74
N THR A 214 -10.40 -3.65 41.28
CA THR A 214 -10.05 -3.23 42.63
C THR A 214 -8.98 -2.15 42.51
N GLN A 215 -8.86 -1.35 43.55
CA GLN A 215 -7.90 -0.26 43.47
C GLN A 215 -7.59 0.20 44.88
N LYS A 216 -6.35 0.02 45.27
CA LYS A 216 -5.88 0.52 46.56
C LYS A 216 -5.18 1.85 46.34
N SER A 217 -4.66 2.43 47.42
CA SER A 217 -4.00 3.73 47.38
C SER A 217 -2.82 3.78 48.34
N LEU A 218 -1.86 4.65 47.99
CA LEU A 218 -0.61 4.78 48.80
C LEU A 218 -0.24 6.26 48.98
N SER A 219 0.33 6.55 50.15
CA SER A 219 0.82 7.84 50.59
C SER A 219 1.67 7.61 51.82
N VAL A 220 1.66 8.55 52.75
CA VAL A 220 2.39 8.37 54.00
C VAL A 220 1.88 9.32 55.09
N PRO B 9 7.83 -40.47 13.21
CA PRO B 9 9.27 -40.68 13.37
C PRO B 9 10.11 -39.71 12.52
N GLU B 10 11.28 -39.31 13.04
CA GLU B 10 12.16 -38.28 12.48
C GLU B 10 11.48 -37.21 11.63
N LEU B 11 11.64 -37.34 10.30
CA LEU B 11 11.20 -36.50 9.18
C LEU B 11 12.42 -35.78 8.62
N LEU B 12 13.40 -35.51 9.49
CA LEU B 12 14.75 -34.94 9.16
C LEU B 12 14.72 -33.57 8.46
N GLY B 13 15.91 -33.04 8.15
CA GLY B 13 16.09 -31.76 7.48
C GLY B 13 17.34 -30.95 7.83
N GLY B 14 18.20 -31.46 8.70
CA GLY B 14 19.46 -30.80 9.01
C GLY B 14 19.60 -30.39 10.47
N PRO B 15 20.37 -31.17 11.25
CA PRO B 15 20.55 -30.91 12.69
C PRO B 15 20.72 -29.46 13.19
N SER B 16 20.58 -29.28 14.51
CA SER B 16 20.63 -27.94 15.11
C SER B 16 21.44 -27.93 16.40
N VAL B 17 21.87 -26.74 16.78
CA VAL B 17 22.82 -26.58 17.88
C VAL B 17 22.47 -25.37 18.73
N PHE B 18 22.45 -25.57 20.04
CA PHE B 18 22.11 -24.55 21.01
C PHE B 18 23.21 -24.45 22.04
N LEU B 19 23.63 -23.25 22.34
CA LEU B 19 24.77 -23.04 23.23
C LEU B 19 24.33 -22.18 24.41
N PHE B 20 24.47 -22.71 25.63
CA PHE B 20 24.03 -21.94 26.78
C PHE B 20 25.20 -21.57 27.68
N PRO B 21 25.07 -20.48 28.44
CA PRO B 21 26.19 -19.96 29.24
C PRO B 21 26.27 -20.67 30.58
N PRO B 22 27.18 -20.25 31.48
CA PRO B 22 27.14 -20.76 32.86
C PRO B 22 26.17 -20.07 33.81
N LYS B 23 25.71 -20.85 34.78
CA LYS B 23 24.74 -20.32 35.70
C LYS B 23 25.39 -19.29 36.61
N PRO B 24 24.73 -18.16 36.84
CA PRO B 24 25.36 -17.06 37.60
C PRO B 24 25.96 -17.47 38.93
N LYS B 25 25.24 -18.30 39.71
CA LYS B 25 25.80 -18.77 40.98
C LYS B 25 27.15 -19.44 40.79
N ASP B 26 27.42 -19.96 39.59
CA ASP B 26 28.69 -20.59 39.31
C ASP B 26 29.75 -19.60 38.80
N THR B 27 29.35 -18.40 38.38
CA THR B 27 30.29 -17.40 37.89
C THR B 27 30.65 -16.35 38.93
N LEU B 28 29.66 -15.85 39.67
CA LEU B 28 29.87 -14.82 40.67
C LEU B 28 30.46 -15.35 41.96
N MET B 29 30.65 -16.66 42.06
CA MET B 29 31.09 -17.31 43.28
C MET B 29 32.16 -18.34 42.95
N ILE B 30 33.23 -18.34 43.75
CA ILE B 30 34.42 -19.12 43.46
C ILE B 30 34.25 -20.54 44.02
N SER B 31 35.11 -21.46 43.59
CA SER B 31 35.11 -22.87 43.98
C SER B 31 33.85 -23.57 43.51
N ARG B 32 33.04 -22.87 42.73
CA ARG B 32 31.93 -23.42 41.99
C ARG B 32 32.43 -23.72 40.58
N THR B 33 32.04 -24.86 40.02
CA THR B 33 32.51 -25.12 38.66
C THR B 33 31.53 -24.51 37.65
N PRO B 34 31.83 -23.35 37.06
CA PRO B 34 30.95 -22.81 36.04
C PRO B 34 31.22 -23.40 34.66
N GLU B 35 30.20 -23.37 33.80
CA GLU B 35 30.37 -24.15 32.58
C GLU B 35 29.65 -23.53 31.38
N VAL B 36 30.16 -23.87 30.22
CA VAL B 36 29.50 -23.52 28.96
C VAL B 36 29.01 -24.82 28.34
N THR B 37 27.80 -24.81 27.78
CA THR B 37 27.24 -26.06 27.29
C THR B 37 26.84 -25.98 25.82
N CYS B 38 27.18 -27.05 25.08
CA CYS B 38 26.80 -27.25 23.68
C CYS B 38 25.80 -28.39 23.63
N VAL B 39 24.53 -28.03 23.48
CA VAL B 39 23.43 -28.94 23.28
C VAL B 39 23.19 -29.09 21.79
N VAL B 40 23.49 -30.24 21.21
CA VAL B 40 23.18 -30.49 19.82
C VAL B 40 22.03 -31.50 19.73
N VAL B 41 21.00 -31.16 18.96
CA VAL B 41 19.80 -31.96 18.82
C VAL B 41 19.50 -32.21 17.35
N ASP B 42 18.62 -33.19 17.12
CA ASP B 42 18.02 -33.57 15.83
C ASP B 42 18.93 -34.41 14.94
N VAL B 43 19.82 -35.23 15.49
CA VAL B 43 20.53 -36.24 14.70
C VAL B 43 19.61 -37.45 14.53
N SER B 44 19.89 -38.30 13.55
CA SER B 44 18.85 -39.28 13.24
C SER B 44 19.45 -40.59 12.73
N GLN B 45 18.61 -41.34 11.99
CA GLN B 45 18.84 -42.67 11.42
C GLN B 45 20.13 -42.73 10.62
N GLU B 46 20.68 -41.57 10.30
CA GLU B 46 21.97 -41.53 9.64
C GLU B 46 23.09 -41.87 10.63
N ASP B 47 22.79 -41.92 11.93
CA ASP B 47 23.73 -42.01 13.05
C ASP B 47 24.90 -41.03 12.95
N PRO B 48 24.58 -39.76 12.70
CA PRO B 48 25.56 -38.67 12.73
C PRO B 48 26.37 -38.63 13.99
N ASP B 49 27.70 -38.50 13.86
CA ASP B 49 28.53 -38.65 15.04
C ASP B 49 28.84 -37.31 15.71
N VAL B 50 29.83 -37.36 16.60
CA VAL B 50 30.21 -36.31 17.55
C VAL B 50 30.91 -35.14 16.87
N LYS B 51 32.23 -35.09 16.97
CA LYS B 51 33.09 -34.00 16.52
C LYS B 51 32.64 -32.67 17.12
N PHE B 52 33.34 -32.28 18.18
CA PHE B 52 33.13 -31.04 18.93
C PHE B 52 34.46 -30.31 18.98
N ASN B 53 34.46 -29.01 18.67
CA ASN B 53 35.70 -28.23 18.71
C ASN B 53 35.45 -26.88 19.36
N TRP B 54 35.97 -26.69 20.57
CA TRP B 54 35.69 -25.48 21.34
C TRP B 54 36.85 -24.48 21.19
N TYR B 55 36.52 -23.18 21.22
CA TYR B 55 37.52 -22.13 21.00
C TYR B 55 37.28 -20.95 21.95
N VAL B 56 38.33 -20.13 22.13
CA VAL B 56 38.28 -18.93 22.97
C VAL B 56 38.77 -17.73 22.14
N ASN B 57 39.15 -18.06 20.91
CA ASN B 57 39.74 -17.21 19.85
C ASN B 57 40.80 -18.15 19.25
N GLY B 58 40.35 -19.39 19.06
CA GLY B 58 41.14 -20.55 18.73
C GLY B 58 41.71 -21.19 19.98
N ALA B 59 41.42 -22.47 20.21
CA ALA B 59 41.75 -23.01 21.52
C ALA B 59 41.93 -24.52 21.46
N GLU B 60 42.10 -25.10 22.66
CA GLU B 60 42.31 -26.50 22.95
C GLU B 60 41.03 -27.12 23.49
N VAL B 61 40.87 -28.41 23.27
CA VAL B 61 39.65 -29.12 23.67
C VAL B 61 39.91 -29.98 24.91
N HIS B 62 40.50 -29.40 25.95
CA HIS B 62 40.60 -30.25 27.14
C HIS B 62 39.32 -30.20 27.97
N HIS B 63 38.82 -29.00 28.30
CA HIS B 63 37.53 -28.96 29.00
C HIS B 63 36.41 -29.38 28.04
N ALA B 64 36.29 -30.68 27.83
CA ALA B 64 35.19 -31.05 26.94
C ALA B 64 34.35 -32.17 27.51
N GLN B 65 34.77 -33.40 27.24
CA GLN B 65 34.10 -34.59 27.73
C GLN B 65 32.63 -34.59 27.33
N THR B 66 32.45 -34.88 26.04
CA THR B 66 31.14 -35.12 25.47
C THR B 66 30.44 -36.24 26.24
N LYS B 67 29.14 -36.16 26.28
CA LYS B 67 28.36 -37.16 27.00
C LYS B 67 27.90 -38.33 26.11
N PRO B 68 26.86 -39.18 26.50
CA PRO B 68 26.38 -40.16 25.52
C PRO B 68 25.16 -39.66 24.75
N ARG B 69 24.99 -40.13 23.51
CA ARG B 69 23.78 -39.78 22.79
C ARG B 69 22.58 -40.34 23.53
N GLU B 70 21.57 -39.49 23.74
CA GLU B 70 20.32 -39.91 24.38
C GLU B 70 19.16 -39.51 23.49
N THR B 71 18.26 -40.44 23.21
CA THR B 71 17.14 -40.11 22.34
C THR B 71 15.89 -39.65 23.09
N GLN B 72 15.52 -40.37 24.16
CA GLN B 72 14.30 -40.09 24.92
C GLN B 72 13.08 -40.24 24.02
N TYR B 73 12.44 -39.12 23.66
CA TYR B 73 11.22 -39.14 22.87
C TYR B 73 11.41 -38.31 21.61
N ASN B 74 11.30 -38.98 20.46
CA ASN B 74 11.09 -38.53 19.09
C ASN B 74 12.18 -39.12 18.21
N SER B 75 12.95 -40.05 18.78
CA SER B 75 13.88 -40.91 18.05
C SER B 75 14.94 -40.09 17.31
N THR B 76 15.56 -39.13 18.04
CA THR B 76 16.59 -38.22 17.52
C THR B 76 17.68 -38.01 18.58
N TYR B 77 18.52 -39.02 18.73
CA TYR B 77 19.60 -39.10 19.71
C TYR B 77 20.18 -37.72 20.09
N ARG B 78 19.68 -37.14 21.17
CA ARG B 78 20.24 -35.89 21.68
C ARG B 78 21.70 -36.09 22.06
N VAL B 79 22.55 -35.15 21.71
CA VAL B 79 23.95 -35.23 22.09
C VAL B 79 24.31 -33.91 22.76
N VAL B 80 25.12 -33.97 23.81
CA VAL B 80 25.47 -32.75 24.52
C VAL B 80 26.90 -32.87 25.01
N SER B 81 27.59 -31.75 25.05
CA SER B 81 28.93 -31.71 25.61
C SER B 81 29.16 -30.39 26.32
N VAL B 82 29.87 -30.44 27.44
CA VAL B 82 29.94 -29.33 28.39
C VAL B 82 31.39 -28.95 28.63
N LEU B 83 31.69 -27.64 28.61
CA LEU B 83 33.05 -27.11 28.71
C LEU B 83 33.18 -26.34 30.02
N THR B 84 34.20 -26.67 30.83
CA THR B 84 34.40 -25.98 32.10
C THR B 84 35.20 -24.68 31.93
N VAL B 85 34.85 -23.67 32.71
CA VAL B 85 35.34 -22.30 32.59
C VAL B 85 35.98 -21.90 33.92
N THR B 86 36.96 -20.98 33.87
CA THR B 86 37.43 -20.36 35.10
C THR B 86 36.56 -19.15 35.37
N HIS B 87 36.15 -19.00 36.63
CA HIS B 87 35.28 -17.91 37.05
C HIS B 87 35.82 -16.56 36.61
N GLN B 88 37.13 -16.46 36.49
CA GLN B 88 37.76 -15.24 36.04
C GLN B 88 37.78 -15.11 34.52
N ASP B 89 37.83 -16.21 33.76
CA ASP B 89 37.84 -16.09 32.29
C ASP B 89 36.52 -15.55 31.78
N TRP B 90 35.41 -15.98 32.36
CA TRP B 90 34.14 -15.32 32.15
C TRP B 90 34.27 -13.91 32.75
N LEU B 91 33.17 -13.18 32.85
CA LEU B 91 33.18 -11.88 33.52
C LEU B 91 34.09 -10.84 32.84
N ASN B 92 35.40 -11.07 32.77
CA ASN B 92 36.22 -10.14 31.99
C ASN B 92 35.80 -10.14 30.53
N GLY B 93 35.31 -11.27 30.03
CA GLY B 93 34.68 -11.31 28.73
C GLY B 93 35.45 -12.08 27.67
N LYS B 94 35.38 -13.41 27.65
CA LYS B 94 35.96 -14.22 26.59
C LYS B 94 34.96 -14.40 25.47
N GLU B 95 34.93 -15.59 24.87
CA GLU B 95 33.98 -15.80 23.79
C GLU B 95 33.30 -17.17 23.89
N TYR B 96 34.05 -18.25 23.63
CA TYR B 96 33.58 -19.64 23.69
C TYR B 96 32.71 -19.99 22.49
N THR B 97 33.21 -20.87 21.62
CA THR B 97 32.53 -21.28 20.39
C THR B 97 32.45 -22.79 20.34
N CYS B 98 31.59 -23.33 19.46
CA CYS B 98 31.32 -24.76 19.40
C CYS B 98 31.79 -25.49 18.16
N LYS B 99 31.46 -25.05 16.95
CA LYS B 99 31.81 -25.81 15.75
C LYS B 99 31.54 -27.30 15.93
N VAL B 100 30.31 -27.68 15.82
CA VAL B 100 29.95 -29.10 15.80
C VAL B 100 29.62 -29.44 14.38
N SER B 101 29.97 -30.65 13.99
CA SER B 101 29.88 -31.00 12.58
C SER B 101 29.27 -32.37 12.44
N ASN B 102 28.28 -32.47 11.55
CA ASN B 102 27.54 -33.73 11.31
C ASN B 102 27.58 -34.11 9.83
N LYS B 103 27.69 -35.41 9.56
CA LYS B 103 27.74 -35.99 8.21
C LYS B 103 26.41 -35.83 7.46
N ALA B 104 25.58 -34.90 7.90
CA ALA B 104 24.29 -34.62 7.27
C ALA B 104 24.02 -33.13 7.30
N LEU B 105 25.09 -32.33 7.32
CA LEU B 105 25.10 -30.89 7.32
C LEU B 105 26.04 -30.43 6.21
N PRO B 106 25.76 -29.29 5.59
CA PRO B 106 26.65 -28.82 4.53
C PRO B 106 28.02 -28.52 5.08
N ALA B 107 28.08 -27.47 5.90
CA ALA B 107 29.29 -27.02 6.54
C ALA B 107 29.06 -26.96 8.04
N PRO B 108 30.01 -27.47 8.84
CA PRO B 108 29.93 -27.39 10.31
C PRO B 108 29.33 -26.10 10.87
N ILE B 109 28.22 -26.23 11.61
CA ILE B 109 27.62 -25.05 12.23
C ILE B 109 28.32 -24.75 13.55
N GLN B 110 28.39 -23.46 13.90
CA GLN B 110 29.10 -23.04 15.09
C GLN B 110 28.41 -21.82 15.70
N LYS B 111 28.44 -21.77 17.04
CA LYS B 111 27.84 -20.67 17.79
C LYS B 111 28.80 -20.22 18.89
N THR B 112 28.67 -18.95 19.28
CA THR B 112 29.44 -18.35 20.37
C THR B 112 28.48 -17.58 21.27
N ILE B 113 28.79 -17.51 22.58
CA ILE B 113 27.89 -16.89 23.55
C ILE B 113 28.56 -15.70 24.24
N SER B 114 29.79 -15.87 24.74
CA SER B 114 30.48 -14.86 25.52
C SER B 114 29.66 -14.33 26.71
N LYS B 115 30.11 -13.22 27.28
CA LYS B 115 29.40 -12.48 28.31
C LYS B 115 28.58 -11.34 27.72
N ASP B 116 27.58 -10.88 28.46
CA ASP B 116 26.94 -9.63 28.06
C ASP B 116 27.90 -8.48 28.31
N LYS B 117 27.90 -7.54 27.38
CA LYS B 117 28.75 -6.36 27.51
C LYS B 117 28.13 -5.33 28.42
N GLY B 118 28.46 -4.07 28.19
CA GLY B 118 27.72 -2.97 28.76
C GLY B 118 28.20 -2.58 30.14
N GLN B 119 28.02 -1.31 30.46
CA GLN B 119 28.40 -0.73 31.75
C GLN B 119 27.62 -1.35 32.90
N PRO B 120 28.25 -2.09 33.80
CA PRO B 120 27.51 -2.66 34.91
C PRO B 120 27.52 -1.75 36.13
N ARG B 121 26.38 -1.26 36.58
CA ARG B 121 26.44 -0.61 37.87
C ARG B 121 25.96 -1.59 38.94
N GLU B 122 26.23 -1.24 40.18
CA GLU B 122 25.90 -2.13 41.27
C GLU B 122 24.41 -2.11 41.59
N PRO B 123 23.84 -3.27 41.90
CA PRO B 123 22.40 -3.33 42.15
C PRO B 123 22.07 -2.75 43.51
N GLN B 124 21.10 -1.84 43.55
CA GLN B 124 20.63 -1.47 44.86
C GLN B 124 19.82 -2.63 45.42
N VAL B 125 19.69 -2.68 46.75
CA VAL B 125 18.93 -3.76 47.35
C VAL B 125 18.08 -3.23 48.50
N TYR B 126 16.83 -2.92 48.23
CA TYR B 126 15.90 -2.45 49.24
C TYR B 126 15.11 -3.61 49.80
N THR B 127 14.61 -3.41 51.02
CA THR B 127 13.89 -4.45 51.74
C THR B 127 12.54 -3.91 52.19
N LEU B 128 11.47 -4.64 51.86
CA LEU B 128 10.12 -4.19 52.09
C LEU B 128 9.36 -5.13 53.03
N PRO B 129 8.57 -4.57 53.94
CA PRO B 129 7.88 -5.38 54.94
C PRO B 129 6.44 -5.64 54.58
N PRO B 130 5.77 -6.56 55.29
CA PRO B 130 4.38 -6.92 54.93
C PRO B 130 3.49 -5.69 54.86
N SER B 131 2.58 -5.71 53.89
CA SER B 131 1.66 -4.59 53.72
C SER B 131 0.77 -4.44 54.94
N ARG B 132 0.38 -3.19 55.19
CA ARG B 132 -0.46 -2.87 56.33
C ARG B 132 -1.65 -3.82 56.42
N GLU B 133 -2.42 -3.94 55.34
CA GLU B 133 -3.61 -4.79 55.26
C GLU B 133 -3.30 -6.26 55.05
N GLU B 134 -2.03 -6.64 54.90
CA GLU B 134 -1.68 -8.02 54.63
C GLU B 134 -1.46 -8.81 55.91
N LEU B 135 -1.53 -8.13 57.05
CA LEU B 135 -1.36 -8.74 58.35
C LEU B 135 -2.64 -9.44 58.83
N THR B 136 -3.77 -9.22 58.15
CA THR B 136 -5.05 -9.89 58.42
C THR B 136 -5.00 -11.29 57.77
N LYS B 137 -3.93 -12.03 58.01
CA LYS B 137 -3.81 -13.36 57.41
C LYS B 137 -2.75 -14.14 58.18
N ASN B 138 -2.84 -15.46 58.07
CA ASN B 138 -1.89 -16.35 58.71
C ASN B 138 -0.53 -16.34 58.05
N GLN B 139 -0.43 -15.76 56.84
CA GLN B 139 0.77 -15.77 56.02
C GLN B 139 1.02 -14.36 55.52
N VAL B 140 2.22 -13.85 55.73
CA VAL B 140 2.62 -12.56 55.17
C VAL B 140 3.69 -12.77 54.13
N SER B 141 3.99 -11.71 53.39
CA SER B 141 4.90 -11.72 52.24
C SER B 141 5.95 -10.62 52.44
N LEU B 142 7.16 -11.04 52.77
CA LEU B 142 8.34 -10.17 52.75
C LEU B 142 8.75 -9.94 51.30
N THR B 143 9.14 -8.70 51.00
CA THR B 143 9.45 -8.36 49.63
C THR B 143 10.86 -7.82 49.55
N CYS B 144 11.61 -8.22 48.53
CA CYS B 144 12.96 -7.72 48.35
C CYS B 144 13.07 -7.08 46.98
N LEU B 145 13.42 -5.80 46.93
CA LEU B 145 13.48 -5.06 45.66
C LEU B 145 14.94 -4.89 45.26
N VAL B 146 15.39 -5.58 44.23
CA VAL B 146 16.75 -5.43 43.74
C VAL B 146 16.65 -4.57 42.49
N LYS B 147 17.01 -3.30 42.60
CA LYS B 147 16.80 -2.39 41.48
C LYS B 147 18.12 -1.71 41.12
N GLY B 148 18.35 -1.56 39.81
CA GLY B 148 19.39 -0.69 39.31
C GLY B 148 20.65 -1.34 38.77
N PHE B 149 20.73 -2.67 38.73
CA PHE B 149 21.90 -3.38 38.24
C PHE B 149 21.89 -3.48 36.72
N TYR B 150 23.03 -3.85 36.15
CA TYR B 150 22.96 -4.13 34.72
C TYR B 150 22.98 -5.63 34.41
N PRO B 151 24.14 -6.37 34.48
CA PRO B 151 24.13 -7.71 33.91
C PRO B 151 23.07 -8.60 34.54
N SER B 152 21.90 -8.66 33.90
CA SER B 152 20.74 -9.46 34.31
C SER B 152 21.05 -10.64 35.20
N ASP B 153 21.79 -11.58 34.63
CA ASP B 153 22.06 -12.82 35.32
C ASP B 153 22.63 -12.49 36.71
N ILE B 154 21.72 -12.48 37.67
CA ILE B 154 21.94 -12.13 39.05
C ILE B 154 21.44 -13.31 39.88
N VAL B 155 21.80 -13.34 41.15
CA VAL B 155 21.31 -14.38 42.05
C VAL B 155 20.64 -13.72 43.25
N VAL B 156 19.47 -14.22 43.64
CA VAL B 156 18.77 -13.73 44.82
C VAL B 156 18.36 -14.93 45.65
N GLU B 157 18.69 -14.90 46.94
CA GLU B 157 18.33 -15.99 47.85
C GLU B 157 17.86 -15.39 49.16
N TRP B 158 17.03 -16.14 49.88
CA TRP B 158 16.60 -15.77 51.22
C TRP B 158 17.13 -16.78 52.23
N GLU B 159 17.17 -16.34 53.48
CA GLU B 159 17.59 -17.23 54.55
C GLU B 159 17.22 -16.65 55.91
N SER B 160 16.99 -17.54 56.86
CA SER B 160 16.78 -17.20 58.26
C SER B 160 18.03 -17.58 59.03
N SER B 161 18.81 -16.57 59.43
CA SER B 161 20.08 -16.78 60.11
C SER B 161 20.92 -17.81 59.36
N GLY B 162 20.80 -19.08 59.72
CA GLY B 162 21.54 -20.13 59.06
C GLY B 162 20.69 -21.26 58.53
N GLN B 163 19.63 -20.94 57.80
CA GLN B 163 18.78 -21.96 57.18
C GLN B 163 18.20 -21.42 55.89
N PRO B 164 18.07 -22.26 54.86
CA PRO B 164 17.58 -21.78 53.57
C PRO B 164 16.13 -22.15 53.25
N GLU B 165 15.19 -21.24 53.44
CA GLU B 165 13.81 -21.60 53.11
C GLU B 165 13.54 -21.42 51.63
N ASN B 166 12.86 -22.39 51.03
CA ASN B 166 12.37 -22.25 49.66
C ASN B 166 11.01 -21.59 49.62
N THR B 167 10.68 -20.83 50.65
CA THR B 167 9.41 -20.14 50.66
C THR B 167 9.29 -19.16 49.51
N TYR B 168 10.38 -18.44 49.25
CA TYR B 168 10.39 -17.36 48.27
C TYR B 168 10.26 -17.87 46.84
N LYS B 169 9.70 -17.01 46.01
CA LYS B 169 9.71 -17.19 44.56
C LYS B 169 10.02 -15.80 44.02
N THR B 170 10.89 -15.71 43.01
CA THR B 170 11.40 -14.42 42.56
C THR B 170 11.02 -14.11 41.12
N THR B 171 10.81 -12.83 40.87
CA THR B 171 10.49 -12.36 39.54
C THR B 171 11.75 -12.48 38.68
N PRO B 172 11.63 -12.80 37.40
CA PRO B 172 12.79 -12.71 36.51
C PRO B 172 13.12 -11.27 36.18
N PRO B 173 14.38 -10.95 35.89
CA PRO B 173 14.77 -9.56 35.69
C PRO B 173 13.94 -8.91 34.59
N VAL B 174 13.58 -7.66 34.83
CA VAL B 174 12.73 -6.91 33.92
C VAL B 174 13.37 -5.56 33.65
N LEU B 175 13.51 -5.24 32.37
CA LEU B 175 14.19 -4.01 31.95
C LEU B 175 13.45 -2.80 32.48
N ASP B 176 14.19 -1.82 32.99
CA ASP B 176 13.62 -0.61 33.55
C ASP B 176 13.64 0.47 32.48
N SER B 177 13.57 1.74 32.88
CA SER B 177 13.52 2.83 31.91
C SER B 177 14.88 3.48 31.69
N ASP B 178 15.97 2.78 32.03
CA ASP B 178 17.32 3.32 31.89
C ASP B 178 18.35 2.21 31.67
N GLY B 179 17.93 1.11 31.04
CA GLY B 179 18.84 0.04 30.68
C GLY B 179 19.24 -0.85 31.83
N SER B 180 18.93 -0.48 33.06
CA SER B 180 19.22 -1.29 34.24
C SER B 180 18.06 -2.22 34.56
N TYR B 181 18.38 -3.33 35.19
CA TYR B 181 17.29 -4.24 35.47
C TYR B 181 16.87 -4.08 36.93
N PHE B 182 15.65 -4.56 37.22
CA PHE B 182 15.11 -4.57 38.56
C PHE B 182 14.28 -5.83 38.68
N LEU B 183 14.29 -6.41 39.88
CA LEU B 183 13.40 -7.52 40.18
C LEU B 183 12.87 -7.42 41.59
N TYR B 184 11.96 -8.35 41.88
CA TYR B 184 11.25 -8.45 43.14
C TYR B 184 11.30 -9.90 43.61
N SER B 185 11.46 -10.11 44.91
CA SER B 185 11.36 -11.46 45.47
C SER B 185 10.29 -11.49 46.54
N LYS B 186 9.52 -12.59 46.60
CA LYS B 186 8.46 -12.71 47.60
C LYS B 186 8.68 -13.92 48.49
N LEU B 187 8.61 -13.70 49.81
CA LEU B 187 8.80 -14.78 50.81
C LEU B 187 7.57 -14.82 51.71
N THR B 188 6.79 -15.90 51.63
CA THR B 188 5.55 -16.00 52.44
C THR B 188 5.74 -16.84 53.70
N VAL B 189 5.79 -16.18 54.86
CA VAL B 189 5.97 -16.91 56.12
C VAL B 189 4.77 -16.67 57.03
N ASP B 190 4.49 -17.65 57.89
CA ASP B 190 3.39 -17.49 58.85
C ASP B 190 3.63 -16.26 59.72
N LYS B 191 2.60 -15.41 59.81
CA LYS B 191 2.69 -14.16 60.55
C LYS B 191 3.49 -14.27 61.84
N SER B 192 3.19 -15.30 62.65
CA SER B 192 3.90 -15.55 63.90
C SER B 192 5.39 -15.26 63.83
N ARG B 193 6.11 -15.89 62.92
CA ARG B 193 7.52 -15.58 62.75
C ARG B 193 7.76 -14.10 62.54
N TRP B 194 6.82 -13.42 61.88
CA TRP B 194 7.00 -12.00 61.62
C TRP B 194 6.85 -11.19 62.92
N GLN B 195 5.63 -11.17 63.45
CA GLN B 195 5.36 -10.35 64.64
C GLN B 195 6.14 -10.84 65.85
N GLN B 196 6.26 -12.16 65.99
CA GLN B 196 7.06 -12.82 67.01
C GLN B 196 8.40 -12.12 67.19
N GLY B 197 9.17 -12.03 66.12
CA GLY B 197 10.40 -11.27 66.15
C GLY B 197 11.58 -12.02 65.57
N ASN B 198 11.58 -12.25 64.26
CA ASN B 198 12.71 -12.89 63.61
C ASN B 198 13.33 -11.95 62.61
N VAL B 199 14.56 -12.30 62.21
CA VAL B 199 15.34 -11.51 61.26
C VAL B 199 15.54 -12.36 60.00
N PHE B 200 15.05 -11.84 58.88
CA PHE B 200 15.08 -12.54 57.59
C PHE B 200 15.99 -11.79 56.64
N SER B 201 16.70 -12.53 55.79
CA SER B 201 17.74 -11.93 54.98
C SER B 201 17.56 -12.29 53.51
N CYS B 202 17.84 -11.30 52.66
CA CYS B 202 17.77 -11.36 51.20
C CYS B 202 19.17 -11.14 50.63
N SER B 203 19.93 -12.22 50.48
CA SER B 203 21.24 -12.14 49.86
C SER B 203 21.14 -11.95 48.34
N VAL B 204 22.07 -11.14 47.82
CA VAL B 204 22.08 -10.73 46.42
C VAL B 204 23.50 -10.94 45.90
N MET B 205 23.61 -11.56 44.72
CA MET B 205 24.89 -11.89 44.11
C MET B 205 24.96 -11.30 42.71
N HIS B 206 25.90 -10.38 42.51
CA HIS B 206 26.04 -9.64 41.27
C HIS B 206 27.50 -9.27 41.06
N GLU B 207 28.00 -9.51 39.84
CA GLU B 207 29.38 -9.17 39.50
C GLU B 207 29.74 -7.73 39.80
N ALA B 208 28.73 -6.87 39.89
CA ALA B 208 28.91 -5.47 40.22
C ALA B 208 28.78 -5.20 41.71
N LEU B 209 28.93 -6.25 42.52
CA LEU B 209 28.70 -6.16 43.95
C LEU B 209 29.98 -6.53 44.70
N HIS B 210 30.29 -5.77 45.74
CA HIS B 210 31.45 -6.02 46.58
C HIS B 210 31.48 -7.49 46.99
N ASN B 211 32.61 -8.16 46.71
CA ASN B 211 32.74 -9.61 46.92
C ASN B 211 31.60 -10.40 46.30
N HIS B 212 30.82 -9.79 45.41
CA HIS B 212 29.67 -10.42 44.76
C HIS B 212 28.65 -10.88 45.79
N TYR B 213 28.39 -10.03 46.80
CA TYR B 213 27.48 -10.39 47.87
C TYR B 213 27.02 -9.13 48.59
N THR B 214 25.71 -9.04 48.86
CA THR B 214 25.17 -8.04 49.76
C THR B 214 23.79 -8.55 50.19
N GLN B 215 23.47 -8.43 51.47
CA GLN B 215 22.17 -8.83 51.98
C GLN B 215 21.66 -7.72 52.87
N LYS B 216 20.46 -7.24 52.58
CA LYS B 216 19.86 -6.16 53.35
C LYS B 216 18.73 -6.72 54.21
N SER B 217 19.11 -7.50 55.23
CA SER B 217 18.15 -8.18 56.09
C SER B 217 17.21 -7.20 56.80
N LEU B 218 16.04 -7.71 57.16
CA LEU B 218 14.99 -6.93 57.82
C LEU B 218 14.30 -7.71 58.93
N SER B 219 13.75 -6.98 59.88
CA SER B 219 12.98 -7.54 60.98
C SER B 219 12.08 -6.44 61.54
N VAL B 220 11.11 -6.82 62.36
CA VAL B 220 10.20 -5.81 62.93
C VAL B 220 10.92 -4.97 63.98
N ASP C 5 41.76 -16.79 -36.44
CA ASP C 5 42.33 -17.95 -37.10
C ASP C 5 41.21 -18.97 -37.37
N LEU C 6 41.26 -20.13 -36.72
CA LEU C 6 40.29 -21.21 -36.93
C LEU C 6 39.09 -20.99 -36.00
N PRO C 7 37.97 -21.74 -36.10
CA PRO C 7 36.84 -21.44 -35.21
C PRO C 7 37.15 -21.73 -33.74
N LYS C 8 36.74 -20.82 -32.87
CA LYS C 8 36.92 -21.05 -31.44
C LYS C 8 35.92 -22.10 -30.96
N ALA C 9 36.38 -23.05 -30.14
CA ALA C 9 35.37 -23.89 -29.50
C ALA C 9 34.75 -23.17 -28.32
N VAL C 10 33.58 -23.65 -27.89
CA VAL C 10 32.87 -23.06 -26.76
C VAL C 10 32.54 -24.13 -25.74
N VAL C 11 32.58 -23.75 -24.47
CA VAL C 11 32.28 -24.63 -23.34
C VAL C 11 30.82 -24.46 -22.99
N PHE C 12 30.09 -25.57 -22.90
CA PHE C 12 28.68 -25.48 -22.56
C PHE C 12 28.40 -26.10 -21.20
N LEU C 13 27.69 -25.34 -20.38
CA LEU C 13 27.49 -25.66 -18.97
C LEU C 13 26.19 -26.45 -18.86
N GLU C 14 26.23 -27.63 -18.27
CA GLU C 14 25.08 -28.54 -18.22
C GLU C 14 24.87 -28.94 -16.76
N PRO C 15 23.98 -28.23 -16.04
CA PRO C 15 23.17 -27.06 -16.39
C PRO C 15 23.97 -25.77 -16.51
N GLN C 16 23.25 -24.67 -16.70
CA GLN C 16 23.80 -23.37 -17.10
C GLN C 16 24.29 -22.52 -15.92
N TRP C 17 24.39 -23.09 -14.72
CA TRP C 17 24.77 -22.35 -13.53
C TRP C 17 26.26 -22.54 -13.26
N TYR C 18 26.98 -21.42 -13.17
CA TYR C 18 28.42 -21.44 -12.90
C TYR C 18 28.72 -21.40 -11.41
N ARG C 19 27.67 -21.49 -10.60
CA ARG C 19 27.73 -21.56 -9.15
C ARG C 19 27.14 -22.88 -8.69
N VAL C 20 27.94 -23.70 -8.03
CA VAL C 20 27.41 -25.02 -7.71
C VAL C 20 27.49 -25.19 -6.20
N LEU C 21 27.29 -26.44 -5.77
CA LEU C 21 27.30 -26.75 -4.31
C LEU C 21 28.16 -27.99 -4.08
N GLU C 22 28.86 -28.03 -2.94
CA GLU C 22 29.72 -29.16 -2.62
C GLU C 22 29.16 -30.57 -2.79
N LYS C 23 27.90 -30.71 -3.18
CA LYS C 23 27.36 -32.00 -3.57
C LYS C 23 26.63 -31.97 -4.89
N ASP C 24 26.50 -30.80 -5.50
CA ASP C 24 25.83 -30.75 -6.77
C ASP C 24 26.74 -31.23 -7.89
N SER C 25 26.11 -31.58 -9.00
CA SER C 25 26.77 -32.20 -10.15
C SER C 25 26.68 -31.32 -11.37
N VAL C 26 27.82 -31.10 -12.01
CA VAL C 26 27.91 -30.31 -13.23
C VAL C 26 28.52 -31.16 -14.33
N THR C 27 28.10 -30.91 -15.56
CA THR C 27 28.70 -31.58 -16.71
C THR C 27 29.03 -30.52 -17.76
N LEU C 28 30.23 -30.58 -18.31
CA LEU C 28 30.71 -29.59 -19.28
C LEU C 28 30.76 -30.21 -20.68
N LYS C 29 30.36 -29.44 -21.67
CA LYS C 29 30.34 -29.93 -23.06
C LYS C 29 31.21 -29.01 -23.90
N CYS C 30 31.49 -29.42 -25.13
CA CYS C 30 32.34 -28.63 -26.00
C CYS C 30 32.00 -28.94 -27.44
N GLN C 31 31.61 -27.91 -28.20
CA GLN C 31 31.29 -28.05 -29.62
C GLN C 31 32.22 -27.10 -30.38
N GLY C 32 32.81 -27.59 -31.46
CA GLY C 32 33.66 -26.69 -32.20
C GLY C 32 34.17 -27.35 -33.46
N ALA C 33 34.10 -28.67 -33.52
CA ALA C 33 34.82 -29.40 -34.56
C ALA C 33 34.23 -30.76 -34.73
N TYR C 34 33.96 -31.41 -33.59
CA TYR C 34 33.41 -32.76 -33.45
C TYR C 34 34.38 -33.77 -33.97
N SER C 35 35.63 -33.36 -34.02
CA SER C 35 36.75 -34.12 -34.52
C SER C 35 36.33 -35.10 -35.61
N PRO C 36 35.75 -34.58 -36.72
CA PRO C 36 35.24 -35.40 -37.83
C PRO C 36 35.41 -36.91 -37.73
N GLU C 37 36.53 -37.41 -38.25
CA GLU C 37 36.74 -38.85 -38.25
C GLU C 37 36.75 -39.40 -36.84
N ASP C 38 37.56 -38.82 -35.95
CA ASP C 38 37.58 -39.32 -34.57
C ASP C 38 37.61 -38.24 -33.51
N GLN C 39 36.59 -38.30 -32.65
CA GLN C 39 36.30 -37.35 -31.58
C GLN C 39 37.32 -37.39 -30.45
N SER C 40 37.53 -36.23 -29.85
CA SER C 40 38.40 -36.04 -28.69
C SER C 40 38.35 -34.57 -28.31
N THR C 41 38.27 -34.21 -27.04
CA THR C 41 38.05 -32.80 -26.72
C THR C 41 39.17 -32.14 -25.95
N ARG C 42 40.11 -32.83 -25.35
CA ARG C 42 41.14 -32.12 -24.60
C ARG C 42 40.63 -31.03 -23.68
N TRP C 43 40.67 -31.26 -22.38
CA TRP C 43 40.12 -30.34 -21.40
C TRP C 43 41.21 -29.68 -20.58
N PHE C 44 40.94 -28.44 -20.12
CA PHE C 44 41.94 -27.59 -19.49
C PHE C 44 41.35 -27.04 -18.20
N HIS C 45 42.02 -27.30 -17.09
CA HIS C 45 41.64 -26.82 -15.76
C HIS C 45 42.67 -25.82 -15.28
N ASN C 46 42.21 -24.63 -14.87
CA ASN C 46 43.11 -23.58 -14.39
C ASN C 46 44.38 -23.48 -15.20
N GLU C 47 44.31 -23.74 -16.51
CA GLU C 47 45.46 -23.69 -17.39
C GLU C 47 46.32 -24.93 -17.16
N SER C 48 45.85 -26.09 -17.61
CA SER C 48 46.58 -27.35 -17.46
C SER C 48 45.92 -28.41 -18.33
N LEU C 49 45.95 -29.70 -17.93
CA LEU C 49 45.42 -30.77 -18.78
C LEU C 49 44.81 -31.90 -17.95
N ILE C 50 43.52 -32.13 -18.15
CA ILE C 50 42.80 -33.26 -17.56
C ILE C 50 42.77 -34.39 -18.57
N SER C 51 42.74 -35.63 -18.07
CA SER C 51 42.64 -36.82 -18.91
C SER C 51 41.20 -37.25 -19.16
N SER C 52 40.24 -36.32 -19.27
CA SER C 52 38.86 -36.73 -19.52
C SER C 52 38.73 -37.49 -20.83
N GLN C 53 39.19 -36.82 -21.89
CA GLN C 53 39.24 -37.35 -23.29
C GLN C 53 37.91 -37.24 -24.03
N THR C 54 36.77 -37.42 -23.34
CA THR C 54 35.51 -37.35 -24.06
C THR C 54 35.11 -35.90 -24.31
N SER C 55 33.97 -35.73 -24.97
CA SER C 55 33.47 -34.41 -25.34
C SER C 55 32.72 -33.73 -24.21
N SER C 56 32.73 -34.34 -23.02
CA SER C 56 31.92 -33.92 -21.89
C SER C 56 32.68 -34.21 -20.61
N TYR C 57 32.86 -33.21 -19.77
CA TYR C 57 33.47 -33.45 -18.47
C TYR C 57 32.37 -33.74 -17.46
N PHE C 58 32.60 -34.77 -16.64
CA PHE C 58 31.58 -35.34 -15.74
C PHE C 58 32.00 -35.00 -14.32
N ILE C 59 31.36 -33.98 -13.73
CA ILE C 59 31.62 -33.64 -12.33
C ILE C 59 30.41 -34.07 -11.50
N ALA C 60 30.43 -35.28 -10.98
CA ALA C 60 29.33 -35.69 -10.10
C ALA C 60 29.37 -34.91 -8.79
N ALA C 61 30.31 -35.16 -7.90
CA ALA C 61 30.34 -34.39 -6.66
C ALA C 61 31.26 -33.18 -6.88
N ALA C 62 30.68 -31.98 -6.91
CA ALA C 62 31.49 -30.78 -6.97
C ALA C 62 32.08 -30.48 -5.59
N ARG C 63 33.36 -30.09 -5.54
CA ARG C 63 33.94 -29.83 -4.22
C ARG C 63 35.23 -29.01 -4.34
N VAL C 64 35.07 -27.70 -4.24
CA VAL C 64 36.13 -26.69 -4.30
C VAL C 64 37.26 -27.05 -5.25
N ASN C 65 38.06 -28.09 -4.92
CA ASN C 65 39.12 -28.61 -5.79
C ASN C 65 38.58 -28.97 -7.17
N ASN C 66 37.51 -28.30 -7.57
CA ASN C 66 36.83 -28.44 -8.85
C ASN C 66 36.44 -27.10 -9.45
N SER C 67 36.63 -25.98 -8.74
CA SER C 67 36.35 -24.66 -9.28
C SER C 67 37.48 -24.19 -10.17
N GLY C 68 37.49 -22.90 -10.50
CA GLY C 68 38.58 -22.28 -11.23
C GLY C 68 38.10 -21.72 -12.57
N GLU C 69 38.95 -21.90 -13.58
CA GLU C 69 38.68 -21.45 -14.95
C GLU C 69 38.88 -22.63 -15.88
N TYR C 70 38.02 -22.76 -16.88
CA TYR C 70 37.96 -23.92 -17.74
C TYR C 70 38.12 -23.55 -19.21
N ARG C 71 38.67 -24.53 -19.95
CA ARG C 71 38.88 -24.42 -21.38
C ARG C 71 38.76 -25.80 -22.07
N CYS C 72 38.43 -25.79 -23.37
CA CYS C 72 38.34 -27.02 -24.19
C CYS C 72 38.80 -26.77 -25.63
N GLN C 73 38.84 -27.82 -26.48
CA GLN C 73 39.35 -27.79 -27.87
C GLN C 73 39.48 -29.17 -28.56
N THR C 74 38.64 -29.45 -29.54
CA THR C 74 38.49 -30.82 -30.04
C THR C 74 39.66 -31.18 -30.95
N SER C 75 39.44 -31.76 -32.16
CA SER C 75 40.42 -32.01 -33.23
C SER C 75 40.67 -30.80 -34.09
N LEU C 76 39.80 -29.80 -34.00
CA LEU C 76 40.17 -28.46 -34.40
C LEU C 76 39.44 -27.54 -33.42
N SER C 77 38.91 -26.44 -33.93
CA SER C 77 38.23 -25.45 -33.11
C SER C 77 39.20 -24.70 -32.21
N THR C 78 40.40 -24.37 -32.74
CA THR C 78 41.40 -23.59 -32.02
C THR C 78 41.45 -24.01 -30.58
N LEU C 79 41.15 -23.10 -29.66
CA LEU C 79 41.09 -23.35 -28.23
C LEU C 79 39.91 -22.59 -27.64
N SER C 80 39.21 -23.21 -26.68
CA SER C 80 38.01 -22.57 -26.18
C SER C 80 38.33 -21.29 -25.42
N ASP C 81 37.28 -20.56 -25.08
CA ASP C 81 37.46 -19.29 -24.41
C ASP C 81 37.32 -19.57 -22.90
N PRO C 82 37.53 -18.58 -21.98
CA PRO C 82 37.61 -18.91 -20.54
C PRO C 82 36.23 -18.88 -19.91
N VAL C 83 35.79 -20.01 -19.39
CA VAL C 83 34.54 -20.07 -18.65
C VAL C 83 34.85 -20.36 -17.20
N GLN C 84 34.28 -19.56 -16.30
CA GLN C 84 34.58 -19.66 -14.88
C GLN C 84 33.66 -20.65 -14.19
N LEU C 85 34.12 -21.21 -13.08
CA LEU C 85 33.29 -22.09 -12.27
C LEU C 85 33.59 -21.84 -10.80
N GLU C 86 32.55 -21.50 -10.03
CA GLU C 86 32.59 -21.31 -8.59
C GLU C 86 31.98 -22.52 -7.88
N VAL C 87 32.45 -22.80 -6.66
CA VAL C 87 31.85 -23.90 -5.91
C VAL C 87 31.75 -23.41 -4.47
N HIS C 88 30.63 -22.82 -4.09
CA HIS C 88 30.41 -22.42 -2.70
C HIS C 88 29.95 -23.62 -1.88
N ILE C 89 29.93 -23.45 -0.56
CA ILE C 89 29.37 -24.44 0.34
C ILE C 89 28.42 -23.76 1.32
N GLY C 90 27.26 -24.37 1.52
CA GLY C 90 26.26 -23.80 2.39
C GLY C 90 24.95 -24.53 2.20
N TRP C 91 23.86 -23.82 2.46
CA TRP C 91 22.53 -24.36 2.25
C TRP C 91 21.92 -23.75 0.99
N LEU C 92 21.73 -22.44 0.97
CA LEU C 92 21.10 -21.78 -0.17
C LEU C 92 22.15 -21.30 -1.17
N LEU C 93 21.69 -20.94 -2.36
CA LEU C 93 22.61 -20.44 -3.38
C LEU C 93 21.83 -19.77 -4.51
N LEU C 94 21.96 -18.46 -4.65
CA LEU C 94 21.20 -17.74 -5.67
C LEU C 94 21.86 -17.90 -7.02
N GLN C 95 21.54 -19.00 -7.69
CA GLN C 95 22.09 -19.28 -9.00
C GLN C 95 21.52 -18.35 -10.06
N ALA C 96 22.34 -18.11 -11.08
CA ALA C 96 22.00 -17.19 -12.15
C ALA C 96 22.73 -17.65 -13.40
N PRO C 97 22.40 -17.10 -14.59
CA PRO C 97 23.22 -17.41 -15.76
C PRO C 97 24.47 -16.56 -15.83
N ARG C 98 24.27 -15.26 -15.82
CA ARG C 98 25.31 -14.27 -15.71
C ARG C 98 24.83 -13.21 -14.72
N TRP C 99 25.65 -12.18 -14.51
CA TRP C 99 25.33 -11.14 -13.55
C TRP C 99 25.44 -9.74 -14.14
N VAL C 100 26.02 -9.61 -15.34
CA VAL C 100 26.16 -8.33 -16.02
C VAL C 100 24.88 -8.11 -16.84
N PHE C 101 24.00 -7.23 -16.36
CA PHE C 101 22.70 -6.98 -17.00
C PHE C 101 22.43 -5.49 -17.09
N LYS C 102 22.62 -4.88 -18.26
CA LYS C 102 22.33 -3.45 -18.38
C LYS C 102 21.25 -3.27 -19.46
N GLU C 103 20.96 -2.02 -19.84
CA GLU C 103 19.92 -1.72 -20.82
C GLU C 103 18.59 -2.39 -20.44
N GLU C 104 18.28 -3.54 -21.04
CA GLU C 104 17.05 -4.25 -20.71
C GLU C 104 17.07 -5.66 -21.31
N GLU C 105 17.11 -6.68 -20.46
CA GLU C 105 16.97 -8.07 -20.90
C GLU C 105 16.03 -8.83 -19.97
N SER C 106 16.21 -10.14 -19.82
CA SER C 106 15.35 -10.95 -18.98
C SER C 106 16.18 -11.87 -18.10
N ILE C 107 15.88 -11.87 -16.79
CA ILE C 107 16.67 -12.58 -15.79
C ILE C 107 15.88 -13.81 -15.34
N HIS C 108 16.61 -14.90 -15.04
CA HIS C 108 16.02 -16.16 -14.60
C HIS C 108 16.80 -16.59 -13.35
N LEU C 109 16.36 -16.07 -12.21
CA LEU C 109 17.00 -16.34 -10.93
C LEU C 109 16.58 -17.70 -10.40
N ARG C 110 17.47 -18.34 -9.65
CA ARG C 110 17.12 -19.62 -9.03
C ARG C 110 17.65 -19.66 -7.60
N CYS C 111 16.83 -20.13 -6.67
CA CYS C 111 17.28 -20.30 -5.28
C CYS C 111 17.55 -21.78 -5.06
N HIS C 112 18.79 -22.17 -5.31
CA HIS C 112 19.16 -23.56 -5.22
C HIS C 112 19.08 -24.04 -3.77
N SER C 113 19.00 -25.36 -3.62
CA SER C 113 19.00 -25.98 -2.29
C SER C 113 20.36 -26.55 -1.99
N TRP C 114 20.41 -27.85 -1.71
CA TRP C 114 21.61 -28.58 -1.30
C TRP C 114 21.20 -30.02 -1.13
N LYS C 115 21.99 -30.96 -1.66
CA LYS C 115 21.61 -32.37 -1.70
C LYS C 115 20.12 -32.51 -2.00
N ASN C 116 19.73 -32.19 -3.23
CA ASN C 116 18.35 -31.94 -3.69
C ASN C 116 17.32 -31.91 -2.57
N THR C 117 17.52 -31.04 -1.60
CA THR C 117 16.59 -30.99 -0.49
C THR C 117 15.46 -30.01 -0.84
N LEU C 118 14.28 -30.27 -0.28
CA LEU C 118 13.13 -29.41 -0.49
C LEU C 118 13.32 -28.08 0.25
N LEU C 119 12.59 -27.06 -0.19
CA LEU C 119 12.78 -25.72 0.36
C LEU C 119 11.41 -25.06 0.50
N HIS C 120 10.87 -25.08 1.71
CA HIS C 120 9.55 -24.52 1.96
C HIS C 120 9.64 -23.00 2.07
N LYS C 121 8.54 -22.33 1.70
CA LYS C 121 8.37 -20.89 1.88
C LYS C 121 9.62 -20.11 1.42
N VAL C 122 9.73 -19.97 0.10
CA VAL C 122 10.94 -19.38 -0.50
C VAL C 122 10.65 -17.92 -0.77
N THR C 123 11.69 -17.09 -0.64
CA THR C 123 11.58 -15.66 -0.88
C THR C 123 12.81 -15.15 -1.62
N TYR C 124 12.60 -14.13 -2.45
CA TYR C 124 13.69 -13.42 -3.13
C TYR C 124 13.62 -11.94 -2.75
N LEU C 125 14.77 -11.36 -2.39
CA LEU C 125 14.81 -10.02 -1.84
C LEU C 125 15.62 -9.08 -2.74
N GLN C 126 15.32 -7.78 -2.63
CA GLN C 126 15.99 -6.73 -3.41
C GLN C 126 16.81 -5.87 -2.45
N ASN C 127 18.08 -6.24 -2.26
CA ASN C 127 18.99 -5.62 -1.30
C ASN C 127 18.26 -5.25 -0.01
N GLY C 128 17.59 -6.26 0.55
CA GLY C 128 16.79 -6.04 1.74
C GLY C 128 15.34 -6.46 1.56
N LYS C 129 14.53 -5.57 1.03
CA LYS C 129 13.12 -5.88 0.81
C LYS C 129 12.96 -7.01 -0.21
N GLY C 130 11.96 -7.88 0.02
CA GLY C 130 11.60 -8.89 -0.97
C GLY C 130 10.75 -8.33 -2.13
N ARG C 131 10.59 -9.17 -3.16
CA ARG C 131 9.77 -8.76 -4.30
C ARG C 131 8.82 -9.85 -4.78
N LYS C 132 9.16 -11.11 -4.63
CA LYS C 132 8.32 -12.21 -5.10
C LYS C 132 8.41 -13.33 -4.08
N TYR C 133 7.28 -13.68 -3.48
CA TYR C 133 7.21 -14.78 -2.54
C TYR C 133 6.56 -15.97 -3.23
N PHE C 134 7.00 -17.17 -2.84
CA PHE C 134 6.47 -18.47 -3.29
C PHE C 134 6.30 -19.39 -2.09
N HIS C 135 5.30 -20.27 -2.17
CA HIS C 135 5.12 -21.23 -1.08
C HIS C 135 6.06 -22.41 -1.21
N GLN C 136 6.13 -23.01 -2.40
CA GLN C 136 7.02 -24.12 -2.68
C GLN C 136 8.21 -23.59 -3.47
N ASN C 137 9.10 -24.48 -3.91
CA ASN C 137 10.36 -24.06 -4.53
C ASN C 137 10.21 -23.91 -6.03
N SER C 138 10.53 -22.73 -6.54
CA SER C 138 10.58 -22.46 -7.97
C SER C 138 11.50 -21.27 -8.19
N ASP C 139 11.91 -21.10 -9.45
CA ASP C 139 12.77 -19.99 -9.83
C ASP C 139 11.97 -18.68 -9.90
N PHE C 140 12.67 -17.56 -10.15
CA PHE C 140 12.04 -16.23 -10.11
C PHE C 140 12.39 -15.54 -11.44
N TYR C 141 11.67 -15.91 -12.48
CA TYR C 141 11.84 -15.26 -13.77
C TYR C 141 11.37 -13.82 -13.66
N ILE C 142 12.26 -12.89 -13.95
CA ILE C 142 11.87 -11.49 -14.09
C ILE C 142 12.10 -11.03 -15.53
N PRO C 143 11.05 -10.71 -16.24
CA PRO C 143 11.23 -10.31 -17.64
C PRO C 143 11.31 -8.81 -17.85
N LYS C 144 12.08 -8.40 -18.85
CA LYS C 144 12.26 -6.97 -19.13
C LYS C 144 12.85 -6.22 -17.92
N ALA C 145 14.17 -6.15 -17.89
CA ALA C 145 14.97 -5.54 -16.83
C ALA C 145 14.37 -4.31 -16.14
N THR C 146 14.35 -4.37 -14.81
CA THR C 146 13.69 -3.41 -13.94
C THR C 146 14.20 -1.98 -14.02
N LEU C 147 15.37 -1.79 -14.61
CA LEU C 147 15.91 -0.41 -14.71
C LEU C 147 16.24 0.16 -13.31
N LYS C 148 16.03 -0.60 -12.23
CA LYS C 148 16.45 -0.09 -10.93
C LYS C 148 17.03 -1.18 -10.02
N ASP C 149 17.31 -2.36 -10.55
CA ASP C 149 17.84 -3.47 -9.79
C ASP C 149 19.20 -3.15 -9.22
N SER C 150 20.16 -4.00 -9.54
CA SER C 150 21.57 -3.70 -9.34
C SER C 150 21.88 -3.58 -7.85
N GLY C 151 21.06 -4.19 -7.02
CA GLY C 151 21.36 -4.26 -5.62
C GLY C 151 21.58 -5.72 -5.24
N SER C 152 22.01 -5.97 -4.02
CA SER C 152 22.25 -7.34 -3.63
C SER C 152 20.95 -8.14 -3.70
N TYR C 153 20.97 -9.20 -4.48
CA TYR C 153 19.80 -10.06 -4.67
C TYR C 153 20.13 -11.38 -4.00
N PHE C 154 19.37 -11.77 -2.98
CA PHE C 154 19.53 -13.09 -2.38
C PHE C 154 18.15 -13.68 -2.07
N CYS C 155 18.15 -14.89 -1.53
CA CYS C 155 16.92 -15.63 -1.27
C CYS C 155 16.99 -16.31 0.09
N ARG C 156 15.82 -16.52 0.68
CA ARG C 156 15.76 -17.27 1.93
C ARG C 156 14.66 -18.32 1.86
N GLY C 157 14.89 -19.42 2.58
CA GLY C 157 13.91 -20.48 2.59
C GLY C 157 13.59 -21.17 3.90
N LEU C 158 13.59 -22.50 3.86
CA LEU C 158 13.17 -23.31 5.01
C LEU C 158 13.46 -24.78 4.75
N VAL C 159 14.63 -25.24 5.16
CA VAL C 159 15.01 -26.59 4.75
C VAL C 159 14.54 -27.61 5.80
N GLY C 160 13.23 -27.82 5.87
CA GLY C 160 12.66 -28.66 6.90
C GLY C 160 12.06 -27.85 8.03
N SER C 161 12.93 -27.25 8.83
CA SER C 161 12.54 -26.34 9.90
C SER C 161 13.62 -25.26 10.03
N LYS C 162 14.79 -25.55 9.48
CA LYS C 162 15.91 -24.61 9.57
C LYS C 162 15.64 -23.38 8.73
N ASN C 163 15.92 -22.22 9.32
CA ASN C 163 15.80 -20.88 8.75
C ASN C 163 17.10 -20.57 8.02
N VAL C 164 17.14 -20.87 6.73
CA VAL C 164 18.36 -20.73 5.93
C VAL C 164 18.24 -19.53 5.00
N SER C 165 19.32 -18.76 4.91
CA SER C 165 19.46 -17.65 3.98
C SER C 165 20.53 -18.01 2.95
N SER C 166 20.73 -17.12 1.98
CA SER C 166 21.66 -17.35 0.88
C SER C 166 22.75 -16.30 0.87
N GLU C 167 23.89 -16.66 0.30
CA GLU C 167 24.99 -15.72 0.18
C GLU C 167 24.72 -14.79 -0.99
N THR C 168 24.91 -13.49 -0.74
CA THR C 168 24.46 -12.44 -1.65
C THR C 168 25.17 -12.50 -2.99
N VAL C 169 24.51 -11.96 -3.99
CA VAL C 169 25.09 -11.78 -5.30
C VAL C 169 24.64 -10.44 -5.83
N GLN C 170 25.58 -9.71 -6.41
CA GLN C 170 25.31 -8.40 -6.94
C GLN C 170 25.11 -8.51 -8.44
N ILE C 171 24.01 -7.97 -8.91
CA ILE C 171 23.71 -7.90 -10.32
C ILE C 171 23.70 -6.43 -10.71
N THR C 172 23.70 -6.15 -12.01
CA THR C 172 23.55 -4.76 -12.39
C THR C 172 22.63 -4.62 -13.59
N LEU D 12 -5.54 28.88 -4.70
CA LEU D 12 -5.54 29.56 -5.98
C LEU D 12 -6.63 30.63 -6.02
N GLY D 13 -7.50 30.58 -7.02
CA GLY D 13 -8.62 31.49 -7.09
C GLY D 13 -8.32 32.80 -7.76
N GLY D 14 -8.82 32.94 -8.98
CA GLY D 14 -8.55 34.11 -9.77
C GLY D 14 -8.44 33.76 -11.23
N PRO D 15 -8.24 34.81 -12.01
CA PRO D 15 -8.23 34.69 -13.48
C PRO D 15 -7.33 33.58 -13.98
N SER D 16 -7.82 32.87 -14.99
CA SER D 16 -7.05 31.81 -15.61
C SER D 16 -6.65 32.18 -17.03
N VAL D 17 -5.56 31.58 -17.48
CA VAL D 17 -5.00 31.91 -18.79
C VAL D 17 -4.57 30.63 -19.50
N PHE D 18 -4.86 30.58 -20.80
CA PHE D 18 -4.47 29.45 -21.64
C PHE D 18 -3.80 29.98 -22.90
N LEU D 19 -2.82 29.22 -23.39
CA LEU D 19 -2.01 29.63 -24.54
C LEU D 19 -1.95 28.51 -25.56
N PHE D 20 -2.70 28.69 -26.64
CA PHE D 20 -2.73 27.76 -27.75
C PHE D 20 -1.86 28.28 -28.89
N PRO D 21 -1.30 27.39 -29.69
CA PRO D 21 -0.29 27.82 -30.67
C PRO D 21 -0.95 28.24 -31.98
N PRO D 22 -0.22 28.25 -33.16
CA PRO D 22 -0.95 28.25 -34.45
C PRO D 22 -1.30 26.89 -35.03
N LYS D 23 -2.34 26.90 -35.85
CA LYS D 23 -2.65 25.68 -36.55
C LYS D 23 -1.61 25.43 -37.63
N PRO D 24 -1.30 24.17 -37.93
CA PRO D 24 -0.20 23.88 -38.86
C PRO D 24 -0.43 24.45 -40.25
N LYS D 25 -1.65 24.31 -40.77
CA LYS D 25 -1.96 24.84 -42.09
C LYS D 25 -1.45 26.28 -42.22
N ASP D 26 -1.51 27.04 -41.12
CA ASP D 26 -1.07 28.43 -41.17
C ASP D 26 0.46 28.57 -41.27
N THR D 27 1.23 27.66 -40.67
CA THR D 27 2.69 27.73 -40.72
C THR D 27 3.29 26.86 -41.81
N LEU D 28 2.73 25.66 -42.03
CA LEU D 28 3.39 24.70 -42.89
C LEU D 28 3.13 25.07 -44.35
N MET D 29 2.72 26.32 -44.57
CA MET D 29 2.62 26.87 -45.92
C MET D 29 2.54 28.39 -45.78
N ILE D 30 3.33 29.10 -46.59
CA ILE D 30 3.60 30.52 -46.38
C ILE D 30 2.41 31.41 -46.72
N SER D 31 1.36 30.85 -47.32
CA SER D 31 0.32 31.68 -47.92
C SER D 31 -0.54 32.39 -46.88
N ARG D 32 -0.98 31.67 -45.85
CA ARG D 32 -1.74 32.28 -44.76
C ARG D 32 -0.79 32.91 -43.72
N THR D 33 -1.33 33.21 -42.53
CA THR D 33 -0.58 33.92 -41.48
C THR D 33 -0.82 33.23 -40.15
N PRO D 34 0.20 32.62 -39.54
CA PRO D 34 0.01 31.86 -38.31
C PRO D 34 -0.20 32.76 -37.10
N GLU D 35 -0.61 32.16 -35.98
CA GLU D 35 -0.87 32.97 -34.80
C GLU D 35 -0.69 32.18 -33.51
N VAL D 36 -0.41 32.92 -32.44
CA VAL D 36 -0.44 32.32 -31.12
C VAL D 36 -1.51 33.07 -30.32
N THR D 37 -2.33 32.33 -29.59
CA THR D 37 -3.51 32.94 -29.00
C THR D 37 -3.44 32.93 -27.48
N CYS D 38 -3.53 34.12 -26.86
CA CYS D 38 -3.55 34.22 -25.41
C CYS D 38 -4.99 34.48 -24.98
N VAL D 39 -5.61 33.49 -24.32
CA VAL D 39 -6.97 33.60 -23.82
C VAL D 39 -6.92 33.81 -22.32
N VAL D 40 -7.68 34.81 -21.82
CA VAL D 40 -7.68 35.07 -20.38
C VAL D 40 -9.10 34.84 -19.85
N VAL D 41 -9.38 33.62 -19.46
CA VAL D 41 -10.76 33.31 -19.06
C VAL D 41 -10.91 33.53 -17.56
N ASP D 42 -12.14 33.83 -17.15
CA ASP D 42 -12.44 34.24 -15.77
C ASP D 42 -11.84 35.59 -15.41
N VAL D 43 -12.71 36.59 -15.33
CA VAL D 43 -12.43 37.98 -14.93
C VAL D 43 -13.73 38.56 -14.38
N SER D 44 -13.66 39.29 -13.27
CA SER D 44 -14.89 39.77 -12.65
C SER D 44 -15.34 41.10 -13.24
N GLN D 45 -16.63 41.41 -13.02
CA GLN D 45 -17.26 42.65 -13.49
C GLN D 45 -16.37 43.86 -13.21
N GLU D 46 -16.05 44.06 -11.94
CA GLU D 46 -14.99 44.98 -11.57
C GLU D 46 -13.67 44.23 -11.57
N ASP D 47 -12.58 45.01 -11.47
CA ASP D 47 -11.26 44.47 -11.78
C ASP D 47 -11.22 43.80 -13.16
N PRO D 48 -11.58 44.51 -14.24
CA PRO D 48 -11.67 43.84 -15.54
C PRO D 48 -10.44 44.03 -16.42
N ASP D 49 -9.85 45.23 -16.35
CA ASP D 49 -8.71 45.56 -17.19
C ASP D 49 -7.62 44.51 -17.10
N VAL D 50 -7.20 44.06 -18.26
CA VAL D 50 -6.15 43.06 -18.42
C VAL D 50 -5.06 43.65 -19.31
N LYS D 51 -3.80 43.45 -18.93
CA LYS D 51 -2.68 43.89 -19.75
C LYS D 51 -1.85 42.68 -20.16
N PHE D 52 -1.49 42.63 -21.44
CA PHE D 52 -0.66 41.58 -22.00
C PHE D 52 0.72 42.15 -22.33
N ASN D 53 1.76 41.41 -21.96
CA ASN D 53 3.11 41.76 -22.36
C ASN D 53 3.67 40.52 -23.07
N TRP D 54 3.64 40.55 -24.40
CA TRP D 54 4.10 39.42 -25.21
C TRP D 54 5.61 39.46 -25.34
N TYR D 55 6.24 38.29 -25.20
CA TYR D 55 7.70 38.18 -25.19
C TYR D 55 8.11 37.03 -26.11
N VAL D 56 8.53 37.33 -27.34
CA VAL D 56 9.03 36.28 -28.21
C VAL D 56 10.49 36.05 -27.86
N ASN D 57 10.83 34.81 -27.49
CA ASN D 57 12.20 34.46 -27.12
C ASN D 57 12.81 35.55 -26.23
N GLY D 58 12.06 35.94 -25.19
CA GLY D 58 12.58 36.79 -24.14
C GLY D 58 12.43 38.28 -24.34
N ALA D 59 12.36 38.75 -25.58
CA ALA D 59 12.26 40.16 -25.88
C ALA D 59 10.82 40.50 -26.25
N GLU D 60 10.28 41.53 -25.61
CA GLU D 60 8.90 41.92 -25.88
C GLU D 60 8.78 42.61 -27.23
N VAL D 61 7.61 42.46 -27.84
CA VAL D 61 7.38 42.82 -29.23
C VAL D 61 6.64 44.14 -29.35
N HIS D 62 5.54 44.27 -28.62
CA HIS D 62 4.58 45.36 -28.59
C HIS D 62 3.60 45.28 -29.76
N HIS D 63 3.62 44.21 -30.58
CA HIS D 63 2.85 44.19 -31.82
C HIS D 63 1.64 43.25 -31.74
N ALA D 64 1.24 42.84 -30.56
CA ALA D 64 0.10 41.95 -30.44
C ALA D 64 -1.21 42.69 -30.66
N GLN D 65 -2.20 41.96 -31.14
CA GLN D 65 -3.53 42.51 -31.39
C GLN D 65 -4.50 41.89 -30.39
N THR D 66 -5.10 42.73 -29.53
CA THR D 66 -5.90 42.27 -28.39
C THR D 66 -7.29 42.86 -28.59
N LYS D 67 -8.33 42.03 -28.50
CA LYS D 67 -9.71 42.46 -28.71
C LYS D 67 -10.34 43.07 -27.45
N PRO D 68 -11.60 43.54 -27.49
CA PRO D 68 -12.24 43.98 -26.26
C PRO D 68 -12.79 42.81 -25.45
N ARG D 69 -13.28 43.16 -24.25
CA ARG D 69 -13.85 42.17 -23.29
C ARG D 69 -15.15 41.60 -23.87
N GLU D 70 -15.45 40.35 -23.52
CA GLU D 70 -16.66 39.67 -23.99
C GLU D 70 -17.31 38.93 -22.81
N THR D 71 -18.35 39.54 -22.23
CA THR D 71 -19.18 38.96 -21.18
C THR D 71 -19.62 37.54 -21.58
N GLN D 72 -19.93 36.68 -20.61
CA GLN D 72 -20.22 35.29 -20.93
C GLN D 72 -21.51 34.80 -20.29
N TYR D 73 -21.80 33.52 -20.55
CA TYR D 73 -22.93 32.76 -20.03
C TYR D 73 -22.85 32.52 -18.52
N ASN D 74 -21.69 32.75 -17.93
CA ASN D 74 -21.54 32.79 -16.48
C ASN D 74 -21.20 34.20 -15.98
N SER D 75 -21.59 35.23 -16.73
CA SER D 75 -21.36 36.64 -16.41
C SER D 75 -19.87 36.96 -16.33
N THR D 76 -19.03 35.93 -16.32
CA THR D 76 -17.58 36.16 -16.33
C THR D 76 -17.24 36.87 -17.62
N TYR D 77 -16.18 37.65 -17.59
CA TYR D 77 -15.70 38.29 -18.80
C TYR D 77 -14.77 37.36 -19.54
N ARG D 78 -14.38 37.79 -20.72
CA ARG D 78 -13.34 37.11 -21.47
C ARG D 78 -12.60 38.12 -22.33
N VAL D 79 -11.29 37.91 -22.47
CA VAL D 79 -10.43 38.76 -23.28
C VAL D 79 -9.43 37.88 -24.02
N VAL D 80 -9.10 38.30 -25.24
CA VAL D 80 -8.12 37.60 -26.06
C VAL D 80 -7.10 38.58 -26.60
N SER D 81 -5.88 38.08 -26.74
CA SER D 81 -4.80 38.82 -27.39
C SER D 81 -4.11 37.93 -28.40
N VAL D 82 -4.09 38.35 -29.65
CA VAL D 82 -3.48 37.55 -30.71
C VAL D 82 -2.15 38.18 -31.11
N LEU D 83 -1.15 37.33 -31.29
CA LEU D 83 0.18 37.72 -31.74
C LEU D 83 0.47 36.97 -33.03
N THR D 84 0.66 37.70 -34.12
CA THR D 84 0.91 37.06 -35.40
C THR D 84 2.39 36.76 -35.54
N VAL D 85 2.71 35.48 -35.71
CA VAL D 85 4.11 35.04 -35.74
C VAL D 85 4.53 34.95 -37.20
N THR D 86 5.71 34.39 -37.47
CA THR D 86 6.29 34.35 -38.81
C THR D 86 6.68 32.91 -39.09
N HIS D 87 6.01 32.28 -40.08
CA HIS D 87 6.24 30.89 -40.49
C HIS D 87 7.64 30.35 -40.25
N GLN D 88 8.64 31.24 -40.22
N GLN D 88 8.63 31.25 -40.27
CA GLN D 88 10.02 30.84 -40.04
CA GLN D 88 10.04 30.94 -40.07
C GLN D 88 10.42 30.80 -38.56
C GLN D 88 10.40 30.81 -38.60
N ASP D 89 10.01 31.79 -37.78
CA ASP D 89 10.26 31.74 -36.34
C ASP D 89 9.70 30.47 -35.72
N TRP D 90 8.41 30.21 -35.90
CA TRP D 90 7.78 29.04 -35.30
C TRP D 90 8.48 27.75 -35.67
N LEU D 91 8.86 27.61 -36.94
CA LEU D 91 9.46 26.36 -37.49
C LEU D 91 10.91 26.17 -37.05
N ASN D 92 11.51 27.18 -36.41
CA ASN D 92 12.89 27.10 -35.96
C ASN D 92 12.99 26.68 -34.49
N GLY D 93 12.03 27.11 -33.66
CA GLY D 93 12.00 26.69 -32.28
C GLY D 93 11.79 27.83 -31.30
N LYS D 94 11.71 29.05 -31.83
CA LYS D 94 11.56 30.22 -30.98
C LYS D 94 10.35 30.08 -30.06
N GLU D 95 10.55 30.45 -28.81
CA GLU D 95 9.53 30.36 -27.76
C GLU D 95 8.75 31.66 -27.65
N TYR D 96 7.43 31.54 -27.69
CA TYR D 96 6.54 32.69 -27.58
C TYR D 96 5.89 32.70 -26.20
N THR D 97 5.90 33.87 -25.56
CA THR D 97 5.53 33.99 -24.16
C THR D 97 4.48 35.06 -23.96
N CYS D 98 3.40 34.69 -23.26
CA CYS D 98 2.36 35.64 -22.86
C CYS D 98 2.33 35.75 -21.34
N LYS D 99 2.40 36.99 -20.86
CA LYS D 99 2.22 37.32 -19.45
C LYS D 99 1.06 38.30 -19.33
N VAL D 100 0.11 37.94 -18.51
CA VAL D 100 -1.11 38.69 -18.31
C VAL D 100 -1.16 39.12 -16.86
N SER D 101 -1.67 40.34 -16.64
CA SER D 101 -1.62 41.01 -15.34
C SER D 101 -3.01 41.52 -14.96
N ASN D 102 -3.67 40.79 -14.07
CA ASN D 102 -4.94 41.23 -13.51
C ASN D 102 -4.74 41.88 -12.15
N LYS D 103 -5.67 42.78 -11.81
CA LYS D 103 -5.60 43.49 -10.53
C LYS D 103 -6.09 42.62 -9.38
N ALA D 104 -6.88 41.58 -9.67
CA ALA D 104 -7.22 40.54 -8.70
C ALA D 104 -6.23 39.38 -8.75
N LEU D 105 -5.03 39.63 -9.26
CA LEU D 105 -4.00 38.63 -9.46
C LEU D 105 -2.77 39.06 -8.66
N PRO D 106 -2.36 38.28 -7.67
CA PRO D 106 -1.19 38.70 -6.86
C PRO D 106 0.03 38.97 -7.72
N ALA D 107 0.37 38.00 -8.57
CA ALA D 107 1.55 38.01 -9.41
C ALA D 107 1.17 37.60 -10.82
N PRO D 108 1.23 38.52 -11.79
CA PRO D 108 1.01 38.21 -13.21
C PRO D 108 1.25 36.78 -13.67
N ILE D 109 0.19 36.16 -14.23
CA ILE D 109 0.29 34.79 -14.74
C ILE D 109 1.00 34.80 -16.09
N GLN D 110 1.74 33.73 -16.39
CA GLN D 110 2.42 33.76 -17.67
C GLN D 110 2.74 32.35 -18.14
N LYS D 111 2.32 32.04 -19.36
CA LYS D 111 2.65 30.77 -19.99
C LYS D 111 3.48 31.03 -21.23
N THR D 112 4.27 30.02 -21.59
CA THR D 112 5.22 30.10 -22.70
C THR D 112 5.06 28.86 -23.58
N ILE D 113 4.62 29.07 -24.81
CA ILE D 113 4.37 28.00 -25.76
C ILE D 113 5.45 28.02 -26.83
N SER D 114 5.68 26.87 -27.45
CA SER D 114 6.70 26.74 -28.48
C SER D 114 6.50 25.43 -29.24
N LYS D 115 7.16 25.36 -30.40
CA LYS D 115 7.07 24.20 -31.28
C LYS D 115 7.66 22.97 -30.62
N ASP D 116 7.10 21.81 -30.97
CA ASP D 116 7.68 20.53 -30.53
C ASP D 116 9.17 20.47 -30.84
N LYS D 117 9.96 20.29 -29.79
CA LYS D 117 11.43 20.14 -29.97
C LYS D 117 11.66 18.75 -30.56
N GLY D 118 12.67 18.59 -31.42
CA GLY D 118 12.96 17.28 -32.01
C GLY D 118 13.53 17.37 -33.41
N GLN D 119 14.00 16.24 -33.97
CA GLN D 119 14.56 16.25 -35.31
C GLN D 119 13.49 15.87 -36.33
N PRO D 120 13.07 16.80 -37.23
CA PRO D 120 12.07 16.47 -38.25
C PRO D 120 12.25 15.18 -39.04
N ARG D 121 11.18 14.68 -39.67
CA ARG D 121 11.22 13.42 -40.42
C ARG D 121 10.24 13.44 -41.58
N GLU D 122 10.51 12.62 -42.58
CA GLU D 122 9.77 12.65 -43.85
C GLU D 122 8.58 11.69 -43.86
N PRO D 123 7.34 12.20 -43.99
CA PRO D 123 6.15 11.33 -43.94
C PRO D 123 6.00 10.43 -45.16
N GLN D 124 6.51 9.19 -45.10
CA GLN D 124 6.34 8.26 -46.23
C GLN D 124 4.86 8.06 -46.54
N VAL D 125 4.33 8.86 -47.46
CA VAL D 125 2.90 8.85 -47.78
C VAL D 125 2.60 7.68 -48.70
N TYR D 126 1.43 7.06 -48.50
CA TYR D 126 0.97 5.95 -49.32
C TYR D 126 -0.54 6.04 -49.51
N THR D 127 -1.03 5.33 -50.53
CA THR D 127 -2.46 5.31 -50.84
C THR D 127 -2.87 3.90 -51.27
N LEU D 128 -3.59 3.18 -50.43
CA LEU D 128 -4.02 1.80 -50.77
C LEU D 128 -5.49 1.84 -51.13
N PRO D 129 -6.04 0.96 -52.00
CA PRO D 129 -7.44 1.06 -52.38
C PRO D 129 -8.34 0.10 -51.62
N PRO D 130 -9.65 0.17 -51.85
CA PRO D 130 -10.61 -0.67 -51.13
C PRO D 130 -10.27 -2.15 -51.25
N SER D 131 -10.41 -2.87 -50.15
CA SER D 131 -10.32 -4.32 -50.24
C SER D 131 -11.52 -4.86 -50.99
N ARG D 132 -11.29 -5.95 -51.73
CA ARG D 132 -12.29 -6.53 -52.62
C ARG D 132 -13.69 -6.59 -52.03
N GLU D 133 -13.82 -7.09 -50.80
CA GLU D 133 -15.16 -7.26 -50.21
C GLU D 133 -15.91 -5.94 -50.08
N GLU D 134 -15.21 -4.83 -49.98
CA GLU D 134 -15.89 -3.56 -49.80
C GLU D 134 -16.56 -3.12 -51.10
N LEU D 135 -16.06 -3.62 -52.24
CA LEU D 135 -16.58 -3.26 -53.56
C LEU D 135 -17.97 -3.85 -53.80
N THR D 136 -18.32 -4.90 -53.05
CA THR D 136 -19.62 -5.56 -53.16
C THR D 136 -20.74 -4.78 -52.51
N LYS D 137 -20.40 -3.78 -51.69
CA LYS D 137 -21.41 -2.96 -51.04
C LYS D 137 -21.93 -1.91 -52.01
N ASN D 138 -22.00 -0.66 -51.53
N ASN D 138 -22.00 -0.66 -51.55
CA ASN D 138 -22.39 0.46 -52.36
CA ASN D 138 -22.31 0.44 -52.46
C ASN D 138 -21.46 1.65 -52.22
C ASN D 138 -21.54 1.71 -52.13
N GLN D 139 -20.61 1.65 -51.19
CA GLN D 139 -19.62 2.72 -51.05
C GLN D 139 -18.32 2.10 -50.57
N VAL D 140 -17.24 2.63 -51.10
CA VAL D 140 -15.90 2.15 -50.85
C VAL D 140 -15.18 3.17 -49.99
N SER D 141 -14.15 2.69 -49.30
CA SER D 141 -13.31 3.51 -48.43
C SER D 141 -11.89 3.48 -48.96
N LEU D 142 -11.39 4.66 -49.29
CA LEU D 142 -10.07 4.87 -49.84
C LEU D 142 -9.14 5.24 -48.70
N THR D 143 -7.98 4.61 -48.67
CA THR D 143 -7.10 4.68 -47.51
C THR D 143 -5.78 5.36 -47.88
N CYS D 144 -5.41 6.40 -47.15
CA CYS D 144 -4.14 7.11 -47.31
C CYS D 144 -3.34 7.04 -46.02
N LEU D 145 -2.12 6.53 -46.10
CA LEU D 145 -1.31 6.17 -44.93
C LEU D 145 -0.09 7.08 -44.84
N VAL D 146 -0.24 8.16 -44.07
CA VAL D 146 0.93 8.98 -43.75
C VAL D 146 1.65 8.32 -42.59
N LYS D 147 2.97 8.19 -42.72
CA LYS D 147 3.68 7.44 -41.69
C LYS D 147 5.10 7.95 -41.49
N GLY D 148 5.58 7.79 -40.25
CA GLY D 148 6.98 7.93 -39.98
C GLY D 148 7.48 9.36 -40.00
N PHE D 149 6.80 10.25 -39.30
CA PHE D 149 7.22 11.64 -39.25
C PHE D 149 7.34 12.11 -37.79
N TYR D 150 7.70 13.39 -37.68
CA TYR D 150 7.91 14.11 -36.41
C TYR D 150 8.29 15.55 -36.76
N PRO D 151 7.47 16.57 -36.37
CA PRO D 151 6.78 16.59 -35.08
C PRO D 151 5.36 15.98 -35.15
N SER D 152 4.42 16.48 -34.33
CA SER D 152 3.06 15.93 -34.35
C SER D 152 2.21 16.59 -35.42
N ASP D 153 2.52 17.84 -35.75
CA ASP D 153 1.66 18.57 -36.67
C ASP D 153 1.79 18.03 -38.08
N ILE D 154 0.67 18.10 -38.79
CA ILE D 154 0.52 17.62 -40.16
C ILE D 154 -0.91 17.90 -40.60
N VAL D 155 -1.13 18.12 -41.90
CA VAL D 155 -2.50 18.32 -42.37
C VAL D 155 -2.74 17.52 -43.66
N VAL D 156 -3.72 16.62 -43.60
CA VAL D 156 -4.05 15.69 -44.68
C VAL D 156 -5.43 16.02 -45.20
N GLU D 157 -5.50 16.48 -46.44
CA GLU D 157 -6.78 16.77 -47.08
C GLU D 157 -6.96 15.84 -48.28
N TRP D 158 -8.13 15.91 -48.89
CA TRP D 158 -8.44 15.09 -50.05
C TRP D 158 -9.03 15.97 -51.15
N GLU D 159 -8.80 15.55 -52.39
CA GLU D 159 -9.31 16.25 -53.57
C GLU D 159 -9.81 15.23 -54.58
N SER D 160 -10.98 15.49 -55.15
CA SER D 160 -11.40 14.79 -56.36
C SER D 160 -11.25 15.70 -57.58
N SER D 161 -10.95 15.07 -58.71
CA SER D 161 -10.62 15.84 -59.90
C SER D 161 -9.59 16.91 -59.54
N GLY D 162 -10.04 18.15 -59.45
CA GLY D 162 -9.19 19.23 -59.01
C GLY D 162 -9.76 20.03 -57.86
N GLN D 163 -10.88 19.57 -57.31
CA GLN D 163 -11.57 20.25 -56.23
C GLN D 163 -11.62 19.38 -54.99
N PRO D 164 -11.75 19.97 -53.81
CA PRO D 164 -11.67 19.19 -52.56
C PRO D 164 -12.92 18.36 -52.29
N GLU D 165 -12.70 17.22 -51.64
CA GLU D 165 -13.75 16.35 -51.14
C GLU D 165 -13.93 16.53 -49.63
N ASN D 166 -14.95 15.87 -49.09
CA ASN D 166 -15.26 16.03 -47.68
C ASN D 166 -15.66 14.78 -46.92
N THR D 167 -15.90 13.65 -47.58
CA THR D 167 -16.27 12.43 -46.87
C THR D 167 -15.03 11.69 -46.39
N TYR D 168 -14.20 12.43 -45.62
CA TYR D 168 -13.00 11.84 -45.06
C TYR D 168 -12.89 12.20 -43.58
N LYS D 169 -12.57 11.21 -42.77
CA LYS D 169 -12.35 11.36 -41.33
C LYS D 169 -10.90 10.97 -41.12
N THR D 170 -10.15 11.75 -40.34
CA THR D 170 -8.73 11.41 -40.22
C THR D 170 -8.29 11.14 -38.79
N THR D 171 -7.61 10.02 -38.66
CA THR D 171 -7.11 9.51 -37.39
C THR D 171 -6.08 10.46 -36.78
N PRO D 172 -6.00 10.57 -35.46
CA PRO D 172 -4.93 11.37 -34.83
C PRO D 172 -3.59 10.64 -34.84
N PRO D 173 -2.49 11.38 -34.77
CA PRO D 173 -1.17 10.75 -34.88
C PRO D 173 -0.91 9.79 -33.73
N VAL D 174 -0.35 8.63 -34.06
CA VAL D 174 -0.01 7.64 -33.05
C VAL D 174 1.48 7.36 -33.10
N LEU D 175 2.07 7.16 -31.92
CA LEU D 175 3.51 6.98 -31.81
C LEU D 175 3.91 5.59 -32.28
N ASP D 176 4.71 5.52 -33.34
CA ASP D 176 5.21 4.24 -33.83
C ASP D 176 6.44 3.82 -33.01
N SER D 177 6.92 2.60 -33.29
CA SER D 177 8.04 2.04 -32.53
C SER D 177 9.24 2.97 -32.53
N ASP D 178 9.60 3.48 -33.70
CA ASP D 178 10.81 4.29 -33.88
C ASP D 178 10.57 5.77 -33.58
N GLY D 179 9.96 6.06 -32.43
CA GLY D 179 9.75 7.41 -31.96
C GLY D 179 9.27 8.40 -33.01
N SER D 180 8.40 7.93 -33.90
CA SER D 180 7.91 8.72 -35.02
C SER D 180 6.42 8.48 -35.16
N TYR D 181 5.65 9.55 -35.23
CA TYR D 181 4.22 9.36 -35.39
C TYR D 181 3.84 8.94 -36.81
N PHE D 182 2.57 8.55 -36.94
CA PHE D 182 2.01 8.15 -38.22
C PHE D 182 0.49 8.19 -38.08
N LEU D 183 -0.21 8.71 -39.07
CA LEU D 183 -1.66 8.71 -38.98
C LEU D 183 -2.25 8.03 -40.20
N TYR D 184 -3.56 8.18 -40.34
CA TYR D 184 -4.27 7.53 -41.44
C TYR D 184 -5.34 8.49 -41.92
N SER D 185 -5.92 8.15 -43.07
CA SER D 185 -7.09 8.90 -43.53
C SER D 185 -7.94 8.03 -44.42
N LYS D 186 -9.22 7.98 -44.12
CA LYS D 186 -10.19 7.24 -44.92
C LYS D 186 -11.15 8.21 -45.59
N LEU D 187 -11.51 7.89 -46.82
CA LEU D 187 -12.47 8.69 -47.57
C LEU D 187 -13.50 7.75 -48.17
N THR D 188 -14.77 7.97 -47.90
CA THR D 188 -15.80 7.10 -48.48
C THR D 188 -16.43 7.74 -49.71
N VAL D 189 -16.55 6.93 -50.75
CA VAL D 189 -17.10 7.31 -52.05
C VAL D 189 -18.00 6.20 -52.55
N ASP D 190 -19.02 6.58 -53.31
CA ASP D 190 -19.87 5.56 -53.88
C ASP D 190 -19.08 4.74 -54.88
N LYS D 191 -19.28 3.42 -54.85
CA LYS D 191 -18.46 2.57 -55.71
C LYS D 191 -18.69 2.88 -57.18
N SER D 192 -19.83 3.46 -57.54
CA SER D 192 -20.01 3.93 -58.91
C SER D 192 -18.94 4.94 -59.28
N ARG D 193 -18.92 6.08 -58.57
CA ARG D 193 -17.94 7.13 -58.85
C ARG D 193 -16.51 6.61 -58.93
N TRP D 194 -16.21 5.50 -58.25
CA TRP D 194 -14.87 4.92 -58.29
C TRP D 194 -14.74 3.97 -59.47
N GLN D 195 -15.40 2.81 -59.39
CA GLN D 195 -15.37 1.76 -60.40
C GLN D 195 -15.63 2.28 -61.82
N GLN D 196 -16.23 3.47 -61.96
CA GLN D 196 -16.50 4.10 -63.24
C GLN D 196 -15.37 5.02 -63.71
N GLY D 197 -14.23 4.99 -63.03
CA GLY D 197 -13.13 5.85 -63.44
C GLY D 197 -13.26 7.25 -62.87
N ASN D 198 -12.40 7.55 -61.91
CA ASN D 198 -12.28 8.82 -61.22
C ASN D 198 -11.02 8.68 -60.39
N VAL D 199 -10.20 9.73 -60.31
CA VAL D 199 -8.92 9.64 -59.60
C VAL D 199 -8.92 10.62 -58.44
N PHE D 200 -8.45 10.13 -57.30
CA PHE D 200 -8.50 10.88 -56.05
C PHE D 200 -7.09 11.20 -55.58
N SER D 201 -6.99 12.25 -54.76
CA SER D 201 -5.71 12.76 -54.32
C SER D 201 -5.71 12.96 -52.81
N CYS D 202 -4.74 12.35 -52.14
CA CYS D 202 -4.45 12.59 -50.73
C CYS D 202 -3.26 13.56 -50.65
N SER D 203 -3.47 14.71 -50.02
CA SER D 203 -2.48 15.78 -50.05
C SER D 203 -2.04 16.12 -48.63
N VAL D 204 -0.75 15.93 -48.37
CA VAL D 204 -0.18 16.04 -47.03
C VAL D 204 0.72 17.25 -46.99
N MET D 205 0.62 17.98 -45.89
CA MET D 205 1.47 19.13 -45.59
C MET D 205 2.18 18.87 -44.29
N HIS D 206 3.52 18.95 -44.34
CA HIS D 206 4.35 18.76 -43.17
C HIS D 206 5.37 19.90 -43.12
N GLU D 207 6.63 19.54 -42.95
CA GLU D 207 7.77 20.43 -42.73
C GLU D 207 9.06 19.72 -43.00
N ALA D 208 8.95 18.48 -43.32
CA ALA D 208 10.09 17.74 -43.81
C ALA D 208 9.73 17.16 -45.16
N LEU D 209 8.96 17.91 -45.94
CA LEU D 209 8.42 17.48 -47.22
C LEU D 209 8.96 18.40 -48.31
N HIS D 210 9.03 17.91 -49.55
CA HIS D 210 9.52 18.79 -50.58
C HIS D 210 8.59 20.01 -50.70
N ASN D 211 9.11 21.14 -50.23
CA ASN D 211 8.42 22.44 -50.19
C ASN D 211 7.18 22.40 -49.29
N HIS D 212 7.24 21.65 -48.18
CA HIS D 212 6.14 21.52 -47.22
C HIS D 212 4.89 20.91 -47.86
N TYR D 213 5.05 20.02 -48.84
CA TYR D 213 3.89 19.50 -49.55
C TYR D 213 4.19 18.26 -50.37
N THR D 214 3.50 17.15 -50.11
CA THR D 214 3.48 16.04 -51.05
C THR D 214 2.03 15.72 -51.37
N GLN D 215 1.83 14.95 -52.44
CA GLN D 215 0.47 14.68 -52.91
C GLN D 215 0.45 13.37 -53.70
N LYS D 216 -0.08 12.32 -53.07
CA LYS D 216 -0.24 11.08 -53.80
C LYS D 216 -1.67 10.98 -54.33
N SER D 217 -1.86 10.08 -55.30
CA SER D 217 -3.16 9.91 -55.93
C SER D 217 -3.38 8.44 -56.24
N LEU D 218 -4.63 8.11 -56.57
CA LEU D 218 -4.98 6.71 -56.79
C LEU D 218 -6.29 6.59 -57.54
N SER D 219 -6.46 5.43 -58.18
CA SER D 219 -7.72 4.96 -58.75
C SER D 219 -7.63 3.48 -59.04
N VAL D 220 -8.02 3.07 -60.24
CA VAL D 220 -8.06 1.65 -60.58
C VAL D 220 -7.52 1.43 -61.98
N PRO E 9 1.59 16.31 2.38
CA PRO E 9 0.97 17.51 2.95
C PRO E 9 0.42 18.44 1.88
N GLU E 10 -0.03 17.86 0.78
CA GLU E 10 -0.69 18.65 -0.27
C GLU E 10 -2.02 19.14 0.28
N LEU E 11 -2.43 20.35 -0.12
CA LEU E 11 -3.51 21.06 0.59
C LEU E 11 -4.77 20.21 0.77
N LEU E 12 -5.23 19.57 -0.31
CA LEU E 12 -6.44 18.75 -0.29
C LEU E 12 -7.72 19.55 -0.03
N GLY E 13 -8.79 18.83 0.32
CA GLY E 13 -10.13 19.37 0.41
C GLY E 13 -11.19 18.39 -0.05
N GLY E 14 -10.95 17.10 0.17
CA GLY E 14 -11.86 16.06 -0.26
C GLY E 14 -11.24 15.08 -1.24
N PRO E 15 -11.46 13.78 -1.01
CA PRO E 15 -10.92 12.78 -1.93
C PRO E 15 -11.85 12.53 -3.10
N SER E 16 -11.27 12.29 -4.26
CA SER E 16 -12.04 12.00 -5.47
C SER E 16 -11.96 10.52 -5.80
N VAL E 17 -12.90 10.04 -6.61
CA VAL E 17 -12.98 8.62 -6.94
C VAL E 17 -13.25 8.46 -8.42
N PHE E 18 -12.68 7.43 -9.02
CA PHE E 18 -12.84 7.15 -10.43
C PHE E 18 -13.13 5.68 -10.63
N LEU E 19 -14.22 5.38 -11.32
CA LEU E 19 -14.64 3.98 -11.55
C LEU E 19 -14.36 3.65 -13.02
N PHE E 20 -13.89 2.44 -13.30
CA PHE E 20 -13.48 2.07 -14.65
C PHE E 20 -14.10 0.74 -15.07
N PRO E 21 -14.53 0.66 -16.32
CA PRO E 21 -15.18 -0.56 -16.81
C PRO E 21 -14.18 -1.68 -16.98
N PRO E 22 -14.64 -2.92 -17.12
CA PRO E 22 -13.70 -4.04 -17.35
C PRO E 22 -12.94 -3.85 -18.65
N LYS E 23 -11.71 -4.35 -18.67
CA LYS E 23 -10.90 -4.26 -19.88
C LYS E 23 -11.50 -5.10 -20.99
N PRO E 24 -11.80 -4.50 -22.16
CA PRO E 24 -12.46 -5.22 -23.26
C PRO E 24 -12.04 -6.65 -23.57
N LYS E 25 -10.74 -6.94 -23.74
CA LYS E 25 -10.34 -8.29 -24.13
C LYS E 25 -10.95 -9.33 -23.19
N ASP E 26 -10.98 -9.01 -21.90
CA ASP E 26 -11.43 -9.96 -20.90
C ASP E 26 -12.95 -10.10 -20.88
N THR E 27 -13.71 -9.08 -21.29
CA THR E 27 -15.17 -9.13 -21.19
C THR E 27 -15.83 -9.70 -22.45
N LEU E 28 -15.09 -10.44 -23.26
CA LEU E 28 -15.64 -10.94 -24.51
C LEU E 28 -15.37 -12.39 -24.79
N MET E 29 -14.26 -12.94 -24.31
CA MET E 29 -14.03 -14.39 -24.38
C MET E 29 -14.15 -14.92 -22.96
N ILE E 30 -14.96 -15.95 -22.79
CA ILE E 30 -15.41 -16.37 -21.45
C ILE E 30 -14.42 -17.40 -20.93
N SER E 31 -13.42 -16.89 -20.22
CA SER E 31 -12.32 -17.61 -19.58
C SER E 31 -11.52 -16.55 -18.85
N ARG E 32 -11.42 -15.42 -19.52
CA ARG E 32 -10.91 -14.20 -18.93
C ARG E 32 -11.97 -13.68 -17.96
N THR E 33 -11.52 -13.07 -16.87
CA THR E 33 -12.42 -12.69 -15.78
C THR E 33 -12.66 -11.19 -15.75
N PRO E 34 -13.77 -10.70 -16.27
CA PRO E 34 -14.04 -9.25 -16.24
C PRO E 34 -14.13 -8.74 -14.81
N GLU E 35 -13.90 -7.43 -14.66
CA GLU E 35 -14.06 -6.79 -13.37
C GLU E 35 -14.09 -5.27 -13.47
N VAL E 36 -15.02 -4.67 -12.76
CA VAL E 36 -15.14 -3.21 -12.68
C VAL E 36 -14.27 -2.76 -11.50
N THR E 37 -13.60 -1.61 -11.61
CA THR E 37 -12.75 -1.22 -10.47
C THR E 37 -13.00 0.22 -10.03
N CYS E 38 -12.90 0.43 -8.71
CA CYS E 38 -13.08 1.74 -8.07
C CYS E 38 -11.72 2.19 -7.57
N VAL E 39 -11.18 3.27 -8.13
CA VAL E 39 -9.88 3.79 -7.77
C VAL E 39 -10.15 5.10 -7.02
N VAL E 40 -10.03 5.05 -5.70
CA VAL E 40 -10.14 6.21 -4.82
C VAL E 40 -8.75 6.82 -4.68
N VAL E 41 -8.70 8.15 -4.82
CA VAL E 41 -7.45 8.92 -4.75
C VAL E 41 -7.63 10.13 -3.85
N ASP E 42 -6.49 10.68 -3.43
CA ASP E 42 -6.37 11.82 -2.53
C ASP E 42 -6.91 11.53 -1.13
N VAL E 43 -6.96 10.25 -0.75
CA VAL E 43 -7.28 9.87 0.62
C VAL E 43 -6.26 10.47 1.57
N SER E 44 -6.75 11.16 2.59
CA SER E 44 -5.91 12.00 3.46
C SER E 44 -4.98 11.15 4.33
N GLN E 45 -4.33 11.83 5.27
CA GLN E 45 -3.62 11.22 6.38
C GLN E 45 -4.33 11.47 7.71
N GLU E 46 -4.88 12.67 7.90
CA GLU E 46 -5.97 12.86 8.88
C GLU E 46 -7.21 12.07 8.48
N ASP E 47 -7.80 11.38 9.46
CA ASP E 47 -8.97 10.49 9.32
C ASP E 47 -9.08 9.84 7.95
N PRO E 48 -8.26 8.81 7.66
CA PRO E 48 -8.25 8.24 6.30
C PRO E 48 -8.60 6.75 6.27
N ASP E 49 -9.88 6.40 6.16
CA ASP E 49 -10.30 5.00 6.15
C ASP E 49 -11.13 4.65 4.91
N VAL E 50 -11.50 3.37 4.83
CA VAL E 50 -12.04 2.71 3.61
C VAL E 50 -13.54 2.96 3.51
N LYS E 51 -14.35 1.93 3.76
CA LYS E 51 -15.78 1.76 3.46
C LYS E 51 -16.18 1.80 1.98
N PHE E 52 -16.43 0.61 1.41
CA PHE E 52 -16.69 0.36 -0.02
C PHE E 52 -17.98 -0.46 -0.17
N ASN E 53 -19.01 0.10 -0.79
CA ASN E 53 -20.27 -0.64 -0.98
C ASN E 53 -20.54 -0.80 -2.47
N TRP E 54 -20.61 -2.05 -2.94
CA TRP E 54 -20.80 -2.36 -4.35
C TRP E 54 -22.21 -2.85 -4.63
N TYR E 55 -22.83 -2.31 -5.69
CA TYR E 55 -24.21 -2.56 -6.06
C TYR E 55 -24.28 -2.86 -7.54
N VAL E 56 -24.89 -3.98 -7.92
CA VAL E 56 -25.16 -4.18 -9.34
C VAL E 56 -26.28 -3.21 -9.71
N ASN E 57 -27.51 -3.57 -9.37
CA ASN E 57 -28.59 -2.59 -9.32
C ASN E 57 -28.97 -2.30 -7.88
N GLY E 58 -28.61 -3.22 -6.98
CA GLY E 58 -28.59 -3.11 -5.54
C GLY E 58 -28.14 -4.47 -5.04
N ALA E 59 -26.98 -4.57 -4.39
CA ALA E 59 -26.41 -5.89 -4.08
C ALA E 59 -25.39 -5.75 -2.94
N GLU E 60 -24.51 -6.76 -2.79
CA GLU E 60 -23.55 -6.89 -1.70
C GLU E 60 -22.12 -7.07 -2.21
N VAL E 61 -21.17 -6.66 -1.36
CA VAL E 61 -19.73 -6.64 -1.61
C VAL E 61 -19.13 -8.02 -1.30
N HIS E 62 -19.62 -9.07 -1.96
CA HIS E 62 -19.13 -10.40 -1.59
C HIS E 62 -17.79 -10.77 -2.24
N HIS E 63 -17.38 -10.15 -3.35
CA HIS E 63 -16.06 -10.48 -3.84
C HIS E 63 -15.10 -9.33 -3.53
N ALA E 64 -15.11 -8.29 -4.37
CA ALA E 64 -14.45 -7.01 -4.14
C ALA E 64 -13.08 -7.11 -3.46
N GLN E 65 -12.97 -6.60 -2.23
CA GLN E 65 -11.74 -6.58 -1.42
C GLN E 65 -10.78 -5.53 -1.99
N THR E 66 -9.94 -4.93 -1.16
CA THR E 66 -9.22 -3.72 -1.60
C THR E 66 -7.70 -3.82 -1.56
N LYS E 67 -7.13 -4.81 -2.25
CA LYS E 67 -5.73 -5.02 -2.61
C LYS E 67 -4.74 -4.48 -1.56
N PRO E 68 -4.43 -3.18 -1.42
CA PRO E 68 -3.53 -2.71 -0.38
C PRO E 68 -3.80 -1.25 -0.03
N ARG E 69 -2.75 -0.43 0.04
CA ARG E 69 -2.98 1.02 0.20
C ARG E 69 -1.71 1.85 -0.06
N GLU E 70 -1.00 1.56 -1.16
CA GLU E 70 0.24 2.25 -1.60
C GLU E 70 0.59 3.51 -0.83
N THR E 71 0.25 4.65 -1.45
CA THR E 71 0.25 6.04 -0.97
C THR E 71 1.10 6.85 -1.92
N GLN E 72 2.12 6.20 -2.49
CA GLN E 72 2.89 6.69 -3.63
C GLN E 72 3.44 8.09 -3.41
N TYR E 73 4.20 8.59 -4.38
CA TYR E 73 4.75 9.92 -4.27
C TYR E 73 3.64 10.94 -4.52
N ASN E 74 3.52 11.90 -3.59
CA ASN E 74 2.66 13.09 -3.56
C ASN E 74 1.76 13.07 -2.33
N SER E 75 2.07 12.18 -1.39
CA SER E 75 1.59 12.26 0.01
C SER E 75 0.08 12.03 0.13
N THR E 76 -0.42 11.03 -0.58
CA THR E 76 -1.84 10.67 -0.54
C THR E 76 -1.95 9.18 -0.78
N TYR E 77 -2.42 8.42 0.21
CA TYR E 77 -2.71 7.01 -0.05
C TYR E 77 -3.75 6.91 -1.17
N ARG E 78 -3.78 5.76 -1.84
CA ARG E 78 -4.73 5.58 -2.94
C ARG E 78 -5.34 4.21 -2.78
N VAL E 79 -6.64 4.16 -2.52
CA VAL E 79 -7.33 2.89 -2.27
C VAL E 79 -7.94 2.43 -3.59
N VAL E 80 -8.13 1.13 -3.72
CA VAL E 80 -8.64 0.51 -4.94
C VAL E 80 -9.62 -0.58 -4.52
N SER E 81 -10.53 -0.94 -5.45
CA SER E 81 -11.41 -2.08 -5.24
C SER E 81 -11.95 -2.63 -6.55
N VAL E 82 -11.49 -3.81 -6.93
CA VAL E 82 -12.03 -4.46 -8.12
C VAL E 82 -13.36 -5.10 -7.76
N LEU E 83 -14.10 -5.55 -8.77
CA LEU E 83 -15.45 -6.05 -8.55
C LEU E 83 -15.67 -7.10 -9.64
N THR E 84 -15.17 -8.31 -9.41
CA THR E 84 -15.22 -9.31 -10.46
C THR E 84 -16.66 -9.57 -10.84
N VAL E 85 -16.90 -9.70 -12.14
CA VAL E 85 -18.27 -9.80 -12.62
C VAL E 85 -18.35 -10.76 -13.80
N THR E 86 -19.55 -11.28 -14.01
CA THR E 86 -19.91 -12.14 -15.12
C THR E 86 -19.96 -11.34 -16.43
N HIS E 87 -19.94 -12.07 -17.55
CA HIS E 87 -20.02 -11.44 -18.86
C HIS E 87 -21.43 -10.96 -19.20
N GLN E 88 -22.26 -11.85 -19.77
CA GLN E 88 -23.57 -11.45 -20.25
C GLN E 88 -24.47 -11.04 -19.08
N ASP E 89 -24.04 -9.98 -18.39
CA ASP E 89 -24.87 -9.27 -17.43
C ASP E 89 -24.25 -7.88 -17.28
N TRP E 90 -22.94 -7.79 -17.47
CA TRP E 90 -22.35 -6.49 -17.73
C TRP E 90 -22.58 -6.08 -19.17
N LEU E 91 -22.45 -7.05 -20.07
CA LEU E 91 -22.73 -6.89 -21.49
C LEU E 91 -24.19 -6.55 -21.73
N ASN E 92 -25.09 -7.07 -20.88
CA ASN E 92 -26.50 -6.75 -21.00
C ASN E 92 -26.83 -5.37 -20.45
N GLY E 93 -25.96 -4.83 -19.60
CA GLY E 93 -26.08 -3.44 -19.16
C GLY E 93 -26.53 -3.24 -17.73
N LYS E 94 -26.03 -4.06 -16.82
CA LYS E 94 -26.31 -3.81 -15.41
C LYS E 94 -25.54 -2.57 -14.95
N GLU E 95 -26.03 -1.93 -13.90
CA GLU E 95 -25.57 -0.57 -13.56
C GLU E 95 -24.18 -0.53 -12.95
N TYR E 96 -24.01 -1.16 -11.79
CA TYR E 96 -22.76 -1.16 -11.01
C TYR E 96 -22.43 0.20 -10.38
N THR E 97 -22.30 0.23 -9.05
CA THR E 97 -22.12 1.46 -8.27
C THR E 97 -21.01 1.24 -7.23
N CYS E 98 -20.38 2.32 -6.78
CA CYS E 98 -19.19 2.29 -5.92
C CYS E 98 -19.47 2.55 -4.43
N LYS E 99 -20.30 3.55 -4.10
CA LYS E 99 -20.57 3.98 -2.73
C LYS E 99 -19.34 3.99 -1.85
N VAL E 100 -18.57 5.08 -1.88
CA VAL E 100 -17.30 5.21 -1.18
C VAL E 100 -17.46 6.28 -0.11
N SER E 101 -17.06 5.98 1.12
CA SER E 101 -17.14 6.96 2.20
C SER E 101 -15.83 7.06 2.96
N ASN E 102 -15.39 8.29 3.19
CA ASN E 102 -14.21 8.58 4.01
C ASN E 102 -14.54 9.78 4.89
N LYS E 103 -14.18 9.71 6.16
CA LYS E 103 -14.62 10.71 7.15
C LYS E 103 -14.34 12.16 6.77
N ALA E 104 -13.52 12.40 5.74
CA ALA E 104 -13.33 13.76 5.24
C ALA E 104 -14.41 14.19 4.27
N LEU E 105 -15.33 13.29 3.92
CA LEU E 105 -16.36 13.61 2.95
C LEU E 105 -17.65 13.95 3.68
N PRO E 106 -18.26 15.11 3.43
CA PRO E 106 -19.52 15.47 4.10
C PRO E 106 -20.61 14.43 3.87
N ALA E 107 -20.43 13.68 2.79
CA ALA E 107 -21.35 12.65 2.37
C ALA E 107 -20.55 11.62 1.61
N PRO E 108 -21.04 10.39 1.52
CA PRO E 108 -20.35 9.40 0.70
C PRO E 108 -20.37 9.80 -0.76
N ILE E 109 -19.27 9.55 -1.45
CA ILE E 109 -19.17 9.87 -2.90
C ILE E 109 -19.40 8.55 -3.64
N GLN E 110 -20.51 8.46 -4.34
CA GLN E 110 -20.89 7.26 -5.07
C GLN E 110 -21.11 7.56 -6.54
N LYS E 111 -20.73 6.59 -7.37
CA LYS E 111 -20.72 6.72 -8.83
C LYS E 111 -21.24 5.43 -9.46
N THR E 112 -22.05 5.57 -10.51
CA THR E 112 -22.51 4.44 -11.33
C THR E 112 -21.74 4.40 -12.65
N ILE E 113 -21.70 3.24 -13.31
CA ILE E 113 -20.96 3.19 -14.58
C ILE E 113 -21.75 2.61 -15.74
N SER E 114 -22.52 1.54 -15.53
CA SER E 114 -23.29 0.86 -16.61
C SER E 114 -22.36 0.56 -17.78
N LYS E 115 -22.75 0.91 -19.01
CA LYS E 115 -21.88 0.72 -20.17
C LYS E 115 -22.13 1.91 -21.10
N ASP E 116 -22.20 1.66 -22.39
CA ASP E 116 -22.50 2.65 -23.41
C ASP E 116 -23.82 2.27 -24.04
N LYS E 117 -24.76 3.20 -24.06
CA LYS E 117 -26.16 2.92 -24.42
C LYS E 117 -26.31 2.95 -25.93
N GLY E 118 -26.01 1.85 -26.57
CA GLY E 118 -26.14 1.92 -28.02
C GLY E 118 -26.27 0.59 -28.71
N GLN E 119 -27.11 0.54 -29.73
CA GLN E 119 -27.21 -0.63 -30.57
C GLN E 119 -25.84 -1.05 -31.08
N PRO E 120 -25.39 -2.29 -30.78
CA PRO E 120 -24.03 -2.74 -31.13
C PRO E 120 -23.49 -2.33 -32.49
N ARG E 121 -24.05 -2.88 -33.58
CA ARG E 121 -23.44 -2.70 -34.90
C ARG E 121 -22.19 -3.57 -35.06
N GLU E 122 -22.28 -4.51 -36.01
CA GLU E 122 -21.22 -5.42 -36.38
C GLU E 122 -20.08 -4.72 -37.10
N PRO E 123 -18.81 -5.02 -36.75
CA PRO E 123 -17.70 -4.34 -37.41
C PRO E 123 -17.37 -4.95 -38.74
N GLN E 124 -17.20 -4.09 -39.70
CA GLN E 124 -16.77 -4.59 -40.98
C GLN E 124 -15.25 -4.60 -41.00
N VAL E 125 -14.68 -5.75 -41.31
CA VAL E 125 -13.24 -5.96 -41.18
C VAL E 125 -12.67 -6.22 -42.57
N TYR E 126 -12.26 -5.15 -43.25
CA TYR E 126 -11.61 -5.29 -44.55
C TYR E 126 -10.10 -5.25 -44.33
N THR E 127 -9.37 -6.17 -44.95
CA THR E 127 -7.92 -6.24 -44.82
C THR E 127 -7.22 -5.75 -46.09
N LEU E 128 -6.15 -4.98 -45.90
CA LEU E 128 -5.43 -4.33 -47.02
C LEU E 128 -3.95 -4.72 -47.06
N PRO E 129 -3.27 -4.51 -48.20
CA PRO E 129 -1.86 -4.88 -48.41
C PRO E 129 -0.93 -3.67 -48.35
N PRO E 130 0.35 -3.81 -48.73
CA PRO E 130 1.20 -2.62 -48.83
C PRO E 130 0.99 -1.84 -50.11
N SER E 131 1.39 -0.57 -50.08
CA SER E 131 1.06 0.38 -51.14
C SER E 131 1.99 0.38 -52.33
N ARG E 132 2.23 -0.79 -52.94
CA ARG E 132 3.14 -0.88 -54.08
C ARG E 132 4.39 -0.06 -53.77
N GLU E 133 4.27 1.25 -53.97
CA GLU E 133 5.34 2.24 -53.68
C GLU E 133 6.10 1.97 -52.38
N GLU E 134 5.64 1.08 -51.49
CA GLU E 134 6.34 0.83 -50.22
C GLU E 134 7.33 -0.35 -50.36
N LEU E 135 7.13 -1.13 -51.42
CA LEU E 135 8.05 -2.26 -51.69
C LEU E 135 9.48 -1.74 -51.93
N THR E 136 9.60 -0.48 -52.37
CA THR E 136 10.93 0.10 -52.51
C THR E 136 11.64 0.48 -51.21
N LYS E 137 11.26 -0.13 -50.09
CA LYS E 137 11.80 0.17 -48.78
C LYS E 137 12.17 -1.11 -48.06
N ASN E 138 12.95 -0.96 -47.01
CA ASN E 138 13.26 -2.06 -46.09
C ASN E 138 12.20 -2.09 -44.99
N GLN E 139 11.51 -3.23 -44.87
CA GLN E 139 10.39 -3.40 -43.94
C GLN E 139 9.17 -2.55 -44.29
N VAL E 140 8.10 -3.24 -44.68
CA VAL E 140 6.84 -2.66 -45.15
C VAL E 140 5.83 -2.75 -44.00
N SER E 141 4.55 -2.53 -44.30
CA SER E 141 3.48 -2.55 -43.30
C SER E 141 2.16 -2.95 -43.95
N LEU E 142 1.49 -3.95 -43.36
CA LEU E 142 0.18 -4.43 -43.78
C LEU E 142 -0.91 -3.74 -42.96
N THR E 143 -2.11 -3.59 -43.53
CA THR E 143 -3.12 -2.74 -42.90
C THR E 143 -4.40 -3.51 -42.60
N CYS E 144 -5.02 -3.20 -41.47
CA CYS E 144 -6.35 -3.75 -41.18
C CYS E 144 -7.31 -2.59 -40.90
N LEU E 145 -8.46 -2.57 -41.60
CA LEU E 145 -9.46 -1.53 -41.37
C LEU E 145 -10.73 -2.19 -40.86
N VAL E 146 -11.10 -1.86 -39.62
CA VAL E 146 -12.35 -2.28 -39.00
C VAL E 146 -13.26 -1.06 -38.94
N LYS E 147 -14.49 -1.23 -39.39
CA LYS E 147 -15.40 -0.10 -39.39
C LYS E 147 -16.81 -0.58 -39.16
N GLY E 148 -17.61 0.31 -38.60
CA GLY E 148 -19.02 -0.01 -38.46
C GLY E 148 -19.33 -0.62 -37.12
N PHE E 149 -19.21 0.15 -36.06
CA PHE E 149 -19.50 -0.43 -34.76
C PHE E 149 -19.72 0.73 -33.80
N TYR E 150 -20.75 0.60 -32.96
CA TYR E 150 -20.99 1.70 -32.03
C TYR E 150 -20.16 1.43 -30.78
N PRO E 151 -20.14 0.18 -30.21
CA PRO E 151 -19.41 0.03 -28.95
C PRO E 151 -17.96 0.29 -29.21
N SER E 152 -17.51 1.47 -28.80
CA SER E 152 -16.13 1.85 -29.03
C SER E 152 -15.17 0.76 -28.56
N ASP E 153 -15.23 0.44 -27.28
CA ASP E 153 -14.30 -0.51 -26.68
C ASP E 153 -14.26 -1.85 -27.41
N ILE E 154 -13.15 -2.10 -28.09
CA ILE E 154 -12.94 -3.19 -29.03
C ILE E 154 -11.52 -3.69 -28.80
N VAL E 155 -11.23 -4.90 -29.28
CA VAL E 155 -9.85 -5.40 -29.18
C VAL E 155 -9.40 -5.93 -30.54
N VAL E 156 -8.12 -5.73 -30.87
CA VAL E 156 -7.54 -6.07 -32.16
C VAL E 156 -6.12 -6.61 -31.96
N GLU E 157 -5.79 -7.70 -32.65
CA GLU E 157 -4.47 -8.31 -32.58
C GLU E 157 -4.15 -8.94 -33.93
N TRP E 158 -2.89 -9.35 -34.10
CA TRP E 158 -2.39 -9.88 -35.35
C TRP E 158 -1.88 -11.29 -35.16
N GLU E 159 -1.61 -11.95 -36.29
CA GLU E 159 -1.26 -13.37 -36.27
C GLU E 159 -0.62 -13.78 -37.58
N SER E 160 0.64 -14.23 -37.53
CA SER E 160 1.35 -14.78 -38.70
C SER E 160 1.39 -16.30 -38.61
N SER E 161 1.00 -16.94 -39.70
CA SER E 161 0.94 -18.38 -39.82
C SER E 161 0.18 -18.94 -38.62
N GLY E 162 0.88 -19.18 -37.52
CA GLY E 162 0.24 -19.77 -36.37
C GLY E 162 0.32 -18.96 -35.10
N GLN E 163 1.53 -18.69 -34.64
CA GLN E 163 1.76 -17.93 -33.42
C GLN E 163 1.48 -16.44 -33.57
N PRO E 164 1.27 -15.73 -32.44
CA PRO E 164 0.94 -14.30 -32.50
C PRO E 164 1.98 -13.44 -33.19
N GLU E 165 1.81 -12.12 -33.08
CA GLU E 165 2.65 -11.14 -33.76
C GLU E 165 2.74 -9.83 -32.98
N ASN E 166 3.40 -9.88 -31.83
CA ASN E 166 3.57 -8.67 -31.02
C ASN E 166 4.59 -7.75 -31.68
N THR E 167 4.15 -7.03 -32.71
CA THR E 167 5.02 -6.12 -33.45
C THR E 167 4.28 -5.09 -34.30
N TYR E 168 3.41 -4.29 -33.70
CA TYR E 168 2.56 -3.43 -34.53
C TYR E 168 2.11 -2.23 -33.71
N LYS E 169 1.27 -1.39 -34.34
CA LYS E 169 0.57 -0.34 -33.61
C LYS E 169 -0.86 -0.21 -34.17
N THR E 170 -1.72 0.51 -33.43
CA THR E 170 -3.15 0.58 -33.73
C THR E 170 -3.68 1.98 -33.42
N THR E 171 -4.63 2.41 -34.23
CA THR E 171 -5.24 3.74 -34.12
C THR E 171 -6.24 3.75 -32.96
N PRO E 172 -6.43 4.84 -32.21
CA PRO E 172 -7.55 4.92 -31.28
C PRO E 172 -8.85 5.13 -32.02
N PRO E 173 -9.93 4.31 -31.74
CA PRO E 173 -11.18 4.46 -32.50
C PRO E 173 -11.59 5.91 -32.78
N VAL E 174 -11.96 6.19 -34.03
CA VAL E 174 -12.40 7.52 -34.44
C VAL E 174 -13.89 7.46 -34.79
N LEU E 175 -14.54 8.61 -34.64
CA LEU E 175 -15.98 8.70 -34.91
C LEU E 175 -16.22 8.96 -36.40
N ASP E 176 -17.09 8.15 -37.01
CA ASP E 176 -17.37 8.29 -38.44
C ASP E 176 -18.51 9.27 -38.66
N SER E 177 -19.18 9.16 -39.82
CA SER E 177 -20.30 10.03 -40.14
C SER E 177 -21.66 9.44 -39.78
N ASP E 178 -21.79 8.12 -39.75
CA ASP E 178 -23.01 7.47 -39.32
C ASP E 178 -23.11 7.33 -37.80
N GLY E 179 -21.96 7.39 -37.11
CA GLY E 179 -21.83 7.07 -35.70
C GLY E 179 -20.95 5.87 -35.44
N SER E 180 -21.04 4.85 -36.31
CA SER E 180 -20.18 3.68 -36.21
C SER E 180 -18.72 4.09 -36.13
N TYR E 181 -18.00 3.50 -35.19
CA TYR E 181 -16.61 3.89 -35.06
C TYR E 181 -15.79 3.12 -36.09
N PHE E 182 -14.58 3.61 -36.37
CA PHE E 182 -13.67 2.98 -37.32
C PHE E 182 -12.24 2.99 -36.77
N LEU E 183 -11.48 2.00 -37.20
CA LEU E 183 -10.11 1.87 -36.71
C LEU E 183 -9.22 1.09 -37.66
N TYR E 184 -7.93 1.43 -37.70
CA TYR E 184 -6.90 0.82 -38.54
C TYR E 184 -5.79 0.30 -37.64
N SER E 185 -5.20 -0.83 -38.03
CA SER E 185 -4.05 -1.38 -37.31
C SER E 185 -2.95 -1.70 -38.29
N LYS E 186 -1.75 -1.17 -38.04
CA LYS E 186 -0.64 -1.31 -38.98
C LYS E 186 0.34 -2.32 -38.40
N LEU E 187 0.54 -3.41 -39.12
CA LEU E 187 1.51 -4.45 -38.78
C LEU E 187 2.76 -4.22 -39.62
N THR E 188 3.80 -3.68 -39.00
CA THR E 188 5.09 -3.50 -39.67
C THR E 188 5.83 -4.82 -39.71
N VAL E 189 6.44 -5.12 -40.86
CA VAL E 189 7.01 -6.45 -41.11
C VAL E 189 8.17 -6.31 -42.09
N ASP E 190 9.04 -7.32 -42.10
CA ASP E 190 10.13 -7.39 -43.07
C ASP E 190 9.60 -7.87 -44.42
N LYS E 191 10.09 -7.25 -45.49
CA LYS E 191 9.59 -7.58 -46.83
C LYS E 191 9.82 -9.05 -47.18
N SER E 192 10.99 -9.58 -46.81
CA SER E 192 11.34 -10.97 -47.11
C SER E 192 10.22 -11.91 -46.69
N ARG E 193 9.65 -11.71 -45.50
CA ARG E 193 8.53 -12.54 -45.07
C ARG E 193 7.29 -12.33 -45.93
N TRP E 194 7.15 -11.15 -46.54
CA TRP E 194 5.98 -10.89 -47.36
C TRP E 194 6.09 -11.55 -48.72
N GLN E 195 7.12 -11.17 -49.50
CA GLN E 195 7.31 -11.78 -50.81
C GLN E 195 7.60 -13.27 -50.72
N GLN E 196 8.11 -13.75 -49.58
CA GLN E 196 8.21 -15.19 -49.38
C GLN E 196 6.84 -15.86 -49.44
N GLY E 197 5.81 -15.15 -49.00
CA GLY E 197 4.45 -15.63 -49.12
C GLY E 197 3.91 -16.30 -47.87
N ASN E 198 3.72 -15.52 -46.82
CA ASN E 198 3.07 -15.99 -45.60
C ASN E 198 1.66 -15.44 -45.54
N VAL E 199 0.78 -16.18 -44.87
CA VAL E 199 -0.60 -15.76 -44.68
C VAL E 199 -0.71 -15.03 -43.34
N PHE E 200 -1.17 -13.79 -43.37
CA PHE E 200 -1.28 -12.96 -42.18
C PHE E 200 -2.75 -12.77 -41.83
N SER E 201 -3.02 -12.43 -40.57
CA SER E 201 -4.41 -12.20 -40.19
C SER E 201 -4.51 -11.11 -39.13
N CYS E 202 -5.49 -10.22 -39.31
CA CYS E 202 -5.90 -9.25 -38.30
C CYS E 202 -7.21 -9.74 -37.70
N SER E 203 -7.19 -10.07 -36.40
CA SER E 203 -8.33 -10.65 -35.72
C SER E 203 -8.77 -9.72 -34.60
N VAL E 204 -10.08 -9.47 -34.51
CA VAL E 204 -10.63 -8.49 -33.59
C VAL E 204 -11.83 -9.09 -32.88
N MET E 205 -12.16 -8.48 -31.74
CA MET E 205 -13.26 -8.96 -30.90
C MET E 205 -14.09 -7.74 -30.54
N HIS E 206 -15.41 -7.87 -30.71
CA HIS E 206 -16.34 -6.78 -30.53
C HIS E 206 -17.67 -7.34 -30.04
N GLU E 207 -18.34 -6.58 -29.18
CA GLU E 207 -19.68 -6.87 -28.65
C GLU E 207 -20.71 -7.42 -29.64
N ALA E 208 -20.34 -7.66 -30.91
CA ALA E 208 -21.34 -7.98 -31.91
C ALA E 208 -20.78 -8.82 -33.06
N LEU E 209 -19.70 -9.56 -32.81
CA LEU E 209 -19.09 -10.42 -33.88
C LEU E 209 -19.59 -11.86 -33.70
N HIS E 210 -20.03 -12.51 -34.78
CA HIS E 210 -20.52 -13.87 -34.63
C HIS E 210 -19.53 -14.69 -33.80
N ASN E 211 -19.98 -15.12 -32.63
CA ASN E 211 -19.12 -15.76 -31.63
C ASN E 211 -17.98 -14.84 -31.20
N HIS E 212 -18.26 -13.54 -31.17
CA HIS E 212 -17.39 -12.50 -30.61
C HIS E 212 -16.02 -12.37 -31.27
N TYR E 213 -15.72 -13.20 -32.27
CA TYR E 213 -14.38 -13.13 -32.85
C TYR E 213 -14.40 -13.58 -34.30
N THR E 214 -13.82 -12.75 -35.18
CA THR E 214 -13.64 -13.08 -36.59
C THR E 214 -12.26 -12.60 -37.02
N GLN E 215 -11.62 -13.37 -37.90
CA GLN E 215 -10.34 -13.01 -38.48
C GLN E 215 -10.42 -13.10 -39.99
N LYS E 216 -9.76 -12.18 -40.68
CA LYS E 216 -9.68 -12.19 -42.13
C LYS E 216 -8.22 -12.13 -42.55
N SER E 217 -7.88 -12.91 -43.58
CA SER E 217 -6.48 -13.15 -43.94
C SER E 217 -6.15 -12.49 -45.26
N LEU E 218 -4.93 -11.95 -45.35
CA LEU E 218 -4.41 -11.37 -46.58
C LEU E 218 -3.14 -12.12 -46.97
N SER E 219 -2.90 -12.24 -48.27
CA SER E 219 -1.69 -12.87 -48.78
C SER E 219 -1.40 -12.28 -50.16
N VAL E 220 -0.41 -12.86 -50.83
CA VAL E 220 -0.03 -12.40 -52.16
C VAL E 220 -0.76 -13.21 -53.23
N GLU F 4 -53.26 34.76 25.76
CA GLU F 4 -53.29 36.20 25.48
C GLU F 4 -52.70 36.96 26.67
N ASP F 5 -52.96 38.27 26.70
CA ASP F 5 -52.45 39.16 27.79
C ASP F 5 -50.93 39.02 27.84
N LEU F 6 -50.42 38.17 28.74
CA LEU F 6 -48.99 37.94 28.81
C LEU F 6 -48.54 37.73 27.36
N PRO F 7 -47.41 38.29 26.91
CA PRO F 7 -47.13 38.32 25.47
C PRO F 7 -46.33 37.10 25.03
N LYS F 8 -46.19 36.97 23.71
CA LYS F 8 -45.43 35.91 23.06
C LYS F 8 -43.94 36.24 23.10
N ALA F 9 -43.13 35.19 23.22
CA ALA F 9 -41.68 35.34 23.11
C ALA F 9 -41.30 35.01 21.68
N VAL F 10 -40.11 35.41 21.22
CA VAL F 10 -39.74 35.12 19.84
C VAL F 10 -38.32 34.53 19.82
N VAL F 11 -38.17 33.41 19.10
CA VAL F 11 -36.89 32.71 18.98
C VAL F 11 -36.09 33.35 17.85
N PHE F 12 -34.80 33.54 18.10
CA PHE F 12 -33.88 34.14 17.14
C PHE F 12 -32.72 33.18 16.90
N LEU F 13 -32.03 33.37 15.79
CA LEU F 13 -30.86 32.58 15.47
C LEU F 13 -29.71 33.49 15.10
N GLU F 14 -28.54 33.24 15.68
CA GLU F 14 -27.37 34.05 15.34
C GLU F 14 -26.96 33.82 13.89
N PRO F 15 -26.64 32.59 13.43
CA PRO F 15 -26.61 32.36 11.99
C PRO F 15 -28.03 32.47 11.47
N GLN F 16 -28.32 33.57 10.76
CA GLN F 16 -29.71 33.87 10.46
C GLN F 16 -30.38 32.74 9.71
N TRP F 17 -29.61 32.00 8.92
CA TRP F 17 -30.19 31.00 8.04
C TRP F 17 -30.82 29.85 8.83
N TYR F 18 -31.94 29.35 8.31
CA TYR F 18 -32.54 28.16 8.88
C TYR F 18 -32.03 26.90 8.23
N ARG F 19 -31.22 27.04 7.19
CA ARG F 19 -30.60 25.93 6.47
C ARG F 19 -29.13 25.91 6.86
N VAL F 20 -28.65 24.78 7.35
CA VAL F 20 -27.26 24.66 7.78
C VAL F 20 -26.74 23.31 7.31
N LEU F 21 -25.45 23.09 7.50
CA LEU F 21 -24.79 21.86 7.10
C LEU F 21 -24.31 21.07 8.31
N GLU F 22 -24.32 19.73 8.20
CA GLU F 22 -24.11 18.81 9.32
C GLU F 22 -22.84 19.08 10.11
N LYS F 23 -22.35 20.31 10.09
CA LYS F 23 -21.31 20.73 11.02
C LYS F 23 -21.28 22.24 11.19
N ASP F 24 -22.40 22.93 11.01
CA ASP F 24 -22.51 24.37 11.22
C ASP F 24 -22.90 24.64 12.67
N SER F 25 -22.31 25.65 13.27
CA SER F 25 -22.57 25.94 14.69
C SER F 25 -23.62 27.05 14.79
N VAL F 26 -24.85 26.69 15.18
CA VAL F 26 -25.94 27.64 15.35
C VAL F 26 -26.13 27.93 16.84
N THR F 27 -26.59 29.14 17.13
CA THR F 27 -26.88 29.57 18.49
C THR F 27 -28.27 30.20 18.50
N LEU F 28 -29.13 29.77 19.42
CA LEU F 28 -30.50 30.28 19.48
C LEU F 28 -30.69 31.26 20.63
N LYS F 29 -31.66 32.15 20.49
CA LYS F 29 -31.92 33.15 21.51
C LYS F 29 -33.42 33.36 21.67
N CYS F 30 -33.79 34.06 22.73
CA CYS F 30 -35.19 34.28 23.10
C CYS F 30 -35.32 35.68 23.66
N GLN F 31 -36.23 36.47 23.11
CA GLN F 31 -36.39 37.86 23.49
C GLN F 31 -37.82 38.13 23.94
N GLY F 32 -37.96 39.17 24.75
CA GLY F 32 -39.23 39.46 25.37
C GLY F 32 -39.25 39.05 26.83
N ALA F 33 -40.41 38.61 27.32
CA ALA F 33 -40.58 38.22 28.71
C ALA F 33 -39.97 39.13 29.75
N TYR F 34 -39.07 38.49 30.51
CA TYR F 34 -38.15 39.07 31.52
C TYR F 34 -38.23 38.53 32.95
N SER F 35 -39.42 38.31 33.50
CA SER F 35 -39.54 37.85 34.88
C SER F 35 -38.42 38.35 35.77
N PRO F 36 -38.54 39.60 36.28
CA PRO F 36 -37.53 40.28 37.08
C PRO F 36 -36.17 39.63 37.36
N GLU F 37 -36.10 38.31 37.61
CA GLU F 37 -34.76 37.74 37.94
C GLU F 37 -34.65 36.23 37.68
N ASP F 38 -35.75 35.47 37.74
CA ASP F 38 -35.63 34.03 37.60
C ASP F 38 -36.01 33.61 36.17
N GLN F 39 -35.03 33.85 35.31
CA GLN F 39 -35.03 33.55 33.89
C GLN F 39 -35.19 32.06 33.65
N SER F 40 -36.37 31.51 33.93
CA SER F 40 -36.58 30.10 33.60
C SER F 40 -36.93 30.02 32.12
N THR F 41 -35.89 29.86 31.30
CA THR F 41 -36.05 30.09 29.87
C THR F 41 -36.98 29.08 29.22
N ARG F 42 -36.73 27.78 29.42
CA ARG F 42 -37.57 26.72 28.82
C ARG F 42 -37.35 26.63 27.32
N TRP F 43 -37.10 25.43 26.83
CA TRP F 43 -36.85 25.29 25.40
C TRP F 43 -37.45 23.98 24.93
N PHE F 44 -38.16 24.03 23.81
CA PHE F 44 -38.86 22.88 23.27
C PHE F 44 -38.39 22.53 21.86
N HIS F 45 -38.34 21.21 21.61
CA HIS F 45 -37.84 20.60 20.37
C HIS F 45 -38.87 19.60 19.87
N ASN F 46 -39.24 19.72 18.58
CA ASN F 46 -40.21 18.85 17.93
C ASN F 46 -41.44 18.66 18.82
N GLU F 47 -41.99 19.80 19.28
CA GLU F 47 -42.97 19.88 20.36
C GLU F 47 -42.68 18.86 21.46
N SER F 48 -41.82 19.24 22.39
CA SER F 48 -41.35 18.43 23.52
C SER F 48 -40.50 19.34 24.38
N LEU F 49 -39.52 18.85 25.14
CA LEU F 49 -38.79 19.76 26.03
C LEU F 49 -37.34 19.36 26.19
N ILE F 50 -36.45 20.37 26.16
CA ILE F 50 -35.04 20.13 26.40
C ILE F 50 -34.62 21.03 27.58
N SER F 51 -33.48 20.72 28.16
CA SER F 51 -33.03 21.35 29.41
C SER F 51 -31.97 22.40 29.12
N SER F 52 -32.37 23.67 29.04
CA SER F 52 -31.40 24.74 28.80
C SER F 52 -31.43 25.80 29.89
N GLN F 53 -32.49 26.61 29.99
CA GLN F 53 -32.70 27.68 30.98
C GLN F 53 -31.88 28.95 30.69
N THR F 54 -30.95 28.93 29.75
CA THR F 54 -30.30 30.15 29.27
C THR F 54 -31.06 30.76 28.09
N SER F 55 -30.85 32.05 27.87
CA SER F 55 -31.42 32.74 26.71
C SER F 55 -30.45 32.71 25.52
N SER F 56 -29.97 31.50 25.24
CA SER F 56 -28.91 31.23 24.26
C SER F 56 -28.62 29.74 24.20
N TYR F 57 -29.25 29.02 23.28
CA TYR F 57 -29.11 27.57 23.25
C TYR F 57 -27.98 27.24 22.28
N PHE F 58 -26.89 26.72 22.86
CA PHE F 58 -25.75 26.20 22.12
C PHE F 58 -26.20 25.19 21.10
N ILE F 59 -25.56 25.20 19.94
CA ILE F 59 -25.56 24.06 19.03
C ILE F 59 -24.25 24.11 18.26
N ALA F 60 -23.28 23.30 18.67
CA ALA F 60 -21.97 23.26 18.02
C ALA F 60 -21.93 22.19 16.92
N ALA F 61 -22.08 20.92 17.31
CA ALA F 61 -22.01 19.80 16.37
C ALA F 61 -23.38 19.60 15.70
N ALA F 62 -23.73 20.53 14.82
CA ALA F 62 -25.00 20.41 14.11
C ALA F 62 -25.11 19.07 13.42
N ARG F 63 -26.21 18.39 13.68
CA ARG F 63 -26.39 17.10 13.05
C ARG F 63 -27.82 16.94 12.57
N VAL F 64 -28.20 15.72 12.21
CA VAL F 64 -29.53 15.46 11.67
C VAL F 64 -30.59 15.82 12.69
N ASN F 65 -30.49 15.22 13.89
CA ASN F 65 -31.49 15.33 14.93
C ASN F 65 -31.60 16.73 15.52
N ASN F 66 -30.75 17.67 15.12
CA ASN F 66 -30.88 19.04 15.56
C ASN F 66 -31.95 19.80 14.79
N SER F 67 -32.42 19.26 13.67
CA SER F 67 -33.39 19.92 12.82
C SER F 67 -34.81 19.73 13.32
N GLY F 68 -35.60 20.78 13.13
CA GLY F 68 -37.03 20.68 13.25
C GLY F 68 -37.73 21.87 13.85
N GLU F 69 -38.55 21.55 14.85
CA GLU F 69 -39.49 22.44 15.53
C GLU F 69 -38.84 23.00 16.78
N TYR F 70 -38.42 24.26 16.77
CA TYR F 70 -37.76 24.83 17.93
C TYR F 70 -38.55 26.02 18.45
N ARG F 71 -38.96 25.96 19.72
CA ARG F 71 -39.59 27.13 20.31
C ARG F 71 -39.16 27.36 21.76
N CYS F 72 -38.95 28.62 22.11
CA CYS F 72 -38.69 28.99 23.50
C CYS F 72 -39.96 29.50 24.17
N GLN F 73 -39.76 30.47 25.04
CA GLN F 73 -40.70 30.97 26.03
C GLN F 73 -39.73 31.40 27.12
N THR F 74 -40.16 32.25 28.03
CA THR F 74 -39.38 32.69 29.18
C THR F 74 -40.32 33.30 30.22
N SER F 75 -40.79 32.51 31.19
CA SER F 75 -41.23 33.05 32.46
C SER F 75 -42.43 34.02 32.38
N LEU F 76 -42.19 35.35 32.31
CA LEU F 76 -43.33 36.25 32.15
C LEU F 76 -43.71 36.45 30.70
N SER F 77 -43.66 35.39 29.90
CA SER F 77 -44.08 35.43 28.52
C SER F 77 -45.14 34.35 28.30
N THR F 78 -46.00 34.49 27.27
CA THR F 78 -46.73 33.29 26.82
C THR F 78 -45.80 32.20 26.34
N LEU F 79 -45.85 31.96 25.04
CA LEU F 79 -44.93 31.03 24.42
C LEU F 79 -44.13 31.76 23.34
N SER F 80 -44.10 31.18 22.16
CA SER F 80 -43.23 31.60 21.06
C SER F 80 -43.62 30.84 19.79
N ASP F 81 -43.95 31.57 18.71
CA ASP F 81 -44.20 30.89 17.44
C ASP F 81 -43.04 29.96 17.10
N PRO F 82 -43.31 28.73 16.69
CA PRO F 82 -42.24 27.79 16.39
C PRO F 82 -41.37 28.30 15.26
N VAL F 83 -40.07 28.02 15.37
CA VAL F 83 -39.09 28.40 14.36
C VAL F 83 -38.58 27.14 13.69
N GLN F 84 -38.36 27.26 12.38
CA GLN F 84 -37.88 26.20 11.52
C GLN F 84 -36.37 26.02 11.66
N LEU F 85 -35.92 24.77 11.56
CA LEU F 85 -34.47 24.58 11.39
C LEU F 85 -34.19 23.31 10.58
N GLU F 86 -33.88 23.48 9.29
CA GLU F 86 -33.46 22.39 8.43
C GLU F 86 -31.93 22.28 8.45
N VAL F 87 -31.41 21.05 8.55
CA VAL F 87 -29.95 20.84 8.58
C VAL F 87 -29.63 19.90 7.44
N HIS F 88 -28.73 20.31 6.54
CA HIS F 88 -28.49 19.54 5.32
C HIS F 88 -27.09 18.93 5.29
N ILE F 89 -27.00 17.80 4.61
CA ILE F 89 -25.79 17.00 4.52
C ILE F 89 -25.29 17.03 3.08
N GLY F 90 -24.46 18.02 2.76
CA GLY F 90 -23.96 18.14 1.42
C GLY F 90 -22.66 18.91 1.37
N TRP F 91 -22.25 19.25 0.15
CA TRP F 91 -21.00 19.97 -0.03
C TRP F 91 -21.16 21.48 -0.05
N LEU F 92 -22.29 21.95 -0.55
CA LEU F 92 -22.52 23.41 -0.55
C LEU F 92 -24.01 23.65 -0.29
N LEU F 93 -24.33 24.84 0.17
CA LEU F 93 -25.73 25.16 0.41
C LEU F 93 -25.96 26.65 0.23
N LEU F 94 -27.00 27.01 -0.49
CA LEU F 94 -27.35 28.41 -0.72
C LEU F 94 -28.26 28.87 0.42
N GLN F 95 -27.75 29.77 1.25
CA GLN F 95 -28.47 30.29 2.40
C GLN F 95 -29.01 31.68 2.10
N ALA F 96 -30.19 31.98 2.63
CA ALA F 96 -30.79 33.30 2.54
C ALA F 96 -31.64 33.52 3.77
N PRO F 97 -31.97 34.77 4.10
CA PRO F 97 -32.80 35.01 5.29
C PRO F 97 -34.25 34.59 5.10
N ARG F 98 -34.75 34.63 3.87
CA ARG F 98 -36.13 34.26 3.55
C ARG F 98 -36.20 34.07 2.04
N TRP F 99 -37.06 33.16 1.60
CA TRP F 99 -37.11 32.89 0.17
C TRP F 99 -38.41 33.38 -0.44
N VAL F 100 -38.80 34.62 -0.15
CA VAL F 100 -40.03 35.21 -0.66
C VAL F 100 -39.70 36.64 -1.09
N PHE F 101 -39.48 36.83 -2.39
CA PHE F 101 -39.24 38.16 -2.97
C PHE F 101 -39.86 38.16 -4.37
N LYS F 102 -41.08 38.69 -4.50
CA LYS F 102 -41.75 38.76 -5.79
C LYS F 102 -42.36 40.14 -6.01
N GLU F 103 -41.98 41.14 -5.21
CA GLU F 103 -42.55 42.48 -5.36
C GLU F 103 -41.46 43.54 -5.28
N GLU F 104 -41.00 43.85 -4.06
CA GLU F 104 -39.91 44.78 -3.83
C GLU F 104 -39.48 44.76 -2.36
N GLU F 105 -38.22 44.42 -2.10
CA GLU F 105 -37.60 44.44 -0.78
C GLU F 105 -36.08 44.63 -0.91
N SER F 106 -35.30 43.61 -0.51
CA SER F 106 -33.84 43.69 -0.54
C SER F 106 -33.21 42.34 -0.20
N ILE F 107 -32.61 41.67 -1.21
CA ILE F 107 -32.19 40.28 -1.07
C ILE F 107 -30.79 40.21 -0.45
N HIS F 108 -30.45 39.02 0.07
CA HIS F 108 -29.13 38.77 0.66
C HIS F 108 -28.83 37.27 0.61
N LEU F 109 -28.17 36.84 -0.47
CA LEU F 109 -27.75 35.46 -0.64
C LEU F 109 -26.33 35.24 -0.13
N ARG F 110 -26.08 34.01 0.34
CA ARG F 110 -24.77 33.61 0.85
C ARG F 110 -24.55 32.15 0.51
N CYS F 111 -23.46 31.87 -0.17
CA CYS F 111 -23.16 30.51 -0.63
C CYS F 111 -22.24 29.86 0.40
N HIS F 112 -22.81 29.03 1.27
CA HIS F 112 -22.04 28.45 2.37
C HIS F 112 -21.38 27.15 1.94
N SER F 113 -20.12 27.00 2.33
CA SER F 113 -19.32 25.83 2.02
C SER F 113 -19.66 24.64 2.92
N TRP F 114 -18.63 23.97 3.47
CA TRP F 114 -18.83 22.94 4.49
C TRP F 114 -17.63 23.01 5.43
N LYS F 115 -17.89 23.03 6.74
CA LYS F 115 -16.87 23.41 7.72
C LYS F 115 -16.20 24.71 7.30
N ASN F 116 -17.04 25.71 6.98
CA ASN F 116 -16.74 26.85 6.12
C ASN F 116 -15.39 26.77 5.41
N THR F 117 -15.18 25.69 4.65
CA THR F 117 -14.01 25.56 3.78
C THR F 117 -13.99 26.73 2.78
N LEU F 118 -12.80 27.04 2.26
CA LEU F 118 -12.71 28.14 1.32
C LEU F 118 -13.17 27.68 -0.06
N LEU F 119 -13.83 28.57 -0.78
CA LEU F 119 -14.42 28.27 -2.09
C LEU F 119 -13.85 29.23 -3.11
N HIS F 120 -13.03 28.71 -4.02
CA HIS F 120 -12.48 29.49 -5.11
C HIS F 120 -13.44 29.48 -6.29
N LYS F 121 -13.40 30.56 -7.07
CA LYS F 121 -14.20 30.72 -8.29
C LYS F 121 -15.67 30.37 -8.02
N VAL F 122 -16.29 31.22 -7.24
CA VAL F 122 -17.69 31.04 -6.88
C VAL F 122 -18.53 31.73 -7.95
N THR F 123 -19.74 31.23 -8.17
CA THR F 123 -20.69 31.92 -9.03
C THR F 123 -22.10 31.56 -8.61
N TYR F 124 -22.94 32.57 -8.43
CA TYR F 124 -24.35 32.32 -8.21
C TYR F 124 -25.05 32.32 -9.55
N LEU F 125 -26.07 31.48 -9.68
CA LEU F 125 -26.78 31.41 -10.94
C LEU F 125 -28.24 31.78 -10.74
N GLN F 126 -29.01 31.61 -11.81
CA GLN F 126 -30.44 31.91 -11.80
C GLN F 126 -31.04 31.31 -13.06
N ASN F 127 -31.75 30.20 -12.90
CA ASN F 127 -32.42 29.46 -13.98
C ASN F 127 -31.43 28.81 -14.94
N GLY F 128 -30.14 28.77 -14.59
CA GLY F 128 -29.11 28.13 -15.39
C GLY F 128 -28.04 29.09 -15.87
N LYS F 129 -28.37 30.36 -16.03
CA LYS F 129 -27.45 31.37 -16.54
C LYS F 129 -26.90 32.16 -15.36
N GLY F 130 -25.58 32.06 -15.15
CA GLY F 130 -24.92 32.68 -14.02
C GLY F 130 -25.18 34.17 -13.87
N ARG F 131 -25.29 34.64 -12.63
CA ARG F 131 -25.57 36.05 -12.38
C ARG F 131 -24.45 36.80 -11.67
N LYS F 132 -23.53 36.12 -11.00
CA LYS F 132 -22.44 36.79 -10.30
C LYS F 132 -21.26 35.86 -10.15
N TYR F 133 -20.06 36.39 -10.37
CA TYR F 133 -18.83 35.63 -10.19
C TYR F 133 -17.92 36.36 -9.21
N PHE F 134 -17.23 35.59 -8.38
CA PHE F 134 -16.27 36.12 -7.43
C PHE F 134 -15.06 35.19 -7.40
N HIS F 135 -13.85 35.76 -7.39
CA HIS F 135 -12.65 34.94 -7.38
C HIS F 135 -12.65 34.03 -6.17
N GLN F 136 -12.78 34.61 -4.98
CA GLN F 136 -12.96 33.87 -3.74
C GLN F 136 -14.36 34.10 -3.21
N ASN F 137 -14.82 33.14 -2.40
CA ASN F 137 -16.22 33.09 -1.99
C ASN F 137 -16.65 34.42 -1.37
N SER F 138 -17.86 34.85 -1.70
CA SER F 138 -18.42 36.07 -1.16
C SER F 138 -19.94 35.95 -1.16
N ASP F 139 -20.59 37.02 -0.70
CA ASP F 139 -22.04 37.06 -0.54
C ASP F 139 -22.63 38.04 -1.55
N PHE F 140 -23.80 37.68 -2.09
CA PHE F 140 -24.47 38.49 -3.12
C PHE F 140 -25.58 39.27 -2.42
N TYR F 141 -25.56 40.58 -2.55
CA TYR F 141 -26.58 41.40 -1.90
C TYR F 141 -27.36 42.14 -2.98
N ILE F 142 -28.37 41.51 -3.55
CA ILE F 142 -29.24 42.29 -4.45
C ILE F 142 -29.93 43.39 -3.65
N PRO F 143 -29.95 44.63 -4.12
CA PRO F 143 -30.73 45.66 -3.44
C PRO F 143 -32.05 45.94 -4.15
N LYS F 144 -32.87 46.81 -3.57
CA LYS F 144 -34.13 47.21 -4.20
C LYS F 144 -35.00 46.03 -4.58
N ALA F 145 -34.51 45.15 -5.47
CA ALA F 145 -35.16 43.92 -5.89
C ALA F 145 -36.33 44.19 -6.85
N THR F 146 -36.37 43.51 -7.99
CA THR F 146 -37.39 43.77 -9.00
C THR F 146 -38.20 42.49 -9.28
N LEU F 147 -38.79 42.38 -10.47
CA LEU F 147 -39.73 41.29 -10.67
C LEU F 147 -39.09 40.13 -11.44
N LYS F 148 -37.86 40.29 -11.92
CA LYS F 148 -37.17 39.16 -12.54
C LYS F 148 -36.32 38.40 -11.54
N ASP F 149 -36.32 38.79 -10.28
CA ASP F 149 -35.50 38.06 -9.30
C ASP F 149 -36.02 36.63 -9.10
N SER F 150 -37.26 36.34 -9.49
CA SER F 150 -37.79 34.98 -9.39
C SER F 150 -36.97 34.00 -10.21
N GLY F 151 -36.77 32.81 -9.66
CA GLY F 151 -36.14 31.74 -10.40
C GLY F 151 -35.66 30.62 -9.50
N SER F 152 -34.97 29.66 -10.12
CA SER F 152 -34.35 28.54 -9.43
C SER F 152 -32.85 28.81 -9.32
N TYR F 153 -32.38 29.08 -8.11
CA TYR F 153 -31.01 29.50 -7.86
C TYR F 153 -30.18 28.36 -7.30
N PHE F 154 -28.87 28.53 -7.39
CA PHE F 154 -27.86 27.74 -6.68
C PHE F 154 -26.52 28.42 -6.90
N CYS F 155 -25.46 27.83 -6.34
CA CYS F 155 -24.13 28.40 -6.48
C CYS F 155 -23.10 27.31 -6.77
N ARG F 156 -22.24 27.62 -7.74
CA ARG F 156 -21.16 26.76 -8.18
C ARG F 156 -19.87 27.19 -7.49
N GLY F 157 -19.04 26.20 -7.15
CA GLY F 157 -17.76 26.53 -6.56
C GLY F 157 -16.79 25.39 -6.72
N LEU F 158 -15.57 25.66 -6.27
CA LEU F 158 -14.46 24.74 -6.34
C LEU F 158 -13.81 24.71 -4.96
N VAL F 159 -13.77 23.54 -4.33
CA VAL F 159 -13.00 23.40 -3.09
C VAL F 159 -11.62 22.91 -3.53
N GLY F 160 -10.71 23.86 -3.64
CA GLY F 160 -9.40 23.63 -4.19
C GLY F 160 -9.46 23.03 -5.57
N SER F 161 -9.60 21.73 -5.64
CA SER F 161 -9.60 21.03 -6.91
C SER F 161 -10.84 20.17 -7.15
N LYS F 162 -11.73 20.01 -6.17
CA LYS F 162 -12.94 19.26 -6.45
C LYS F 162 -14.07 20.23 -6.74
N ASN F 163 -14.91 19.86 -7.70
CA ASN F 163 -15.87 20.76 -8.36
C ASN F 163 -17.23 20.56 -7.71
N VAL F 164 -17.60 21.46 -6.80
CA VAL F 164 -18.76 21.26 -5.94
C VAL F 164 -19.89 22.22 -6.34
N SER F 165 -21.12 21.76 -6.10
CA SER F 165 -22.32 22.51 -6.44
C SER F 165 -23.32 22.38 -5.32
N SER F 166 -24.26 23.32 -5.28
CA SER F 166 -25.31 23.37 -4.27
C SER F 166 -26.65 22.98 -4.86
N GLU F 167 -27.62 22.78 -3.98
CA GLU F 167 -28.97 22.45 -4.38
C GLU F 167 -29.70 23.75 -4.74
N THR F 168 -30.80 23.61 -5.48
CA THR F 168 -31.48 24.75 -6.10
C THR F 168 -32.57 25.25 -5.15
N VAL F 169 -32.40 26.46 -4.68
CA VAL F 169 -33.43 27.05 -3.84
C VAL F 169 -34.24 27.99 -4.73
N GLN F 170 -35.54 28.06 -4.48
CA GLN F 170 -36.44 28.81 -5.35
C GLN F 170 -36.80 30.16 -4.74
N ILE F 171 -36.53 31.24 -5.47
CA ILE F 171 -36.91 32.58 -5.06
C ILE F 171 -38.14 33.00 -5.84
N THR F 172 -39.22 33.26 -5.11
CA THR F 172 -40.48 33.75 -5.67
C THR F 172 -40.77 35.17 -5.20
C1 NAG G . 6.92 -12.04 5.87
C2 NAG G . 7.19 -13.37 6.59
C3 NAG G . 6.09 -13.66 7.61
C4 NAG G . 5.91 -12.48 8.56
C5 NAG G . 5.70 -11.19 7.77
C6 NAG G . 5.62 -9.95 8.65
C7 NAG G . 8.41 -14.74 4.95
C8 NAG G . 8.34 -15.92 4.03
N2 NAG G . 7.30 -14.47 5.65
O3 NAG G . 6.43 -14.83 8.34
O4 NAG G . 4.77 -12.69 9.40
O5 NAG G . 6.79 -10.98 6.85
O6 NAG G . 6.80 -9.17 8.59
O7 NAG G . 9.41 -14.04 5.05
C1 NAG G . 5.18 -13.16 10.70
C2 NAG G . 4.12 -12.71 11.72
C3 NAG G . 4.51 -13.20 13.10
C4 NAG G . 4.69 -14.71 13.10
C5 NAG G . 5.65 -15.13 11.98
C6 NAG G . 5.74 -16.62 11.81
C7 NAG G . 2.78 -10.64 11.67
C8 NAG G . 1.58 -11.54 11.60
N2 NAG G . 3.97 -11.26 11.71
O3 NAG G . 3.51 -12.81 14.03
O4 NAG G . 5.21 -15.14 14.34
O5 NAG G . 5.24 -14.59 10.72
O6 NAG G . 6.12 -16.99 10.49
O7 NAG G . 2.69 -9.42 11.68
C1 BMA G . 4.16 -15.56 15.24
C2 BMA G . 4.62 -16.86 15.98
C3 BMA G . 3.75 -17.13 17.23
C4 BMA G . 3.53 -15.89 18.04
C5 BMA G . 2.89 -14.85 17.17
C6 BMA G . 2.55 -13.62 17.96
O2 BMA G . 5.96 -16.75 16.42
O3 BMA G . 4.33 -18.08 18.08
O4 BMA G . 2.67 -16.18 19.14
O5 BMA G . 3.85 -14.50 16.16
O6 BMA G . 2.58 -12.53 17.08
C1 MAN G . 3.51 -19.26 18.10
C2 MAN G . 3.62 -19.83 19.51
C3 MAN G . 5.09 -19.98 19.82
C4 MAN G . 5.75 -20.89 18.72
C5 MAN G . 5.44 -20.34 17.31
C6 MAN G . 5.90 -21.25 16.18
O2 MAN G . 3.20 -21.17 19.53
O3 MAN G . 5.28 -20.56 21.10
O4 MAN G . 7.15 -20.95 18.92
O5 MAN G . 4.02 -20.13 17.17
O6 MAN G . 5.83 -22.59 16.64
C1 NAG G . 1.85 -21.38 19.94
C2 NAG G . 1.77 -22.87 19.95
C3 NAG G . 0.33 -23.32 20.10
C4 NAG G . -0.49 -22.33 20.95
C5 NAG G . 0.34 -21.36 21.82
C6 NAG G . 0.70 -21.93 23.19
C7 NAG G . 1.99 -23.16 17.49
C8 NAG G . 2.75 -23.86 16.41
N2 NAG G . 2.36 -23.45 18.75
O3 NAG G . 0.30 -24.61 20.72
O4 NAG G . -1.36 -21.58 20.11
O5 NAG G . 1.57 -20.90 21.22
O6 NAG G . 1.19 -23.25 23.12
O7 NAG G . 1.07 -22.38 17.25
C1 MAN G . 2.32 -11.37 17.88
C2 MAN G . 1.64 -10.37 16.95
C3 MAN G . 2.62 -9.99 15.84
C4 MAN G . 3.93 -9.47 16.46
C5 MAN G . 4.52 -10.54 17.39
C6 MAN G . 5.77 -10.07 18.13
O2 MAN G . 1.38 -9.16 17.63
O3 MAN G . 2.06 -9.03 14.95
O4 MAN G . 4.86 -9.18 15.42
O5 MAN G . 3.53 -10.87 18.39
O6 MAN G . 5.38 -9.55 19.39
C1 NAG G . 0.15 -9.29 18.34
C2 NAG G . 0.17 -8.28 19.50
C3 NAG G . -1.16 -8.27 20.25
C4 NAG G . -2.31 -8.06 19.28
C5 NAG G . -2.25 -9.13 18.18
C6 NAG G . -3.32 -8.97 17.13
C7 NAG G . 1.74 -7.71 21.32
C8 NAG G . 2.87 -8.20 22.16
N2 NAG G . 1.27 -8.58 20.41
O3 NAG G . -1.17 -7.22 21.21
O4 NAG G . -3.56 -8.16 19.95
O5 NAG G . -0.99 -9.04 17.51
O6 NAG G . -3.53 -7.59 16.80
O7 NAG G . 1.26 -6.59 21.45
C1 FUC G . 7.45 -9.12 9.87
C2 FUC G . 8.10 -7.72 10.00
C3 FUC G . 8.24 -7.25 11.47
C4 FUC G . 8.34 -8.45 12.44
C5 FUC G . 7.11 -9.38 12.29
C6 FUC G . 7.41 -10.83 12.64
O2 FUC G . 7.38 -6.74 9.23
O3 FUC G . 9.41 -6.46 11.62
O4 FUC G . 9.55 -9.18 12.23
O5 FUC G . 6.54 -9.37 10.95
C1 NAG H . 13.18 -33.93 19.17
C2 NAG H . 12.70 -32.50 18.95
C3 NAG H . 13.77 -31.53 19.41
C4 NAG H . 13.86 -31.57 20.93
C5 NAG H . 13.79 -33.01 21.47
C6 NAG H . 12.50 -33.31 22.21
C7 NAG H . 11.36 -31.47 17.18
C8 NAG H . 11.15 -31.33 15.71
N2 NAG H . 12.36 -32.26 17.56
O3 NAG H . 13.44 -30.22 18.97
O4 NAG H . 15.07 -30.96 21.37
O5 NAG H . 13.94 -34.01 20.46
O6 NAG H . 12.46 -32.71 23.50
O7 NAG H . 10.65 -30.88 17.99
C1 NAG H . 14.75 -29.62 21.82
C2 NAG H . 15.97 -28.97 22.48
C3 NAG H . 15.64 -27.55 22.96
C4 NAG H . 15.08 -26.73 21.80
C5 NAG H . 13.95 -27.48 21.09
C6 NAG H . 13.49 -26.80 19.82
C7 NAG H . 16.10 -30.19 24.71
C8 NAG H . 14.69 -29.80 25.05
N2 NAG H . 16.61 -29.78 23.53
O3 NAG H . 16.82 -26.95 23.50
O4 NAG H . 14.50 -25.53 22.28
O5 NAG H . 14.33 -28.82 20.72
O6 NAG H . 13.84 -27.55 18.66
O7 NAG H . 16.78 -30.87 25.47
C1 BMA H . 15.45 -24.45 22.39
C2 BMA H . 14.86 -23.24 21.65
C3 BMA H . 15.60 -21.96 22.05
C4 BMA H . 15.72 -21.84 23.57
C5 BMA H . 16.46 -23.07 24.09
C6 BMA H . 16.62 -23.07 25.58
O2 BMA H . 13.50 -23.05 22.00
O3 BMA H . 14.98 -20.80 21.52
O4 BMA H . 16.44 -20.66 23.90
O5 BMA H . 15.67 -24.21 23.77
O6 BMA H . 16.93 -24.41 25.96
C1 MAN H . 15.65 -20.52 20.27
C2 MAN H . 16.03 -19.03 20.27
C3 MAN H . 14.77 -18.20 20.29
C4 MAN H . 13.92 -18.54 19.06
C5 MAN H . 13.59 -20.04 19.04
C6 MAN H . 12.93 -20.48 17.76
O2 MAN H . 16.66 -18.71 19.04
O3 MAN H . 15.05 -16.80 20.33
O4 MAN H . 12.71 -17.79 19.09
O5 MAN H . 14.81 -20.82 19.17
O6 MAN H . 13.97 -20.76 16.82
C1 NAG H . 17.92 -18.09 19.27
C2 NAG H . 18.61 -17.95 17.93
C3 NAG H . 19.96 -17.24 18.07
C4 NAG H . 20.19 -16.69 19.48
C5 NAG H . 18.94 -16.11 20.16
C6 NAG H . 18.69 -14.65 19.82
C7 NAG H . 19.48 -20.26 17.77
C8 NAG H . 19.51 -21.51 16.93
N2 NAG H . 18.76 -19.24 17.28
O3 NAG H . 20.03 -16.19 17.12
O4 NAG H . 20.78 -17.68 20.32
O5 NAG H . 17.74 -16.82 19.82
O6 NAG H . 17.32 -14.32 19.96
O7 NAG H . 20.09 -20.19 18.83
C1 MAN H . 17.06 -24.53 27.39
C2 MAN H . 17.59 -25.94 27.67
C3 MAN H . 16.52 -26.99 27.31
C4 MAN H . 15.16 -26.65 27.96
C5 MAN H . 14.77 -25.21 27.62
C6 MAN H . 13.50 -24.74 28.30
O2 MAN H . 17.84 -26.12 29.06
O3 MAN H . 16.93 -28.30 27.67
O4 MAN H . 14.16 -27.52 27.46
O5 MAN H . 15.83 -24.32 28.03
O6 MAN H . 13.37 -23.35 28.03
C1 NAG H . 19.22 -25.82 29.32
C2 NAG H . 19.31 -25.04 30.62
C3 NAG H . 20.77 -24.73 30.96
C4 NAG H . 21.59 -26.03 30.97
C5 NAG H . 21.40 -26.78 29.66
C6 NAG H . 22.07 -28.14 29.66
C7 NAG H . 17.44 -23.59 31.25
C8 NAG H . 16.77 -22.26 31.06
N2 NAG H . 18.55 -23.79 30.55
O3 NAG H . 20.84 -24.11 32.24
O4 NAG H . 22.97 -25.72 31.15
O5 NAG H . 20.01 -27.01 29.42
O6 NAG H . 21.15 -29.17 29.34
O7 NAG H . 16.98 -24.44 32.02
C1 FUC H . 11.28 -31.88 23.60
C2 FUC H . 10.08 -32.79 24.01
C3 FUC H . 9.05 -32.02 24.87
C4 FUC H . 8.99 -30.53 24.51
C5 FUC H . 10.38 -29.88 24.68
C6 FUC H . 10.66 -28.76 23.69
O2 FUC H . 10.50 -33.99 24.66
O3 FUC H . 7.75 -32.57 24.67
O4 FUC H . 8.52 -30.36 23.18
O5 FUC H . 11.47 -30.84 24.54
C1 NAG I . 41.69 -24.02 -9.72
C2 NAG I . 42.11 -25.02 -8.64
C3 NAG I . 41.14 -24.94 -7.45
C4 NAG I . 40.98 -23.50 -6.98
C5 NAG I . 40.63 -22.60 -8.16
C6 NAG I . 40.57 -21.13 -7.81
C7 NAG I . 42.61 -27.42 -8.54
C8 NAG I . 42.57 -28.72 -9.28
N2 NAG I . 42.13 -26.36 -9.19
O3 NAG I . 41.61 -25.74 -6.38
O4 NAG I . 39.93 -23.42 -6.02
O5 NAG I . 41.64 -22.73 -9.17
O6 NAG I . 40.56 -20.33 -8.98
O7 NAG I . 43.05 -27.33 -7.40
C1 NAG I . 40.46 -23.19 -4.69
C2 NAG I . 39.38 -22.51 -3.85
C3 NAG I . 39.88 -22.22 -2.44
C4 NAG I . 40.42 -23.51 -1.80
C5 NAG I . 41.40 -24.24 -2.72
C6 NAG I . 41.75 -25.61 -2.22
C7 NAG I . 39.34 -20.14 -4.80
C8 NAG I . 40.81 -19.96 -4.49
N2 NAG I . 38.78 -21.33 -4.49
O3 NAG I . 38.80 -21.69 -1.69
O4 NAG I . 41.11 -23.21 -0.60
O5 NAG I . 40.85 -24.41 -4.04
O6 NAG I . 41.25 -25.86 -0.91
O7 NAG I . 38.69 -19.25 -5.33
C1 BMA I . 40.25 -23.00 0.54
C2 BMA I . 40.89 -23.68 1.76
C3 BMA I . 40.35 -23.13 3.10
C4 BMA I . 39.89 -21.63 3.09
C5 BMA I . 39.21 -21.29 1.76
C6 BMA I . 38.82 -19.81 1.59
O2 BMA I . 42.30 -23.52 1.78
O3 BMA I . 41.37 -23.35 4.10
O4 BMA I . 38.96 -21.37 4.13
O5 BMA I . 40.10 -21.62 0.72
O6 BMA I . 37.48 -19.72 1.10
C1 MAN I . 41.10 -24.69 4.65
C2 MAN I . 41.49 -24.59 6.17
C3 MAN I . 42.86 -25.09 6.46
C4 MAN I . 43.00 -26.51 5.97
C5 MAN I . 42.90 -26.53 4.43
C6 MAN I . 42.73 -27.95 3.93
O2 MAN I . 40.63 -25.47 6.95
O3 MAN I . 43.17 -25.03 7.80
O4 MAN I . 44.30 -27.06 6.36
O5 MAN I . 41.80 -25.72 3.90
O6 MAN I . 41.40 -28.38 4.21
C1 NAG J . -17.18 30.62 -17.63
C2 NAG J . -16.25 29.67 -16.89
C3 NAG J . -14.94 29.47 -17.65
C4 NAG J . -15.21 29.07 -19.10
C5 NAG J . -16.16 30.09 -19.74
C6 NAG J . -16.53 29.75 -21.16
C7 NAG J . -16.79 29.91 -14.50
C8 NAG J . -16.37 30.50 -13.20
N2 NAG J . -15.99 30.15 -15.55
O3 NAG J . -14.16 28.48 -17.00
O4 NAG J . -14.00 29.08 -19.85
O5 NAG J . -17.38 30.16 -18.99
O6 NAG J . -17.83 29.19 -21.24
O7 NAG J . -17.83 29.26 -14.63
C1 NAG J . -13.39 27.78 -20.00
C2 NAG J . -12.51 27.85 -21.24
C3 NAG J . -11.84 26.51 -21.49
C4 NAG J . -11.07 26.06 -20.25
C5 NAG J . -11.97 26.12 -19.01
C6 NAG J . -11.22 25.87 -17.73
C7 NAG J . -12.87 29.26 -23.22
C8 NAG J . -11.57 29.92 -22.88
N2 NAG J . -13.27 28.27 -22.41
O3 NAG J . -10.96 26.64 -22.60
O4 NAG J . -10.64 24.71 -20.40
O5 NAG J . -12.59 27.41 -18.87
O6 NAG J . -11.89 24.92 -16.91
O7 NAG J . -13.53 29.59 -24.20
C1 BMA J . -9.35 24.60 -21.03
C2 BMA J . -8.55 23.47 -20.32
C3 BMA J . -7.29 23.12 -21.12
C4 BMA J . -7.63 22.84 -22.58
C5 BMA J . -8.32 24.06 -23.17
C6 BMA J . -8.71 23.81 -24.60
O2 BMA J . -9.32 22.29 -20.22
O3 BMA J . -6.60 22.00 -20.60
O4 BMA J . -6.45 22.55 -23.31
O5 BMA J . -9.54 24.32 -22.42
O6 BMA J . -9.38 24.96 -25.09
C1 MAN J . -5.43 22.43 -19.87
C2 MAN J . -4.33 21.42 -20.15
C3 MAN J . -4.87 20.06 -19.85
C4 MAN J . -5.36 19.99 -18.39
C5 MAN J . -6.31 21.18 -18.06
C6 MAN J . -6.60 21.35 -16.59
O2 MAN J . -3.29 21.57 -19.18
O3 MAN J . -3.91 19.03 -20.10
O4 MAN J . -6.03 18.77 -18.16
O5 MAN J . -5.74 22.43 -18.53
O6 MAN J . -7.15 22.65 -16.41
C1 NAG J . -2.13 22.21 -19.75
C2 NAG J . -1.38 22.79 -18.57
C3 NAG J . -0.18 23.61 -19.06
C4 NAG J . 0.25 23.22 -20.46
C5 NAG J . -0.02 21.74 -20.83
C6 NAG J . 1.00 20.79 -20.26
C7 NAG J . -2.93 24.65 -18.11
C8 NAG J . -3.78 25.33 -17.07
N2 NAG J . -2.25 23.58 -17.71
O3 NAG J . 0.90 23.45 -18.15
O4 NAG J . -0.34 24.07 -21.43
O5 NAG J . -1.32 21.27 -20.40
O6 NAG J . 0.43 19.50 -20.04
O7 NAG J . -2.88 25.07 -19.27
C1 MAN J . -9.56 24.78 -26.50
C2 MAN J . -10.08 26.12 -27.09
C3 MAN J . -11.48 26.37 -26.57
C4 MAN J . -12.39 25.18 -26.90
C5 MAN J . -11.80 23.90 -26.27
C6 MAN J . -12.56 22.65 -26.65
O2 MAN J . -10.24 26.02 -28.50
O3 MAN J . -12.03 27.57 -27.09
O4 MAN J . -13.69 25.41 -26.38
O5 MAN J . -10.46 23.72 -26.75
O6 MAN J . -11.72 21.87 -27.50
C1 NAG J . -9.10 26.59 -29.16
C2 NAG J . -9.06 26.03 -30.59
C3 NAG J . -7.92 26.67 -31.38
C4 NAG J . -8.02 28.18 -31.32
C5 NAG J . -8.06 28.65 -29.87
C6 NAG J . -8.25 30.14 -29.73
C7 NAG J . -10.00 23.77 -30.68
C8 NAG J . -9.69 22.30 -30.67
N2 NAG J . -8.94 24.59 -30.59
O3 NAG J . -7.97 26.22 -32.73
O4 NAG J . -6.91 28.78 -31.98
O5 NAG J . -9.17 28.02 -29.20
O6 NAG J . -9.49 30.46 -29.11
O7 NAG J . -11.15 24.19 -30.76
C1 FUC J . -17.75 27.82 -21.68
C2 FUC J . -19.03 27.54 -22.50
C3 FUC J . -18.79 26.56 -23.66
C4 FUC J . -17.70 25.53 -23.30
C5 FUC J . -16.38 26.26 -22.99
C6 FUC J . -15.47 25.52 -22.02
O2 FUC J . -19.63 28.75 -22.98
O3 FUC J . -20.00 25.82 -23.92
O4 FUC J . -18.11 24.72 -22.20
O5 FUC J . -16.58 27.59 -22.46
C1 NAG K . -1.61 12.14 -5.92
C2 NAG K . -2.51 12.93 -6.85
C3 NAG K . -3.64 12.05 -7.32
C4 NAG K . -3.10 11.00 -8.28
C5 NAG K . -1.82 10.35 -7.73
C6 NAG K . -0.59 10.64 -8.54
C7 NAG K . -2.32 15.24 -6.04
C8 NAG K . -3.01 16.37 -5.35
N2 NAG K . -3.04 14.12 -6.20
O3 NAG K . -4.61 12.84 -7.99
O4 NAG K . -4.08 10.00 -8.53
O5 NAG K . -1.53 10.72 -6.36
O6 NAG K . -0.54 9.84 -9.73
O7 NAG K . -1.16 15.33 -6.44
C1 NAG K . -4.51 10.25 -9.88
C2 NAG K . -5.40 9.12 -10.39
C3 NAG K . -5.83 9.38 -11.82
C4 NAG K . -6.47 10.77 -11.94
C5 NAG K . -5.62 11.86 -11.26
C6 NAG K . -6.35 13.18 -11.15
C7 NAG K . -3.70 7.25 -10.72
C8 NAG K . -2.86 8.12 -11.60
N2 NAG K . -4.84 7.78 -10.21
O3 NAG K . -6.72 8.37 -12.25
O4 NAG K . -6.60 11.14 -13.30
O5 NAG K . -5.24 11.49 -9.93
O6 NAG K . -7.71 13.07 -11.54
O7 NAG K . -3.38 6.10 -10.46
C1 BMA K . -7.85 10.68 -13.85
C2 BMA K . -8.58 11.86 -14.52
C3 BMA K . -9.82 11.33 -15.23
C4 BMA K . -9.50 10.13 -16.14
C5 BMA K . -8.74 9.05 -15.33
C6 BMA K . -8.27 7.87 -16.16
O2 BMA K . -7.75 12.47 -15.50
O3 BMA K . -10.45 12.34 -15.98
O4 BMA K . -10.70 9.57 -16.64
O5 BMA K . -7.57 9.66 -14.79
O6 BMA K . -7.41 7.12 -15.31
C1 MAN K . -11.60 12.80 -15.25
C2 MAN K . -12.83 12.50 -16.08
C3 MAN K . -12.59 13.15 -17.43
C4 MAN K . -12.51 14.68 -17.24
C5 MAN K . -11.40 15.03 -16.22
C6 MAN K . -11.47 16.48 -15.76
O2 MAN K . -13.93 13.20 -15.51
O3 MAN K . -13.59 12.81 -18.38
O4 MAN K . -12.23 15.32 -18.48
O5 MAN K . -11.50 14.20 -15.02
O6 MAN K . -12.67 16.67 -15.01
C1 NAG K . -15.23 12.57 -15.69
C2 NAG K . -16.17 13.50 -14.97
C3 NAG K . -17.62 13.05 -15.15
C4 NAG K . -17.77 11.83 -16.06
C5 NAG K . -16.82 11.80 -17.27
C6 NAG K . -17.41 12.43 -18.51
C7 NAG K . -15.81 12.63 -12.67
C8 NAG K . -15.43 13.01 -11.27
N2 NAG K . -15.84 13.64 -13.56
O3 NAG K . -18.40 14.13 -15.65
O4 NAG K . -17.65 10.62 -15.32
O5 NAG K . -15.58 12.49 -17.02
O6 NAG K . -16.43 12.61 -19.52
O7 NAG K . -16.07 11.47 -12.98
C1 MAN K . -6.55 6.26 -16.08
C2 MAN K . -5.86 5.30 -15.05
C3 MAN K . -4.57 5.90 -14.44
C4 MAN K . -3.73 6.70 -15.44
C5 MAN K . -4.64 7.73 -16.12
C6 MAN K . -3.89 8.62 -17.10
O2 MAN K . -5.50 4.05 -15.62
O3 MAN K . -3.76 4.89 -13.84
O4 MAN K . -2.69 7.38 -14.77
O5 MAN K . -5.63 7.00 -16.86
O6 MAN K . -4.23 8.23 -18.42
C1 NAG K . -6.36 3.06 -15.02
C2 NAG K . -6.67 1.96 -16.04
C3 NAG K . -7.52 0.87 -15.40
C4 NAG K . -6.88 0.36 -14.11
C5 NAG K . -6.58 1.54 -13.18
C6 NAG K . -5.84 1.13 -11.93
C7 NAG K . -6.68 3.13 -18.20
C8 NAG K . -7.52 3.63 -19.33
N2 NAG K . -7.32 2.50 -17.22
O3 NAG K . -7.69 -0.21 -16.32
O4 NAG K . -7.74 -0.56 -13.47
O5 NAG K . -5.74 2.49 -13.86
O6 NAG K . -5.18 -0.12 -12.08
O7 NAG K . -5.46 3.29 -18.18
C1 FUC K . -0.02 10.68 -10.77
C2 FUC K . 1.52 10.60 -10.74
C3 FUC K . 2.14 10.95 -12.12
C4 FUC K . 1.21 11.86 -12.95
C5 FUC K . -0.16 11.18 -13.14
C6 FUC K . -1.32 12.17 -13.29
O2 FUC K . 1.98 9.33 -10.29
O3 FUC K . 3.38 11.63 -11.93
O4 FUC K . 1.07 13.14 -12.33
O5 FUC K . -0.51 10.29 -12.05
C1 NAG L . -37.11 16.23 14.88
C2 NAG L . -36.43 14.85 15.01
C3 NAG L . -35.45 14.61 13.85
C4 NAG L . -36.11 14.89 12.51
C5 NAG L . -36.73 16.28 12.53
C6 NAG L . -37.42 16.62 11.24
C7 NAG L . -35.17 13.62 16.75
C8 NAG L . -34.51 13.72 18.09
N2 NAG L . -35.74 14.74 16.29
O3 NAG L . -35.01 13.26 13.88
O4 NAG L . -35.14 14.87 11.46
O5 NAG L . -37.70 16.36 13.58
O6 NAG L . -38.64 17.30 11.47
O7 NAG L . -35.17 12.58 16.10
C1 NAG L . -35.27 13.73 10.59
C2 NAG L . -34.54 13.98 9.29
C3 NAG L . -34.67 12.78 8.36
C4 NAG L . -34.15 11.52 9.06
C5 NAG L . -34.77 11.36 10.47
C6 NAG L . -34.06 10.31 11.29
C7 NAG L . -35.94 15.70 8.00
C8 NAG L . -37.10 14.78 7.92
N2 NAG L . -34.83 15.27 8.64
O3 NAG L . -33.92 13.05 7.17
O4 NAG L . -34.52 10.34 8.35
O5 NAG L . -34.72 12.59 11.23
O6 NAG L . -33.04 9.65 10.55
O7 NAG L . -36.00 16.82 7.51
C1 BMA L . -33.78 10.11 7.14
C2 BMA L . -33.31 8.63 7.09
C3 BMA L . -32.96 8.16 5.65
C4 BMA L . -33.79 8.82 4.52
C5 BMA L . -33.99 10.32 4.79
C6 BMA L . -34.91 10.97 3.76
O2 BMA L . -34.31 7.74 7.59
O3 BMA L . -33.09 6.74 5.54
O4 BMA L . -33.13 8.67 3.27
O5 BMA L . -34.62 10.44 6.05
O6 BMA L . -34.34 12.22 3.39
C1 FUC L . -38.68 18.41 10.55
C2 FUC L . -39.41 17.91 9.28
C3 FUC L . -40.73 18.58 9.16
C4 FUC L . -40.56 20.07 9.11
C5 FUC L . -40.07 20.54 10.47
C6 FUC L . -39.24 21.82 10.42
O2 FUC L . -39.61 16.48 9.26
O3 FUC L . -41.38 18.15 7.98
O4 FUC L . -39.63 20.40 8.11
O5 FUC L . -39.28 19.53 11.21
C1 NAG M . 43.05 -30.32 -3.19
C2 NAG M . 44.26 -29.81 -3.91
C3 NAG M . 45.48 -30.01 -3.04
C4 NAG M . 45.30 -29.26 -1.73
C5 NAG M . 43.92 -29.48 -1.09
C6 NAG M . 43.57 -28.37 -0.12
C7 NAG M . 44.83 -29.75 -6.28
C8 NAG M . 44.99 -30.53 -7.55
N2 NAG M . 44.45 -30.45 -5.21
O3 NAG M . 46.66 -29.55 -3.70
O4 NAG M . 46.30 -29.69 -0.80
O5 NAG M . 42.83 -29.52 -2.04
O6 NAG M . 44.64 -27.44 0.02
O7 NAG M . 45.04 -28.54 -6.22
C1 NAG N . 14.19 -16.29 9.90
C2 NAG N . 14.95 -15.00 10.29
C3 NAG N . 14.05 -13.76 10.06
C4 NAG N . 13.39 -13.79 8.70
C5 NAG N . 12.70 -15.13 8.48
C6 NAG N . 12.04 -15.27 7.13
C7 NAG N . 15.79 -14.08 12.46
C8 NAG N . 16.19 -14.45 13.86
N2 NAG N . 15.38 -15.09 11.68
O3 NAG N . 14.84 -12.57 10.17
O4 NAG N . 12.42 -12.75 8.59
O5 NAG N . 13.69 -16.16 8.56
O6 NAG N . 10.94 -16.17 7.18
O7 NAG N . 15.85 -12.91 12.07
C1 NAG O . -31.34 10.63 15.49
C2 NAG O . -30.37 9.69 14.85
C3 NAG O . -31.15 8.76 13.95
C4 NAG O . -32.18 7.99 14.75
C5 NAG O . -32.46 8.52 16.17
C6 NAG O . -31.76 7.74 17.26
C7 NAG O . -28.17 9.81 13.75
C8 NAG O . -27.22 10.66 12.98
N2 NAG O . -29.33 10.39 14.10
O3 NAG O . -30.27 7.86 13.26
O4 NAG O . -33.41 7.93 14.03
O5 NAG O . -32.17 9.91 16.40
O6 NAG O . -32.43 6.52 17.54
O7 NAG O . -27.92 8.64 14.04
C1 NAG P . -18.12 21.13 -12.84
C2 NAG P . -18.83 19.94 -13.47
C3 NAG P . -19.65 20.41 -14.67
C4 NAG P . -20.58 21.54 -14.26
C5 NAG P . -19.81 22.64 -13.53
C6 NAG P . -20.70 23.71 -12.95
C7 NAG P . -17.75 17.76 -13.20
C8 NAG P . -16.72 16.81 -13.73
N2 NAG P . -17.89 18.91 -13.87
O3 NAG P . -20.41 19.33 -15.20
O4 NAG P . -21.20 22.10 -15.42
O5 NAG P . -19.07 22.09 -12.42
O6 NAG P . -21.89 23.82 -13.71
O7 NAG P . -18.42 17.50 -12.20
#